data_2QWT
# 
_entry.id   2QWT 
# 
_audit_conform.dict_name       mmcif_pdbx.dic 
_audit_conform.dict_version    5.387 
_audit_conform.dict_location   http://mmcif.pdb.org/dictionaries/ascii/mmcif_pdbx.dic 
# 
loop_
_database_2.database_id 
_database_2.database_code 
_database_2.pdbx_database_accession 
_database_2.pdbx_DOI 
PDB   2QWT         pdb_00002qwt 10.2210/pdb2qwt/pdb 
RCSB  RCSB044143   ?            ?                   
WWPDB D_1000044143 ?            ?                   
# 
loop_
_pdbx_audit_revision_history.ordinal 
_pdbx_audit_revision_history.data_content_type 
_pdbx_audit_revision_history.major_revision 
_pdbx_audit_revision_history.minor_revision 
_pdbx_audit_revision_history.revision_date 
1 'Structure model' 1 0 2007-08-28 
2 'Structure model' 1 1 2011-07-13 
3 'Structure model' 1 2 2017-10-25 
4 'Structure model' 1 3 2018-11-14 
5 'Structure model' 1 4 2020-02-26 
6 'Structure model' 1 5 2021-02-03 
7 'Structure model' 1 6 2021-10-20 
8 'Structure model' 1 7 2024-02-21 
# 
_pdbx_audit_revision_details.ordinal             1 
_pdbx_audit_revision_details.revision_ordinal    1 
_pdbx_audit_revision_details.data_content_type   'Structure model' 
_pdbx_audit_revision_details.provider            repository 
_pdbx_audit_revision_details.type                'Initial release' 
_pdbx_audit_revision_details.description         ? 
_pdbx_audit_revision_details.details             ? 
# 
loop_
_pdbx_audit_revision_group.ordinal 
_pdbx_audit_revision_group.revision_ordinal 
_pdbx_audit_revision_group.data_content_type 
_pdbx_audit_revision_group.group 
1  2 'Structure model' 'Version format compliance' 
2  3 'Structure model' 'Refinement description'    
3  4 'Structure model' 'Data collection'           
4  4 'Structure model' 'Structure summary'         
5  5 'Structure model' 'Database references'       
6  5 'Structure model' 'Derived calculations'      
7  6 'Structure model' 'Database references'       
8  6 'Structure model' 'Structure summary'         
9  7 'Structure model' 'Database references'       
10 8 'Structure model' 'Data collection'           
# 
loop_
_pdbx_audit_revision_category.ordinal 
_pdbx_audit_revision_category.revision_ordinal 
_pdbx_audit_revision_category.data_content_type 
_pdbx_audit_revision_category.category 
1  3 'Structure model' software                  
2  4 'Structure model' audit_author              
3  5 'Structure model' pdbx_struct_assembly      
4  5 'Structure model' pdbx_struct_assembly_gen  
5  5 'Structure model' pdbx_struct_assembly_prop 
6  5 'Structure model' pdbx_struct_oper_list     
7  5 'Structure model' struct_ref_seq_dif        
8  6 'Structure model' audit_author              
9  6 'Structure model' citation_author           
10 7 'Structure model' database_2                
11 7 'Structure model' struct_ref_seq_dif        
12 8 'Structure model' chem_comp_atom            
13 8 'Structure model' chem_comp_bond            
# 
loop_
_pdbx_audit_revision_item.ordinal 
_pdbx_audit_revision_item.revision_ordinal 
_pdbx_audit_revision_item.data_content_type 
_pdbx_audit_revision_item.item 
1 4 'Structure model' '_audit_author.identifier_ORCID'      
2 5 'Structure model' '_struct_ref_seq_dif.details'         
3 6 'Structure model' '_audit_author.identifier_ORCID'      
4 6 'Structure model' '_citation_author.identifier_ORCID'   
5 7 'Structure model' '_database_2.pdbx_DOI'                
6 7 'Structure model' '_database_2.pdbx_database_accession' 
7 7 'Structure model' '_struct_ref_seq_dif.details'         
# 
_pdbx_database_status.entry_id                        2QWT 
_pdbx_database_status.deposit_site                    RCSB 
_pdbx_database_status.process_site                    RCSB 
_pdbx_database_status.recvd_initial_deposition_date   2007-08-10 
_pdbx_database_status.status_code                     REL 
_pdbx_database_status.status_code_sf                  REL 
_pdbx_database_status.status_code_mr                  ? 
_pdbx_database_status.SG_entry                        Y 
_pdbx_database_status.pdb_format_compatible           Y 
_pdbx_database_status.status_code_cs                  ? 
_pdbx_database_status.methods_development_category    ? 
_pdbx_database_status.status_code_nmr_data            ? 
# 
_pdbx_database_related.db_name        TargetDB 
_pdbx_database_related.db_id          NYSGXRC-10398j 
_pdbx_database_related.details        . 
_pdbx_database_related.content_type   unspecified 
# 
loop_
_audit_author.name 
_audit_author.pdbx_ordinal 
_audit_author.identifier_ORCID 
'Bonanno, J.B.'                                                  1  ?                   
'Freeman, J.'                                                    2  ?                   
'Bain, K.T.'                                                     3  ?                   
'Adams, J.'                                                      4  ?                   
'Romero, R.'                                                     5  ?                   
'Smith, D.'                                                      6  ?                   
'Wasserman, S.'                                                  7  ?                   
'Sauder, J.M.'                                                   8  0000-0002-0254-4955 
'Burley, S.K.'                                                   9  0000-0002-2487-9713 
'Almo, S.C.'                                                     10 ?                   
'New York SGX Research Center for Structural Genomics (NYSGXRC)' 11 ?                   
# 
_citation.id                        primary 
_citation.title                     
'Crystal structure of the TetR transcription regulatory protein from Mycobacterium vanbaalenii.' 
_citation.journal_abbrev            'To be Published' 
_citation.journal_volume            ? 
_citation.page_first                ? 
_citation.page_last                 ? 
_citation.year                      ? 
_citation.journal_id_ASTM           ? 
_citation.country                   ? 
_citation.journal_id_ISSN           ? 
_citation.journal_id_CSD            0353 
_citation.book_publisher            ? 
_citation.pdbx_database_id_PubMed   ? 
_citation.pdbx_database_id_DOI      ? 
# 
loop_
_citation_author.citation_id 
_citation_author.name 
_citation_author.ordinal 
_citation_author.identifier_ORCID 
primary 'Bonanno, J.B.' 1  ?                   
primary 'Freeman, J.'   2  ?                   
primary 'Bain, K.T.'    3  ?                   
primary 'Adams, J.'     4  ?                   
primary 'Romero, R.'    5  ?                   
primary 'Smith, D.'     6  ?                   
primary 'Wasserman, S.' 7  ?                   
primary 'Sauder, J.M.'  8  ?                   
primary 'Burley, S.K.'  9  0000-0002-2487-9713 
primary 'Almo, S.C.'    10 ?                   
# 
loop_
_entity.id 
_entity.type 
_entity.src_method 
_entity.pdbx_description 
_entity.formula_weight 
_entity.pdbx_number_of_molecules 
_entity.pdbx_ec 
_entity.pdbx_mutation 
_entity.pdbx_fragment 
_entity.details 
1 polymer man 'Transcriptional regulator, TetR family' 21040.102 1 ? 'I33M, L90M' ? ? 
2 water   nat water                                    18.015    5 ? ?            ? ? 
# 
_entity_poly.entity_id                      1 
_entity_poly.type                           'polypeptide(L)' 
_entity_poly.nstd_linkage                   no 
_entity_poly.nstd_monomer                   no 
_entity_poly.pdbx_seq_one_letter_code       
;MSLTRPLRADAARNRARVLEVAYDTFAAEGLGVPMDEIARRAGVGAGTVYRHFPTKQALVVAVAEDRVRRIVDHARTLLA
AEGPGEALFVFMRDMVRSAAADYGLVDALVGYGLDLEVAAPGAEAAFLATLGELLAAAQRAGTVRADVDVAVIKALLVVC
KVPQVYDGEVSERVVRVIEDGLRVRSSVEGHHHHHH
;
_entity_poly.pdbx_seq_one_letter_code_can   
;MSLTRPLRADAARNRARVLEVAYDTFAAEGLGVPMDEIARRAGVGAGTVYRHFPTKQALVVAVAEDRVRRIVDHARTLLA
AEGPGEALFVFMRDMVRSAAADYGLVDALVGYGLDLEVAAPGAEAAFLATLGELLAAAQRAGTVRADVDVAVIKALLVVC
KVPQVYDGEVSERVVRVIEDGLRVRSSVEGHHHHHH
;
_entity_poly.pdbx_strand_id                 A 
_entity_poly.pdbx_target_identifier         NYSGXRC-10398j 
# 
_pdbx_entity_nonpoly.entity_id   2 
_pdbx_entity_nonpoly.name        water 
_pdbx_entity_nonpoly.comp_id     HOH 
# 
loop_
_entity_poly_seq.entity_id 
_entity_poly_seq.num 
_entity_poly_seq.mon_id 
_entity_poly_seq.hetero 
1 1   MET n 
1 2   SER n 
1 3   LEU n 
1 4   THR n 
1 5   ARG n 
1 6   PRO n 
1 7   LEU n 
1 8   ARG n 
1 9   ALA n 
1 10  ASP n 
1 11  ALA n 
1 12  ALA n 
1 13  ARG n 
1 14  ASN n 
1 15  ARG n 
1 16  ALA n 
1 17  ARG n 
1 18  VAL n 
1 19  LEU n 
1 20  GLU n 
1 21  VAL n 
1 22  ALA n 
1 23  TYR n 
1 24  ASP n 
1 25  THR n 
1 26  PHE n 
1 27  ALA n 
1 28  ALA n 
1 29  GLU n 
1 30  GLY n 
1 31  LEU n 
1 32  GLY n 
1 33  VAL n 
1 34  PRO n 
1 35  MET n 
1 36  ASP n 
1 37  GLU n 
1 38  ILE n 
1 39  ALA n 
1 40  ARG n 
1 41  ARG n 
1 42  ALA n 
1 43  GLY n 
1 44  VAL n 
1 45  GLY n 
1 46  ALA n 
1 47  GLY n 
1 48  THR n 
1 49  VAL n 
1 50  TYR n 
1 51  ARG n 
1 52  HIS n 
1 53  PHE n 
1 54  PRO n 
1 55  THR n 
1 56  LYS n 
1 57  GLN n 
1 58  ALA n 
1 59  LEU n 
1 60  VAL n 
1 61  VAL n 
1 62  ALA n 
1 63  VAL n 
1 64  ALA n 
1 65  GLU n 
1 66  ASP n 
1 67  ARG n 
1 68  VAL n 
1 69  ARG n 
1 70  ARG n 
1 71  ILE n 
1 72  VAL n 
1 73  ASP n 
1 74  HIS n 
1 75  ALA n 
1 76  ARG n 
1 77  THR n 
1 78  LEU n 
1 79  LEU n 
1 80  ALA n 
1 81  ALA n 
1 82  GLU n 
1 83  GLY n 
1 84  PRO n 
1 85  GLY n 
1 86  GLU n 
1 87  ALA n 
1 88  LEU n 
1 89  PHE n 
1 90  VAL n 
1 91  PHE n 
1 92  MET n 
1 93  ARG n 
1 94  ASP n 
1 95  MET n 
1 96  VAL n 
1 97  ARG n 
1 98  SER n 
1 99  ALA n 
1 100 ALA n 
1 101 ALA n 
1 102 ASP n 
1 103 TYR n 
1 104 GLY n 
1 105 LEU n 
1 106 VAL n 
1 107 ASP n 
1 108 ALA n 
1 109 LEU n 
1 110 VAL n 
1 111 GLY n 
1 112 TYR n 
1 113 GLY n 
1 114 LEU n 
1 115 ASP n 
1 116 LEU n 
1 117 GLU n 
1 118 VAL n 
1 119 ALA n 
1 120 ALA n 
1 121 PRO n 
1 122 GLY n 
1 123 ALA n 
1 124 GLU n 
1 125 ALA n 
1 126 ALA n 
1 127 PHE n 
1 128 LEU n 
1 129 ALA n 
1 130 THR n 
1 131 LEU n 
1 132 GLY n 
1 133 GLU n 
1 134 LEU n 
1 135 LEU n 
1 136 ALA n 
1 137 ALA n 
1 138 ALA n 
1 139 GLN n 
1 140 ARG n 
1 141 ALA n 
1 142 GLY n 
1 143 THR n 
1 144 VAL n 
1 145 ARG n 
1 146 ALA n 
1 147 ASP n 
1 148 VAL n 
1 149 ASP n 
1 150 VAL n 
1 151 ALA n 
1 152 VAL n 
1 153 ILE n 
1 154 LYS n 
1 155 ALA n 
1 156 LEU n 
1 157 LEU n 
1 158 VAL n 
1 159 VAL n 
1 160 CYS n 
1 161 LYS n 
1 162 VAL n 
1 163 PRO n 
1 164 GLN n 
1 165 VAL n 
1 166 TYR n 
1 167 ASP n 
1 168 GLY n 
1 169 GLU n 
1 170 VAL n 
1 171 SER n 
1 172 GLU n 
1 173 ARG n 
1 174 VAL n 
1 175 VAL n 
1 176 ARG n 
1 177 VAL n 
1 178 ILE n 
1 179 GLU n 
1 180 ASP n 
1 181 GLY n 
1 182 LEU n 
1 183 ARG n 
1 184 VAL n 
1 185 ARG n 
1 186 SER n 
1 187 SER n 
1 188 VAL n 
1 189 GLU n 
1 190 GLY n 
1 191 HIS n 
1 192 HIS n 
1 193 HIS n 
1 194 HIS n 
1 195 HIS n 
1 196 HIS n 
# 
_entity_src_gen.entity_id                          1 
_entity_src_gen.pdbx_src_id                        1 
_entity_src_gen.pdbx_alt_source_flag               sample 
_entity_src_gen.pdbx_seq_type                      ? 
_entity_src_gen.pdbx_beg_seq_num                   ? 
_entity_src_gen.pdbx_end_seq_num                   ? 
_entity_src_gen.gene_src_common_name               ? 
_entity_src_gen.gene_src_genus                     Mycobacterium 
_entity_src_gen.pdbx_gene_src_gene                 'TetR, Mvan_0763' 
_entity_src_gen.gene_src_species                   'Mycobacterium vanbaalenii' 
_entity_src_gen.gene_src_strain                    'PYR-1, DSM 7251' 
_entity_src_gen.gene_src_tissue                    ? 
_entity_src_gen.gene_src_tissue_fraction           ? 
_entity_src_gen.gene_src_details                   ? 
_entity_src_gen.pdbx_gene_src_fragment             ? 
_entity_src_gen.pdbx_gene_src_scientific_name      'Mycobacterium vanbaalenii PYR-1' 
_entity_src_gen.pdbx_gene_src_ncbi_taxonomy_id     350058 
_entity_src_gen.pdbx_gene_src_variant              ? 
_entity_src_gen.pdbx_gene_src_cell_line            ? 
_entity_src_gen.pdbx_gene_src_atcc                 ? 
_entity_src_gen.pdbx_gene_src_organ                ? 
_entity_src_gen.pdbx_gene_src_organelle            ? 
_entity_src_gen.pdbx_gene_src_cell                 ? 
_entity_src_gen.pdbx_gene_src_cellular_location    ? 
_entity_src_gen.host_org_common_name               ? 
_entity_src_gen.pdbx_host_org_scientific_name      'Escherichia coli BL21(DE3)' 
_entity_src_gen.pdbx_host_org_ncbi_taxonomy_id     469008 
_entity_src_gen.host_org_genus                     Escherichia 
_entity_src_gen.pdbx_host_org_gene                 ? 
_entity_src_gen.pdbx_host_org_organ                ? 
_entity_src_gen.host_org_species                   'Escherichia coli' 
_entity_src_gen.pdbx_host_org_tissue               ? 
_entity_src_gen.pdbx_host_org_tissue_fraction      ? 
_entity_src_gen.pdbx_host_org_strain               'BL21(DE3)' 
_entity_src_gen.pdbx_host_org_variant              ? 
_entity_src_gen.pdbx_host_org_cell_line            ? 
_entity_src_gen.pdbx_host_org_atcc                 ? 
_entity_src_gen.pdbx_host_org_culture_collection   ? 
_entity_src_gen.pdbx_host_org_cell                 ? 
_entity_src_gen.pdbx_host_org_organelle            ? 
_entity_src_gen.pdbx_host_org_cellular_location    ? 
_entity_src_gen.pdbx_host_org_vector_type          Plasmid 
_entity_src_gen.pdbx_host_org_vector               pET 
_entity_src_gen.host_org_details                   ? 
_entity_src_gen.expression_system_id               ? 
_entity_src_gen.plasmid_name                       'Modified pET26' 
_entity_src_gen.plasmid_details                    ? 
_entity_src_gen.pdbx_description                   ? 
# 
loop_
_chem_comp.id 
_chem_comp.type 
_chem_comp.mon_nstd_flag 
_chem_comp.name 
_chem_comp.pdbx_synonyms 
_chem_comp.formula 
_chem_comp.formula_weight 
ALA 'L-peptide linking' y ALANINE         ? 'C3 H7 N O2'     89.093  
ARG 'L-peptide linking' y ARGININE        ? 'C6 H15 N4 O2 1' 175.209 
ASN 'L-peptide linking' y ASPARAGINE      ? 'C4 H8 N2 O3'    132.118 
ASP 'L-peptide linking' y 'ASPARTIC ACID' ? 'C4 H7 N O4'     133.103 
CYS 'L-peptide linking' y CYSTEINE        ? 'C3 H7 N O2 S'   121.158 
GLN 'L-peptide linking' y GLUTAMINE       ? 'C5 H10 N2 O3'   146.144 
GLU 'L-peptide linking' y 'GLUTAMIC ACID' ? 'C5 H9 N O4'     147.129 
GLY 'peptide linking'   y GLYCINE         ? 'C2 H5 N O2'     75.067  
HIS 'L-peptide linking' y HISTIDINE       ? 'C6 H10 N3 O2 1' 156.162 
HOH non-polymer         . WATER           ? 'H2 O'           18.015  
ILE 'L-peptide linking' y ISOLEUCINE      ? 'C6 H13 N O2'    131.173 
LEU 'L-peptide linking' y LEUCINE         ? 'C6 H13 N O2'    131.173 
LYS 'L-peptide linking' y LYSINE          ? 'C6 H15 N2 O2 1' 147.195 
MET 'L-peptide linking' y METHIONINE      ? 'C5 H11 N O2 S'  149.211 
PHE 'L-peptide linking' y PHENYLALANINE   ? 'C9 H11 N O2'    165.189 
PRO 'L-peptide linking' y PROLINE         ? 'C5 H9 N O2'     115.130 
SER 'L-peptide linking' y SERINE          ? 'C3 H7 N O3'     105.093 
THR 'L-peptide linking' y THREONINE       ? 'C4 H9 N O3'     119.119 
TYR 'L-peptide linking' y TYROSINE        ? 'C9 H11 N O3'    181.189 
VAL 'L-peptide linking' y VALINE          ? 'C5 H11 N O2'    117.146 
# 
loop_
_pdbx_poly_seq_scheme.asym_id 
_pdbx_poly_seq_scheme.entity_id 
_pdbx_poly_seq_scheme.seq_id 
_pdbx_poly_seq_scheme.mon_id 
_pdbx_poly_seq_scheme.ndb_seq_num 
_pdbx_poly_seq_scheme.pdb_seq_num 
_pdbx_poly_seq_scheme.auth_seq_num 
_pdbx_poly_seq_scheme.pdb_mon_id 
_pdbx_poly_seq_scheme.auth_mon_id 
_pdbx_poly_seq_scheme.pdb_strand_id 
_pdbx_poly_seq_scheme.pdb_ins_code 
_pdbx_poly_seq_scheme.hetero 
A 1 1   MET 1   -1  ?   ?   ?   A . n 
A 1 2   SER 2   0   ?   ?   ?   A . n 
A 1 3   LEU 3   1   ?   ?   ?   A . n 
A 1 4   THR 4   2   ?   ?   ?   A . n 
A 1 5   ARG 5   3   ?   ?   ?   A . n 
A 1 6   PRO 6   4   4   PRO PRO A . n 
A 1 7   LEU 7   5   5   LEU LEU A . n 
A 1 8   ARG 8   6   6   ARG ARG A . n 
A 1 9   ALA 9   7   7   ALA ALA A . n 
A 1 10  ASP 10  8   8   ASP ASP A . n 
A 1 11  ALA 11  9   9   ALA ALA A . n 
A 1 12  ALA 12  10  10  ALA ALA A . n 
A 1 13  ARG 13  11  11  ARG ARG A . n 
A 1 14  ASN 14  12  12  ASN ASN A . n 
A 1 15  ARG 15  13  13  ARG ARG A . n 
A 1 16  ALA 16  14  14  ALA ALA A . n 
A 1 17  ARG 17  15  15  ARG ARG A . n 
A 1 18  VAL 18  16  16  VAL VAL A . n 
A 1 19  LEU 19  17  17  LEU LEU A . n 
A 1 20  GLU 20  18  18  GLU GLU A . n 
A 1 21  VAL 21  19  19  VAL VAL A . n 
A 1 22  ALA 22  20  20  ALA ALA A . n 
A 1 23  TYR 23  21  21  TYR TYR A . n 
A 1 24  ASP 24  22  22  ASP ASP A . n 
A 1 25  THR 25  23  23  THR THR A . n 
A 1 26  PHE 26  24  24  PHE PHE A . n 
A 1 27  ALA 27  25  25  ALA ALA A . n 
A 1 28  ALA 28  26  26  ALA ALA A . n 
A 1 29  GLU 29  27  27  GLU GLU A . n 
A 1 30  GLY 30  28  28  GLY GLY A . n 
A 1 31  LEU 31  29  29  LEU LEU A . n 
A 1 32  GLY 32  30  30  GLY GLY A . n 
A 1 33  VAL 33  31  31  VAL VAL A . n 
A 1 34  PRO 34  32  32  PRO PRO A . n 
A 1 35  MET 35  33  33  MET MET A . n 
A 1 36  ASP 36  34  34  ASP ASP A . n 
A 1 37  GLU 37  35  35  GLU GLU A . n 
A 1 38  ILE 38  36  36  ILE ILE A . n 
A 1 39  ALA 39  37  37  ALA ALA A . n 
A 1 40  ARG 40  38  38  ARG ARG A . n 
A 1 41  ARG 41  39  39  ARG ARG A . n 
A 1 42  ALA 42  40  40  ALA ALA A . n 
A 1 43  GLY 43  41  41  GLY GLY A . n 
A 1 44  VAL 44  42  42  VAL VAL A . n 
A 1 45  GLY 45  43  43  GLY GLY A . n 
A 1 46  ALA 46  44  44  ALA ALA A . n 
A 1 47  GLY 47  45  45  GLY GLY A . n 
A 1 48  THR 48  46  46  THR THR A . n 
A 1 49  VAL 49  47  47  VAL VAL A . n 
A 1 50  TYR 50  48  48  TYR TYR A . n 
A 1 51  ARG 51  49  49  ARG ARG A . n 
A 1 52  HIS 52  50  50  HIS HIS A . n 
A 1 53  PHE 53  51  51  PHE PHE A . n 
A 1 54  PRO 54  52  52  PRO PRO A . n 
A 1 55  THR 55  53  53  THR THR A . n 
A 1 56  LYS 56  54  54  LYS LYS A . n 
A 1 57  GLN 57  55  55  GLN GLN A . n 
A 1 58  ALA 58  56  56  ALA ALA A . n 
A 1 59  LEU 59  57  57  LEU LEU A . n 
A 1 60  VAL 60  58  58  VAL VAL A . n 
A 1 61  VAL 61  59  59  VAL VAL A . n 
A 1 62  ALA 62  60  60  ALA ALA A . n 
A 1 63  VAL 63  61  61  VAL VAL A . n 
A 1 64  ALA 64  62  62  ALA ALA A . n 
A 1 65  GLU 65  63  63  GLU GLU A . n 
A 1 66  ASP 66  64  64  ASP ASP A . n 
A 1 67  ARG 67  65  65  ARG ARG A . n 
A 1 68  VAL 68  66  66  VAL VAL A . n 
A 1 69  ARG 69  67  67  ARG ARG A . n 
A 1 70  ARG 70  68  68  ARG ARG A . n 
A 1 71  ILE 71  69  69  ILE ILE A . n 
A 1 72  VAL 72  70  70  VAL VAL A . n 
A 1 73  ASP 73  71  71  ASP ASP A . n 
A 1 74  HIS 74  72  72  HIS HIS A . n 
A 1 75  ALA 75  73  73  ALA ALA A . n 
A 1 76  ARG 76  74  74  ARG ARG A . n 
A 1 77  THR 77  75  75  THR THR A . n 
A 1 78  LEU 78  76  76  LEU LEU A . n 
A 1 79  LEU 79  77  77  LEU LEU A . n 
A 1 80  ALA 80  78  78  ALA ALA A . n 
A 1 81  ALA 81  79  79  ALA ALA A . n 
A 1 82  GLU 82  80  80  GLU GLU A . n 
A 1 83  GLY 83  81  81  GLY GLY A . n 
A 1 84  PRO 84  82  82  PRO PRO A . n 
A 1 85  GLY 85  83  83  GLY GLY A . n 
A 1 86  GLU 86  84  84  GLU GLU A . n 
A 1 87  ALA 87  85  85  ALA ALA A . n 
A 1 88  LEU 88  86  86  LEU LEU A . n 
A 1 89  PHE 89  87  87  PHE PHE A . n 
A 1 90  VAL 90  88  88  VAL VAL A . n 
A 1 91  PHE 91  89  89  PHE PHE A . n 
A 1 92  MET 92  90  90  MET MET A . n 
A 1 93  ARG 93  91  91  ARG ARG A . n 
A 1 94  ASP 94  92  92  ASP ASP A . n 
A 1 95  MET 95  93  93  MET MET A . n 
A 1 96  VAL 96  94  94  VAL VAL A . n 
A 1 97  ARG 97  95  95  ARG ARG A . n 
A 1 98  SER 98  96  96  SER SER A . n 
A 1 99  ALA 99  97  97  ALA ALA A . n 
A 1 100 ALA 100 98  98  ALA ALA A . n 
A 1 101 ALA 101 99  99  ALA ALA A . n 
A 1 102 ASP 102 100 100 ASP ASP A . n 
A 1 103 TYR 103 101 101 TYR TYR A . n 
A 1 104 GLY 104 102 102 GLY GLY A . n 
A 1 105 LEU 105 103 103 LEU LEU A . n 
A 1 106 VAL 106 104 104 VAL VAL A . n 
A 1 107 ASP 107 105 105 ASP ASP A . n 
A 1 108 ALA 108 106 106 ALA ALA A . n 
A 1 109 LEU 109 107 107 LEU LEU A . n 
A 1 110 VAL 110 108 108 VAL VAL A . n 
A 1 111 GLY 111 109 109 GLY GLY A . n 
A 1 112 TYR 112 110 110 TYR TYR A . n 
A 1 113 GLY 113 111 111 GLY GLY A . n 
A 1 114 LEU 114 112 112 LEU LEU A . n 
A 1 115 ASP 115 113 113 ASP ASP A . n 
A 1 116 LEU 116 114 114 LEU LEU A . n 
A 1 117 GLU 117 115 115 GLU GLU A . n 
A 1 118 VAL 118 116 116 VAL VAL A . n 
A 1 119 ALA 119 117 117 ALA ALA A . n 
A 1 120 ALA 120 118 118 ALA ALA A . n 
A 1 121 PRO 121 119 119 PRO PRO A . n 
A 1 122 GLY 122 120 120 GLY GLY A . n 
A 1 123 ALA 123 121 121 ALA ALA A . n 
A 1 124 GLU 124 122 122 GLU GLU A . n 
A 1 125 ALA 125 123 123 ALA ALA A . n 
A 1 126 ALA 126 124 124 ALA ALA A . n 
A 1 127 PHE 127 125 125 PHE PHE A . n 
A 1 128 LEU 128 126 126 LEU LEU A . n 
A 1 129 ALA 129 127 127 ALA ALA A . n 
A 1 130 THR 130 128 128 THR THR A . n 
A 1 131 LEU 131 129 129 LEU LEU A . n 
A 1 132 GLY 132 130 130 GLY GLY A . n 
A 1 133 GLU 133 131 131 GLU GLU A . n 
A 1 134 LEU 134 132 132 LEU LEU A . n 
A 1 135 LEU 135 133 133 LEU LEU A . n 
A 1 136 ALA 136 134 134 ALA ALA A . n 
A 1 137 ALA 137 135 135 ALA ALA A . n 
A 1 138 ALA 138 136 136 ALA ALA A . n 
A 1 139 GLN 139 137 137 GLN GLN A . n 
A 1 140 ARG 140 138 138 ARG ARG A . n 
A 1 141 ALA 141 139 139 ALA ALA A . n 
A 1 142 GLY 142 140 140 GLY GLY A . n 
A 1 143 THR 143 141 141 THR THR A . n 
A 1 144 VAL 144 142 142 VAL VAL A . n 
A 1 145 ARG 145 143 143 ARG ARG A . n 
A 1 146 ALA 146 144 144 ALA ALA A . n 
A 1 147 ASP 147 145 145 ASP ASP A . n 
A 1 148 VAL 148 146 146 VAL VAL A . n 
A 1 149 ASP 149 147 147 ASP ASP A . n 
A 1 150 VAL 150 148 148 VAL VAL A . n 
A 1 151 ALA 151 149 149 ALA ALA A . n 
A 1 152 VAL 152 150 150 VAL VAL A . n 
A 1 153 ILE 153 151 151 ILE ILE A . n 
A 1 154 LYS 154 152 152 LYS LYS A . n 
A 1 155 ALA 155 153 153 ALA ALA A . n 
A 1 156 LEU 156 154 154 LEU LEU A . n 
A 1 157 LEU 157 155 155 LEU LEU A . n 
A 1 158 VAL 158 156 ?   ?   ?   A . n 
A 1 159 VAL 159 157 ?   ?   ?   A . n 
A 1 160 CYS 160 158 ?   ?   ?   A . n 
A 1 161 LYS 161 159 ?   ?   ?   A . n 
A 1 162 VAL 162 160 ?   ?   ?   A . n 
A 1 163 PRO 163 161 ?   ?   ?   A . n 
A 1 164 GLN 164 162 ?   ?   ?   A . n 
A 1 165 VAL 165 163 ?   ?   ?   A . n 
A 1 166 TYR 166 164 ?   ?   ?   A . n 
A 1 167 ASP 167 165 ?   ?   ?   A . n 
A 1 168 GLY 168 166 ?   ?   ?   A . n 
A 1 169 GLU 169 167 ?   ?   ?   A . n 
A 1 170 VAL 170 168 168 VAL VAL A . n 
A 1 171 SER 171 169 169 SER SER A . n 
A 1 172 GLU 172 170 170 GLU GLU A . n 
A 1 173 ARG 173 171 171 ARG ARG A . n 
A 1 174 VAL 174 172 172 VAL VAL A . n 
A 1 175 VAL 175 173 173 VAL VAL A . n 
A 1 176 ARG 176 174 174 ARG ARG A . n 
A 1 177 VAL 177 175 175 VAL VAL A . n 
A 1 178 ILE 178 176 176 ILE ILE A . n 
A 1 179 GLU 179 177 177 GLU GLU A . n 
A 1 180 ASP 180 178 178 ASP ASP A . n 
A 1 181 GLY 181 179 179 GLY GLY A . n 
A 1 182 LEU 182 180 180 LEU LEU A . n 
A 1 183 ARG 183 181 181 ARG ARG A . n 
A 1 184 VAL 184 182 182 VAL VAL A . n 
A 1 185 ARG 185 183 ?   ?   ?   A . n 
A 1 186 SER 186 184 ?   ?   ?   A . n 
A 1 187 SER 187 185 ?   ?   ?   A . n 
A 1 188 VAL 188 186 ?   ?   ?   A . n 
A 1 189 GLU 189 187 ?   ?   ?   A . n 
A 1 190 GLY 190 188 ?   ?   ?   A . n 
A 1 191 HIS 191 189 ?   ?   ?   A . n 
A 1 192 HIS 192 190 ?   ?   ?   A . n 
A 1 193 HIS 193 191 ?   ?   ?   A . n 
A 1 194 HIS 194 192 ?   ?   ?   A . n 
A 1 195 HIS 195 193 ?   ?   ?   A . n 
A 1 196 HIS 196 194 ?   ?   ?   A . n 
# 
loop_
_pdbx_nonpoly_scheme.asym_id 
_pdbx_nonpoly_scheme.entity_id 
_pdbx_nonpoly_scheme.mon_id 
_pdbx_nonpoly_scheme.ndb_seq_num 
_pdbx_nonpoly_scheme.pdb_seq_num 
_pdbx_nonpoly_scheme.auth_seq_num 
_pdbx_nonpoly_scheme.pdb_mon_id 
_pdbx_nonpoly_scheme.auth_mon_id 
_pdbx_nonpoly_scheme.pdb_strand_id 
_pdbx_nonpoly_scheme.pdb_ins_code 
B 2 HOH 1 195 1 HOH HOH A . 
B 2 HOH 2 196 2 HOH HOH A . 
B 2 HOH 3 197 3 HOH HOH A . 
B 2 HOH 4 198 4 HOH HOH A . 
B 2 HOH 5 199 5 HOH HOH A . 
# 
loop_
_software.name 
_software.version 
_software.date 
_software.type 
_software.contact_author 
_software.contact_author_email 
_software.classification 
_software.location 
_software.language 
_software.citation_id 
_software.pdbx_ordinal 
SCALA       .     ?              other   'Phil Evans'      pre@mrc-lmb.cam.ac.uk    'data scaling'    
http://www.ccp4.ac.uk/dist/html/INDEX.html Fortran_77 ? 1 
REFMAC      .     ?              program 'Murshudov, G.N.' ccp4@dl.ac.uk            refinement        
http://www.ccp4.ac.uk/main.html            Fortran_77 ? 2 
PDB_EXTRACT 3.000 'July 2, 2007' package PDB               sw-help@rcsb.rutgers.edu 'data extraction' 
http://pdb.rutgers.edu/software/           C++        ? 3 
MAR345      CCD   ?              ?       ?                 ?                        'data collection' ? ?          ? 4 
MOSFLM      .     ?              ?       ?                 ?                        'data reduction'  ? ?          ? 5 
SHELXCD     .     ?              ?       ?                 ?                        phasing           ? ?          ? 6 
SHELXE      .     ?              ?       ?                 ?                        'model building'  ? ?          ? 7 
# 
_cell.length_a           57.561 
_cell.length_b           57.561 
_cell.length_c           98.320 
_cell.angle_alpha        90.000 
_cell.angle_beta         90.000 
_cell.angle_gamma        90.000 
_cell.entry_id           2QWT 
_cell.pdbx_unique_axis   ? 
_cell.Z_PDB              8 
_cell.length_a_esd       ? 
_cell.length_b_esd       ? 
_cell.length_c_esd       ? 
_cell.angle_alpha_esd    ? 
_cell.angle_beta_esd     ? 
_cell.angle_gamma_esd    ? 
# 
_symmetry.space_group_name_H-M             'P 43 21 2' 
_symmetry.entry_id                         2QWT 
_symmetry.Int_Tables_number                96 
_symmetry.pdbx_full_space_group_name_H-M   ? 
_symmetry.cell_setting                     ? 
_symmetry.space_group_name_Hall            ? 
# 
_exptl.crystals_number   1 
_exptl.entry_id          2QWT 
_exptl.method            'X-RAY DIFFRACTION' 
# 
_exptl_crystal.id                    1 
_exptl_crystal.density_Matthews      1.94 
_exptl_crystal.density_meas          ? 
_exptl_crystal.density_percent_sol   36.45 
_exptl_crystal.description           ? 
_exptl_crystal.F_000                 ? 
_exptl_crystal.preparation           ? 
# 
_exptl_crystal_grow.crystal_id      1 
_exptl_crystal_grow.method          'VAPOR DIFFUSION' 
_exptl_crystal_grow.pH              7.0 
_exptl_crystal_grow.temp            294 
_exptl_crystal_grow.pdbx_details    '400mM Potassium sodium tartrate, pH 7.0, VAPOR DIFFUSION, temperature 294K' 
_exptl_crystal_grow.temp_details    ? 
_exptl_crystal_grow.pdbx_pH_range   . 
# 
_diffrn.id                     1 
_diffrn.ambient_temp           100 
_diffrn.ambient_temp_details   ? 
_diffrn.crystal_id             1 
# 
_diffrn_detector.diffrn_id              1 
_diffrn_detector.detector               CCD 
_diffrn_detector.type                   'MAR CCD 165 mm' 
_diffrn_detector.pdbx_collection_date   2007-06-23 
_diffrn_detector.details                ? 
# 
_diffrn_radiation.diffrn_id                        1 
_diffrn_radiation.pdbx_diffrn_protocol             'SINGLE WAVELENGTH' 
_diffrn_radiation.monochromator                    diamond 
_diffrn_radiation.wavelength_id                    1 
_diffrn_radiation.pdbx_monochromatic_or_laue_m_l   M 
_diffrn_radiation.pdbx_scattering_type             x-ray 
# 
_diffrn_radiation_wavelength.id           1 
_diffrn_radiation_wavelength.wavelength   0.97958 
_diffrn_radiation_wavelength.wt           1.0 
# 
_diffrn_source.diffrn_id                   1 
_diffrn_source.source                      SYNCHROTRON 
_diffrn_source.type                        'APS BEAMLINE 31-ID' 
_diffrn_source.pdbx_wavelength_list        0.97958 
_diffrn_source.pdbx_wavelength             ? 
_diffrn_source.pdbx_synchrotron_site       APS 
_diffrn_source.pdbx_synchrotron_beamline   31-ID 
# 
_reflns.entry_id                     2QWT 
_reflns.d_resolution_high            2.300 
_reflns.d_resolution_low             49.690 
_reflns.number_obs                   7823 
_reflns.pdbx_Rmerge_I_obs            0.099 
_reflns.pdbx_netI_over_sigmaI        37.8 
_reflns.pdbx_Rsym_value              0.099 
_reflns.pdbx_redundancy              26.800 
_reflns.percent_possible_obs         99.600 
_reflns.observed_criterion_sigma_F   0 
_reflns.observed_criterion_sigma_I   0 
_reflns.number_all                   7823 
_reflns.B_iso_Wilson_estimate        51.5 
_reflns.R_free_details               ? 
_reflns.limit_h_max                  ? 
_reflns.limit_h_min                  ? 
_reflns.limit_k_max                  ? 
_reflns.limit_k_min                  ? 
_reflns.limit_l_max                  ? 
_reflns.limit_l_min                  ? 
_reflns.observed_criterion_F_max     ? 
_reflns.observed_criterion_F_min     ? 
_reflns.pdbx_chi_squared             ? 
_reflns.pdbx_scaling_rejects         ? 
_reflns.pdbx_diffrn_id               1 
_reflns.pdbx_ordinal                 1 
# 
_reflns_shell.d_res_high             2.30 
_reflns_shell.d_res_low              2.42 
_reflns_shell.number_measured_obs    ? 
_reflns_shell.number_measured_all    ? 
_reflns_shell.number_unique_obs      ? 
_reflns_shell.Rmerge_I_obs           0.460 
_reflns_shell.meanI_over_sigI_obs    6.6 
_reflns_shell.pdbx_Rsym_value        0.460 
_reflns_shell.pdbx_chi_squared       ? 
_reflns_shell.pdbx_redundancy        27.80 
_reflns_shell.percent_possible_obs   ? 
_reflns_shell.number_unique_all      1108 
_reflns_shell.percent_possible_all   100.00 
_reflns_shell.pdbx_diffrn_id         ? 
_reflns_shell.pdbx_ordinal           1 
# 
_refine.entry_id                                 2QWT 
_refine.ls_d_res_high                            2.300 
_refine.ls_d_res_low                             20.000 
_refine.pdbx_ls_sigma_F                          0.00 
_refine.ls_percent_reflns_obs                    99.480 
_refine.ls_number_reflns_obs                     7769 
_refine.pdbx_ls_cross_valid_method               THROUGHOUT 
_refine.pdbx_R_Free_selection_details            RANDOM 
_refine.details                                  'HYDROGENS HAVE BEEN ADDED IN THE RIDING POSITIONS' 
_refine.ls_R_factor_obs                          0.256 
_refine.ls_R_factor_R_work                       0.255 
_refine.ls_R_factor_R_free                       0.279 
_refine.ls_percent_reflns_R_free                 4.600 
_refine.ls_number_reflns_R_free                  357 
_refine.B_iso_mean                               61.699 
_refine.aniso_B[1][1]                            -0.310 
_refine.aniso_B[2][2]                            -0.310 
_refine.aniso_B[3][3]                            0.630 
_refine.aniso_B[1][2]                            0.000 
_refine.aniso_B[1][3]                            0.000 
_refine.aniso_B[2][3]                            0.000 
_refine.correlation_coeff_Fo_to_Fc               0.914 
_refine.correlation_coeff_Fo_to_Fc_free          0.907 
_refine.pdbx_overall_ESU_R                       0.429 
_refine.pdbx_overall_ESU_R_Free                  0.268 
_refine.overall_SU_ML                            0.260 
_refine.overall_SU_B                             10.720 
_refine.solvent_model_details                    'BABINET MODEL WITH MASK' 
_refine.pdbx_solvent_vdw_probe_radii             1.400 
_refine.pdbx_solvent_ion_probe_radii             0.800 
_refine.pdbx_solvent_shrinkage_radii             0.800 
_refine.pdbx_method_to_determine_struct          ? 
_refine.pdbx_stereochemistry_target_values       'MAXIMUM LIKELIHOOD' 
_refine.pdbx_ls_sigma_I                          ? 
_refine.ls_number_reflns_all                     7769 
_refine.ls_R_factor_all                          ? 
_refine.ls_redundancy_reflns_obs                 ? 
_refine.pdbx_data_cutoff_high_absF               ? 
_refine.pdbx_data_cutoff_low_absF                ? 
_refine.ls_number_parameters                     ? 
_refine.ls_number_restraints                     ? 
_refine.ls_R_factor_R_free_error                 ? 
_refine.ls_R_factor_R_free_error_details         ? 
_refine.pdbx_starting_model                      ? 
_refine.pdbx_stereochem_target_val_spec_case     ? 
_refine.solvent_model_param_bsol                 ? 
_refine.solvent_model_param_ksol                 ? 
_refine.occupancy_max                            ? 
_refine.occupancy_min                            ? 
_refine.pdbx_isotropic_thermal_model             ? 
_refine.B_iso_min                                ? 
_refine.B_iso_max                                ? 
_refine.overall_SU_R_Cruickshank_DPI             ? 
_refine.overall_SU_R_free                        ? 
_refine.pdbx_data_cutoff_high_rms_absF           ? 
_refine.ls_wR_factor_R_free                      ? 
_refine.ls_wR_factor_R_work                      ? 
_refine.overall_FOM_free_R_set                   ? 
_refine.overall_FOM_work_R_set                   ? 
_refine.pdbx_refine_id                           'X-RAY DIFFRACTION' 
_refine.pdbx_diffrn_id                           1 
_refine.pdbx_TLS_residual_ADP_flag               ? 
_refine.pdbx_overall_phase_error                 ? 
_refine.pdbx_overall_SU_R_free_Cruickshank_DPI   ? 
_refine.pdbx_overall_SU_R_Blow_DPI               ? 
_refine.pdbx_overall_SU_R_free_Blow_DPI          ? 
# 
_refine_hist.pdbx_refine_id                   'X-RAY DIFFRACTION' 
_refine_hist.cycle_id                         LAST 
_refine_hist.pdbx_number_atoms_protein        1243 
_refine_hist.pdbx_number_atoms_nucleic_acid   0 
_refine_hist.pdbx_number_atoms_ligand         0 
_refine_hist.number_atoms_solvent             5 
_refine_hist.number_atoms_total               1248 
_refine_hist.d_res_high                       2.300 
_refine_hist.d_res_low                        20.000 
# 
loop_
_refine_ls_restr.type 
_refine_ls_restr.number 
_refine_ls_restr.dev_ideal 
_refine_ls_restr.dev_ideal_target 
_refine_ls_restr.weight 
_refine_ls_restr.pdbx_refine_id 
_refine_ls_restr.pdbx_restraint_function 
r_bond_refined_d         1257 0.018  0.022  ? 'X-RAY DIFFRACTION' ? 
r_angle_refined_deg      1704 1.679  1.971  ? 'X-RAY DIFFRACTION' ? 
r_dihedral_angle_1_deg   165  6.031  5.000  ? 'X-RAY DIFFRACTION' ? 
r_dihedral_angle_2_deg   55   34.983 21.455 ? 'X-RAY DIFFRACTION' ? 
r_dihedral_angle_3_deg   197  21.407 15.000 ? 'X-RAY DIFFRACTION' ? 
r_dihedral_angle_4_deg   18   23.997 15.000 ? 'X-RAY DIFFRACTION' ? 
r_chiral_restr           205  0.118  0.200  ? 'X-RAY DIFFRACTION' ? 
r_gen_planes_refined     949  0.006  0.020  ? 'X-RAY DIFFRACTION' ? 
r_nbd_refined            569  0.226  0.200  ? 'X-RAY DIFFRACTION' ? 
r_nbtor_refined          875  0.305  0.200  ? 'X-RAY DIFFRACTION' ? 
r_xyhbond_nbd_refined    43   0.200  0.200  ? 'X-RAY DIFFRACTION' ? 
r_symmetry_vdw_refined   39   0.203  0.200  ? 'X-RAY DIFFRACTION' ? 
r_symmetry_hbond_refined 6    0.222  0.200  ? 'X-RAY DIFFRACTION' ? 
r_mcbond_it              839  1.060  1.500  ? 'X-RAY DIFFRACTION' ? 
r_mcangle_it             1302 1.721  2.000  ? 'X-RAY DIFFRACTION' ? 
r_scbond_it              452  3.058  3.000  ? 'X-RAY DIFFRACTION' ? 
r_scangle_it             402  4.946  4.500  ? 'X-RAY DIFFRACTION' ? 
# 
_refine_ls_shell.d_res_high                       2.300 
_refine_ls_shell.d_res_low                        2.359 
_refine_ls_shell.pdbx_total_number_of_bins_used   20 
_refine_ls_shell.percent_reflns_obs               99.820 
_refine_ls_shell.number_reflns_R_work             511 
_refine_ls_shell.R_factor_all                     ? 
_refine_ls_shell.R_factor_R_work                  0.285 
_refine_ls_shell.R_factor_R_free                  0.434 
_refine_ls_shell.percent_reflns_R_free            ? 
_refine_ls_shell.number_reflns_R_free             32 
_refine_ls_shell.R_factor_R_free_error            ? 
_refine_ls_shell.number_reflns_all                543 
_refine_ls_shell.number_reflns_obs                511 
_refine_ls_shell.redundancy_reflns_obs            ? 
_refine_ls_shell.pdbx_refine_id                   'X-RAY DIFFRACTION' 
# 
_struct.entry_id                  2QWT 
_struct.title                     'Crystal structure of the TetR transcription regulatory protein from Mycobacterium vanbaalenii' 
_struct.pdbx_model_details        ? 
_struct.pdbx_CASP_flag            ? 
_struct.pdbx_model_type_details   ? 
# 
_struct_keywords.entry_id        2QWT 
_struct_keywords.text            
;STRUCTURAL GENOMICS, TRANSCRIPTION, PSI-2, Protein Structure Initiative, New York SGX Research Center for Structural Genomics, NYSGXRC, DNA-binding, Transcription regulation
;
_struct_keywords.pdbx_keywords   TRANSCRIPTION 
# 
loop_
_struct_asym.id 
_struct_asym.pdbx_blank_PDB_chainid_flag 
_struct_asym.pdbx_modified 
_struct_asym.entity_id 
_struct_asym.details 
A N N 1 ? 
B N N 2 ? 
# 
_struct_ref.id                         1 
_struct_ref.db_name                    UNP 
_struct_ref.db_code                    A1T351_MYCVP 
_struct_ref.pdbx_db_accession          A1T351 
_struct_ref.entity_id                  1 
_struct_ref.pdbx_seq_one_letter_code   
;TRPLRADAARNRARVLEVAYDTFAAEGLGVPIDEIARRAGVGAGTVYRHFPTKQALVVAVAEDRVRRIVDHARTLLAAEG
PGEALFVFLRDMVRSAAADYGLVDALVGYGLDLEVAAPGAEAAFLATLGELLAAAQRAGTVRADVDVAVIKALLVVCKVP
QVYDGEVSERVVRVIEDGLRVRSSV
;
_struct_ref.pdbx_align_begin           2 
_struct_ref.pdbx_db_isoform            ? 
# 
_struct_ref_seq.align_id                      1 
_struct_ref_seq.ref_id                        1 
_struct_ref_seq.pdbx_PDB_id_code              2QWT 
_struct_ref_seq.pdbx_strand_id                A 
_struct_ref_seq.seq_align_beg                 4 
_struct_ref_seq.pdbx_seq_align_beg_ins_code   ? 
_struct_ref_seq.seq_align_end                 188 
_struct_ref_seq.pdbx_seq_align_end_ins_code   ? 
_struct_ref_seq.pdbx_db_accession             A1T351 
_struct_ref_seq.db_align_beg                  2 
_struct_ref_seq.pdbx_db_align_beg_ins_code    ? 
_struct_ref_seq.db_align_end                  186 
_struct_ref_seq.pdbx_db_align_end_ins_code    ? 
_struct_ref_seq.pdbx_auth_seq_align_beg       2 
_struct_ref_seq.pdbx_auth_seq_align_end       186 
# 
loop_
_struct_ref_seq_dif.align_id 
_struct_ref_seq_dif.pdbx_pdb_id_code 
_struct_ref_seq_dif.mon_id 
_struct_ref_seq_dif.pdbx_pdb_strand_id 
_struct_ref_seq_dif.seq_num 
_struct_ref_seq_dif.pdbx_pdb_ins_code 
_struct_ref_seq_dif.pdbx_seq_db_name 
_struct_ref_seq_dif.pdbx_seq_db_accession_code 
_struct_ref_seq_dif.db_mon_id 
_struct_ref_seq_dif.pdbx_seq_db_seq_num 
_struct_ref_seq_dif.details 
_struct_ref_seq_dif.pdbx_auth_seq_num 
_struct_ref_seq_dif.pdbx_ordinal 
1 2QWT MET A 1   ? UNP A1T351 ?   ?  'expression tag'      -1  1  
1 2QWT SER A 2   ? UNP A1T351 ?   ?  'expression tag'      0   2  
1 2QWT LEU A 3   ? UNP A1T351 ?   ?  'expression tag'      1   3  
1 2QWT MET A 35  ? UNP A1T351 ILE 33 'engineered mutation' 33  4  
1 2QWT MET A 92  ? UNP A1T351 LEU 90 'engineered mutation' 90  5  
1 2QWT GLU A 189 ? UNP A1T351 ?   ?  'expression tag'      187 6  
1 2QWT GLY A 190 ? UNP A1T351 ?   ?  'expression tag'      188 7  
1 2QWT HIS A 191 ? UNP A1T351 ?   ?  'expression tag'      189 8  
1 2QWT HIS A 192 ? UNP A1T351 ?   ?  'expression tag'      190 9  
1 2QWT HIS A 193 ? UNP A1T351 ?   ?  'expression tag'      191 10 
1 2QWT HIS A 194 ? UNP A1T351 ?   ?  'expression tag'      192 11 
1 2QWT HIS A 195 ? UNP A1T351 ?   ?  'expression tag'      193 12 
1 2QWT HIS A 196 ? UNP A1T351 ?   ?  'expression tag'      194 13 
# 
loop_
_pdbx_struct_assembly.id 
_pdbx_struct_assembly.details 
_pdbx_struct_assembly.method_details 
_pdbx_struct_assembly.oligomeric_details 
_pdbx_struct_assembly.oligomeric_count 
1 author_defined_assembly   ?    monomeric 1 
2 software_defined_assembly PISA dimeric   2 
# 
loop_
_pdbx_struct_assembly_prop.biol_id 
_pdbx_struct_assembly_prop.type 
_pdbx_struct_assembly_prop.value 
_pdbx_struct_assembly_prop.details 
2 'ABSA (A^2)' 1330  ? 
2 MORE         -12   ? 
2 'SSA (A^2)'  17700 ? 
# 
loop_
_pdbx_struct_assembly_gen.assembly_id 
_pdbx_struct_assembly_gen.oper_expression 
_pdbx_struct_assembly_gen.asym_id_list 
1 1   A,B 
2 1,2 A,B 
# 
loop_
_pdbx_struct_oper_list.id 
_pdbx_struct_oper_list.type 
_pdbx_struct_oper_list.name 
_pdbx_struct_oper_list.symmetry_operation 
_pdbx_struct_oper_list.matrix[1][1] 
_pdbx_struct_oper_list.matrix[1][2] 
_pdbx_struct_oper_list.matrix[1][3] 
_pdbx_struct_oper_list.vector[1] 
_pdbx_struct_oper_list.matrix[2][1] 
_pdbx_struct_oper_list.matrix[2][2] 
_pdbx_struct_oper_list.matrix[2][3] 
_pdbx_struct_oper_list.vector[2] 
_pdbx_struct_oper_list.matrix[3][1] 
_pdbx_struct_oper_list.matrix[3][2] 
_pdbx_struct_oper_list.matrix[3][3] 
_pdbx_struct_oper_list.vector[3] 
1 'identity operation'         1_555 x,y,z        1.0000000000  0.0000000000  0.0000000000 0.0000000000  0.0000000000  1.0000000000 0.0000000000  0.0000000000 0.0000000000 0.0000000000  1.0000000000  0.0000000000   
2 'crystal symmetry operation' 8_555 -y,-x,-z+1/2 -0.8769051726 -0.4735034579 0.0826546646 35.8151025509 -0.4735034579 0.8214049235 -0.3179440626 6.7234320893 0.0826546646 -0.3179440626 -0.9444997509 -14.8217348456 
# 
_struct_biol.id        1 
_struct_biol.details   'probable monomer' 
# 
loop_
_struct_conf.conf_type_id 
_struct_conf.id 
_struct_conf.pdbx_PDB_helix_id 
_struct_conf.beg_label_comp_id 
_struct_conf.beg_label_asym_id 
_struct_conf.beg_label_seq_id 
_struct_conf.pdbx_beg_PDB_ins_code 
_struct_conf.end_label_comp_id 
_struct_conf.end_label_asym_id 
_struct_conf.end_label_seq_id 
_struct_conf.pdbx_end_PDB_ins_code 
_struct_conf.beg_auth_comp_id 
_struct_conf.beg_auth_asym_id 
_struct_conf.beg_auth_seq_id 
_struct_conf.end_auth_comp_id 
_struct_conf.end_auth_asym_id 
_struct_conf.end_auth_seq_id 
_struct_conf.pdbx_PDB_helix_class 
_struct_conf.details 
_struct_conf.pdbx_PDB_helix_length 
HELX_P HELX_P1 1 PRO A 6   ? GLU A 29  ? PRO A 4   GLU A 27  1 ? 24 
HELX_P HELX_P2 2 PRO A 34  ? ALA A 42  ? PRO A 32  ALA A 40  1 ? 9  
HELX_P HELX_P3 3 GLY A 45  ? PHE A 53  ? GLY A 43  PHE A 51  1 ? 9  
HELX_P HELX_P4 4 THR A 55  ? GLY A 83  ? THR A 53  GLY A 81  1 ? 29 
HELX_P HELX_P5 5 GLY A 83  ? GLY A 111 ? GLY A 81  GLY A 109 1 ? 29 
HELX_P HELX_P6 6 ASP A 115 ? ALA A 120 ? ASP A 113 ALA A 118 1 ? 6  
HELX_P HELX_P7 7 GLY A 122 ? ALA A 141 ? GLY A 120 ALA A 139 1 ? 20 
HELX_P HELX_P8 8 ASP A 149 ? LEU A 157 ? ASP A 147 LEU A 155 1 ? 9  
HELX_P HELX_P9 9 VAL A 170 ? GLY A 181 ? VAL A 168 GLY A 179 1 ? 12 
# 
_struct_conf_type.id          HELX_P 
_struct_conf_type.criteria    ? 
_struct_conf_type.reference   ? 
# 
_pdbx_validate_torsion.id              1 
_pdbx_validate_torsion.PDB_model_num   1 
_pdbx_validate_torsion.auth_comp_id    ASP 
_pdbx_validate_torsion.auth_asym_id    A 
_pdbx_validate_torsion.auth_seq_id     145 
_pdbx_validate_torsion.PDB_ins_code    ? 
_pdbx_validate_torsion.label_alt_id    ? 
_pdbx_validate_torsion.phi             -98.85 
_pdbx_validate_torsion.psi             43.55 
# 
_pdbx_SG_project.id                    1 
_pdbx_SG_project.project_name          'PSI, Protein Structure Initiative' 
_pdbx_SG_project.full_name_of_center   'New York SGX Research Center for Structural Genomics' 
_pdbx_SG_project.initial_of_center     NYSGXRC 
# 
_pdbx_database_remark.id     300 
_pdbx_database_remark.text   
;
BIOMOLECULE: 1
SEE REMARK 350 FOR THE AUTHOR PROVIDED AND PROGRAM
GENERATED ASSEMBLY INFORMATION FOR THE STRUCTURE
IN THIS ENTRY. AUTHORS STATE THAT THE MONOMERIC
ASSEMBLY OF THIS PROTEIN IS PROBABLE.
;
# 
loop_
_pdbx_unobs_or_zero_occ_residues.id 
_pdbx_unobs_or_zero_occ_residues.PDB_model_num 
_pdbx_unobs_or_zero_occ_residues.polymer_flag 
_pdbx_unobs_or_zero_occ_residues.occupancy_flag 
_pdbx_unobs_or_zero_occ_residues.auth_asym_id 
_pdbx_unobs_or_zero_occ_residues.auth_comp_id 
_pdbx_unobs_or_zero_occ_residues.auth_seq_id 
_pdbx_unobs_or_zero_occ_residues.PDB_ins_code 
_pdbx_unobs_or_zero_occ_residues.label_asym_id 
_pdbx_unobs_or_zero_occ_residues.label_comp_id 
_pdbx_unobs_or_zero_occ_residues.label_seq_id 
1  1 Y 1 A MET -1  ? A MET 1   
2  1 Y 1 A SER 0   ? A SER 2   
3  1 Y 1 A LEU 1   ? A LEU 3   
4  1 Y 1 A THR 2   ? A THR 4   
5  1 Y 1 A ARG 3   ? A ARG 5   
6  1 Y 1 A VAL 156 ? A VAL 158 
7  1 Y 1 A VAL 157 ? A VAL 159 
8  1 Y 1 A CYS 158 ? A CYS 160 
9  1 Y 1 A LYS 159 ? A LYS 161 
10 1 Y 1 A VAL 160 ? A VAL 162 
11 1 Y 1 A PRO 161 ? A PRO 163 
12 1 Y 1 A GLN 162 ? A GLN 164 
13 1 Y 1 A VAL 163 ? A VAL 165 
14 1 Y 1 A TYR 164 ? A TYR 166 
15 1 Y 1 A ASP 165 ? A ASP 167 
16 1 Y 1 A GLY 166 ? A GLY 168 
17 1 Y 1 A GLU 167 ? A GLU 169 
18 1 Y 1 A ARG 183 ? A ARG 185 
19 1 Y 1 A SER 184 ? A SER 186 
20 1 Y 1 A SER 185 ? A SER 187 
21 1 Y 1 A VAL 186 ? A VAL 188 
22 1 Y 1 A GLU 187 ? A GLU 189 
23 1 Y 1 A GLY 188 ? A GLY 190 
24 1 Y 1 A HIS 189 ? A HIS 191 
25 1 Y 1 A HIS 190 ? A HIS 192 
26 1 Y 1 A HIS 191 ? A HIS 193 
27 1 Y 1 A HIS 192 ? A HIS 194 
28 1 Y 1 A HIS 193 ? A HIS 195 
29 1 Y 1 A HIS 194 ? A HIS 196 
# 
loop_
_chem_comp_atom.comp_id 
_chem_comp_atom.atom_id 
_chem_comp_atom.type_symbol 
_chem_comp_atom.pdbx_aromatic_flag 
_chem_comp_atom.pdbx_stereo_config 
_chem_comp_atom.pdbx_ordinal 
ALA N    N N N 1   
ALA CA   C N S 2   
ALA C    C N N 3   
ALA O    O N N 4   
ALA CB   C N N 5   
ALA OXT  O N N 6   
ALA H    H N N 7   
ALA H2   H N N 8   
ALA HA   H N N 9   
ALA HB1  H N N 10  
ALA HB2  H N N 11  
ALA HB3  H N N 12  
ALA HXT  H N N 13  
ARG N    N N N 14  
ARG CA   C N S 15  
ARG C    C N N 16  
ARG O    O N N 17  
ARG CB   C N N 18  
ARG CG   C N N 19  
ARG CD   C N N 20  
ARG NE   N N N 21  
ARG CZ   C N N 22  
ARG NH1  N N N 23  
ARG NH2  N N N 24  
ARG OXT  O N N 25  
ARG H    H N N 26  
ARG H2   H N N 27  
ARG HA   H N N 28  
ARG HB2  H N N 29  
ARG HB3  H N N 30  
ARG HG2  H N N 31  
ARG HG3  H N N 32  
ARG HD2  H N N 33  
ARG HD3  H N N 34  
ARG HE   H N N 35  
ARG HH11 H N N 36  
ARG HH12 H N N 37  
ARG HH21 H N N 38  
ARG HH22 H N N 39  
ARG HXT  H N N 40  
ASN N    N N N 41  
ASN CA   C N S 42  
ASN C    C N N 43  
ASN O    O N N 44  
ASN CB   C N N 45  
ASN CG   C N N 46  
ASN OD1  O N N 47  
ASN ND2  N N N 48  
ASN OXT  O N N 49  
ASN H    H N N 50  
ASN H2   H N N 51  
ASN HA   H N N 52  
ASN HB2  H N N 53  
ASN HB3  H N N 54  
ASN HD21 H N N 55  
ASN HD22 H N N 56  
ASN HXT  H N N 57  
ASP N    N N N 58  
ASP CA   C N S 59  
ASP C    C N N 60  
ASP O    O N N 61  
ASP CB   C N N 62  
ASP CG   C N N 63  
ASP OD1  O N N 64  
ASP OD2  O N N 65  
ASP OXT  O N N 66  
ASP H    H N N 67  
ASP H2   H N N 68  
ASP HA   H N N 69  
ASP HB2  H N N 70  
ASP HB3  H N N 71  
ASP HD2  H N N 72  
ASP HXT  H N N 73  
CYS N    N N N 74  
CYS CA   C N R 75  
CYS C    C N N 76  
CYS O    O N N 77  
CYS CB   C N N 78  
CYS SG   S N N 79  
CYS OXT  O N N 80  
CYS H    H N N 81  
CYS H2   H N N 82  
CYS HA   H N N 83  
CYS HB2  H N N 84  
CYS HB3  H N N 85  
CYS HG   H N N 86  
CYS HXT  H N N 87  
GLN N    N N N 88  
GLN CA   C N S 89  
GLN C    C N N 90  
GLN O    O N N 91  
GLN CB   C N N 92  
GLN CG   C N N 93  
GLN CD   C N N 94  
GLN OE1  O N N 95  
GLN NE2  N N N 96  
GLN OXT  O N N 97  
GLN H    H N N 98  
GLN H2   H N N 99  
GLN HA   H N N 100 
GLN HB2  H N N 101 
GLN HB3  H N N 102 
GLN HG2  H N N 103 
GLN HG3  H N N 104 
GLN HE21 H N N 105 
GLN HE22 H N N 106 
GLN HXT  H N N 107 
GLU N    N N N 108 
GLU CA   C N S 109 
GLU C    C N N 110 
GLU O    O N N 111 
GLU CB   C N N 112 
GLU CG   C N N 113 
GLU CD   C N N 114 
GLU OE1  O N N 115 
GLU OE2  O N N 116 
GLU OXT  O N N 117 
GLU H    H N N 118 
GLU H2   H N N 119 
GLU HA   H N N 120 
GLU HB2  H N N 121 
GLU HB3  H N N 122 
GLU HG2  H N N 123 
GLU HG3  H N N 124 
GLU HE2  H N N 125 
GLU HXT  H N N 126 
GLY N    N N N 127 
GLY CA   C N N 128 
GLY C    C N N 129 
GLY O    O N N 130 
GLY OXT  O N N 131 
GLY H    H N N 132 
GLY H2   H N N 133 
GLY HA2  H N N 134 
GLY HA3  H N N 135 
GLY HXT  H N N 136 
HIS N    N N N 137 
HIS CA   C N S 138 
HIS C    C N N 139 
HIS O    O N N 140 
HIS CB   C N N 141 
HIS CG   C Y N 142 
HIS ND1  N Y N 143 
HIS CD2  C Y N 144 
HIS CE1  C Y N 145 
HIS NE2  N Y N 146 
HIS OXT  O N N 147 
HIS H    H N N 148 
HIS H2   H N N 149 
HIS HA   H N N 150 
HIS HB2  H N N 151 
HIS HB3  H N N 152 
HIS HD1  H N N 153 
HIS HD2  H N N 154 
HIS HE1  H N N 155 
HIS HE2  H N N 156 
HIS HXT  H N N 157 
HOH O    O N N 158 
HOH H1   H N N 159 
HOH H2   H N N 160 
ILE N    N N N 161 
ILE CA   C N S 162 
ILE C    C N N 163 
ILE O    O N N 164 
ILE CB   C N S 165 
ILE CG1  C N N 166 
ILE CG2  C N N 167 
ILE CD1  C N N 168 
ILE OXT  O N N 169 
ILE H    H N N 170 
ILE H2   H N N 171 
ILE HA   H N N 172 
ILE HB   H N N 173 
ILE HG12 H N N 174 
ILE HG13 H N N 175 
ILE HG21 H N N 176 
ILE HG22 H N N 177 
ILE HG23 H N N 178 
ILE HD11 H N N 179 
ILE HD12 H N N 180 
ILE HD13 H N N 181 
ILE HXT  H N N 182 
LEU N    N N N 183 
LEU CA   C N S 184 
LEU C    C N N 185 
LEU O    O N N 186 
LEU CB   C N N 187 
LEU CG   C N N 188 
LEU CD1  C N N 189 
LEU CD2  C N N 190 
LEU OXT  O N N 191 
LEU H    H N N 192 
LEU H2   H N N 193 
LEU HA   H N N 194 
LEU HB2  H N N 195 
LEU HB3  H N N 196 
LEU HG   H N N 197 
LEU HD11 H N N 198 
LEU HD12 H N N 199 
LEU HD13 H N N 200 
LEU HD21 H N N 201 
LEU HD22 H N N 202 
LEU HD23 H N N 203 
LEU HXT  H N N 204 
LYS N    N N N 205 
LYS CA   C N S 206 
LYS C    C N N 207 
LYS O    O N N 208 
LYS CB   C N N 209 
LYS CG   C N N 210 
LYS CD   C N N 211 
LYS CE   C N N 212 
LYS NZ   N N N 213 
LYS OXT  O N N 214 
LYS H    H N N 215 
LYS H2   H N N 216 
LYS HA   H N N 217 
LYS HB2  H N N 218 
LYS HB3  H N N 219 
LYS HG2  H N N 220 
LYS HG3  H N N 221 
LYS HD2  H N N 222 
LYS HD3  H N N 223 
LYS HE2  H N N 224 
LYS HE3  H N N 225 
LYS HZ1  H N N 226 
LYS HZ2  H N N 227 
LYS HZ3  H N N 228 
LYS HXT  H N N 229 
MET N    N N N 230 
MET CA   C N S 231 
MET C    C N N 232 
MET O    O N N 233 
MET CB   C N N 234 
MET CG   C N N 235 
MET SD   S N N 236 
MET CE   C N N 237 
MET OXT  O N N 238 
MET H    H N N 239 
MET H2   H N N 240 
MET HA   H N N 241 
MET HB2  H N N 242 
MET HB3  H N N 243 
MET HG2  H N N 244 
MET HG3  H N N 245 
MET HE1  H N N 246 
MET HE2  H N N 247 
MET HE3  H N N 248 
MET HXT  H N N 249 
PHE N    N N N 250 
PHE CA   C N S 251 
PHE C    C N N 252 
PHE O    O N N 253 
PHE CB   C N N 254 
PHE CG   C Y N 255 
PHE CD1  C Y N 256 
PHE CD2  C Y N 257 
PHE CE1  C Y N 258 
PHE CE2  C Y N 259 
PHE CZ   C Y N 260 
PHE OXT  O N N 261 
PHE H    H N N 262 
PHE H2   H N N 263 
PHE HA   H N N 264 
PHE HB2  H N N 265 
PHE HB3  H N N 266 
PHE HD1  H N N 267 
PHE HD2  H N N 268 
PHE HE1  H N N 269 
PHE HE2  H N N 270 
PHE HZ   H N N 271 
PHE HXT  H N N 272 
PRO N    N N N 273 
PRO CA   C N S 274 
PRO C    C N N 275 
PRO O    O N N 276 
PRO CB   C N N 277 
PRO CG   C N N 278 
PRO CD   C N N 279 
PRO OXT  O N N 280 
PRO H    H N N 281 
PRO HA   H N N 282 
PRO HB2  H N N 283 
PRO HB3  H N N 284 
PRO HG2  H N N 285 
PRO HG3  H N N 286 
PRO HD2  H N N 287 
PRO HD3  H N N 288 
PRO HXT  H N N 289 
SER N    N N N 290 
SER CA   C N S 291 
SER C    C N N 292 
SER O    O N N 293 
SER CB   C N N 294 
SER OG   O N N 295 
SER OXT  O N N 296 
SER H    H N N 297 
SER H2   H N N 298 
SER HA   H N N 299 
SER HB2  H N N 300 
SER HB3  H N N 301 
SER HG   H N N 302 
SER HXT  H N N 303 
THR N    N N N 304 
THR CA   C N S 305 
THR C    C N N 306 
THR O    O N N 307 
THR CB   C N R 308 
THR OG1  O N N 309 
THR CG2  C N N 310 
THR OXT  O N N 311 
THR H    H N N 312 
THR H2   H N N 313 
THR HA   H N N 314 
THR HB   H N N 315 
THR HG1  H N N 316 
THR HG21 H N N 317 
THR HG22 H N N 318 
THR HG23 H N N 319 
THR HXT  H N N 320 
TYR N    N N N 321 
TYR CA   C N S 322 
TYR C    C N N 323 
TYR O    O N N 324 
TYR CB   C N N 325 
TYR CG   C Y N 326 
TYR CD1  C Y N 327 
TYR CD2  C Y N 328 
TYR CE1  C Y N 329 
TYR CE2  C Y N 330 
TYR CZ   C Y N 331 
TYR OH   O N N 332 
TYR OXT  O N N 333 
TYR H    H N N 334 
TYR H2   H N N 335 
TYR HA   H N N 336 
TYR HB2  H N N 337 
TYR HB3  H N N 338 
TYR HD1  H N N 339 
TYR HD2  H N N 340 
TYR HE1  H N N 341 
TYR HE2  H N N 342 
TYR HH   H N N 343 
TYR HXT  H N N 344 
VAL N    N N N 345 
VAL CA   C N S 346 
VAL C    C N N 347 
VAL O    O N N 348 
VAL CB   C N N 349 
VAL CG1  C N N 350 
VAL CG2  C N N 351 
VAL OXT  O N N 352 
VAL H    H N N 353 
VAL H2   H N N 354 
VAL HA   H N N 355 
VAL HB   H N N 356 
VAL HG11 H N N 357 
VAL HG12 H N N 358 
VAL HG13 H N N 359 
VAL HG21 H N N 360 
VAL HG22 H N N 361 
VAL HG23 H N N 362 
VAL HXT  H N N 363 
# 
loop_
_chem_comp_bond.comp_id 
_chem_comp_bond.atom_id_1 
_chem_comp_bond.atom_id_2 
_chem_comp_bond.value_order 
_chem_comp_bond.pdbx_aromatic_flag 
_chem_comp_bond.pdbx_stereo_config 
_chem_comp_bond.pdbx_ordinal 
ALA N   CA   sing N N 1   
ALA N   H    sing N N 2   
ALA N   H2   sing N N 3   
ALA CA  C    sing N N 4   
ALA CA  CB   sing N N 5   
ALA CA  HA   sing N N 6   
ALA C   O    doub N N 7   
ALA C   OXT  sing N N 8   
ALA CB  HB1  sing N N 9   
ALA CB  HB2  sing N N 10  
ALA CB  HB3  sing N N 11  
ALA OXT HXT  sing N N 12  
ARG N   CA   sing N N 13  
ARG N   H    sing N N 14  
ARG N   H2   sing N N 15  
ARG CA  C    sing N N 16  
ARG CA  CB   sing N N 17  
ARG CA  HA   sing N N 18  
ARG C   O    doub N N 19  
ARG C   OXT  sing N N 20  
ARG CB  CG   sing N N 21  
ARG CB  HB2  sing N N 22  
ARG CB  HB3  sing N N 23  
ARG CG  CD   sing N N 24  
ARG CG  HG2  sing N N 25  
ARG CG  HG3  sing N N 26  
ARG CD  NE   sing N N 27  
ARG CD  HD2  sing N N 28  
ARG CD  HD3  sing N N 29  
ARG NE  CZ   sing N N 30  
ARG NE  HE   sing N N 31  
ARG CZ  NH1  sing N N 32  
ARG CZ  NH2  doub N N 33  
ARG NH1 HH11 sing N N 34  
ARG NH1 HH12 sing N N 35  
ARG NH2 HH21 sing N N 36  
ARG NH2 HH22 sing N N 37  
ARG OXT HXT  sing N N 38  
ASN N   CA   sing N N 39  
ASN N   H    sing N N 40  
ASN N   H2   sing N N 41  
ASN CA  C    sing N N 42  
ASN CA  CB   sing N N 43  
ASN CA  HA   sing N N 44  
ASN C   O    doub N N 45  
ASN C   OXT  sing N N 46  
ASN CB  CG   sing N N 47  
ASN CB  HB2  sing N N 48  
ASN CB  HB3  sing N N 49  
ASN CG  OD1  doub N N 50  
ASN CG  ND2  sing N N 51  
ASN ND2 HD21 sing N N 52  
ASN ND2 HD22 sing N N 53  
ASN OXT HXT  sing N N 54  
ASP N   CA   sing N N 55  
ASP N   H    sing N N 56  
ASP N   H2   sing N N 57  
ASP CA  C    sing N N 58  
ASP CA  CB   sing N N 59  
ASP CA  HA   sing N N 60  
ASP C   O    doub N N 61  
ASP C   OXT  sing N N 62  
ASP CB  CG   sing N N 63  
ASP CB  HB2  sing N N 64  
ASP CB  HB3  sing N N 65  
ASP CG  OD1  doub N N 66  
ASP CG  OD2  sing N N 67  
ASP OD2 HD2  sing N N 68  
ASP OXT HXT  sing N N 69  
CYS N   CA   sing N N 70  
CYS N   H    sing N N 71  
CYS N   H2   sing N N 72  
CYS CA  C    sing N N 73  
CYS CA  CB   sing N N 74  
CYS CA  HA   sing N N 75  
CYS C   O    doub N N 76  
CYS C   OXT  sing N N 77  
CYS CB  SG   sing N N 78  
CYS CB  HB2  sing N N 79  
CYS CB  HB3  sing N N 80  
CYS SG  HG   sing N N 81  
CYS OXT HXT  sing N N 82  
GLN N   CA   sing N N 83  
GLN N   H    sing N N 84  
GLN N   H2   sing N N 85  
GLN CA  C    sing N N 86  
GLN CA  CB   sing N N 87  
GLN CA  HA   sing N N 88  
GLN C   O    doub N N 89  
GLN C   OXT  sing N N 90  
GLN CB  CG   sing N N 91  
GLN CB  HB2  sing N N 92  
GLN CB  HB3  sing N N 93  
GLN CG  CD   sing N N 94  
GLN CG  HG2  sing N N 95  
GLN CG  HG3  sing N N 96  
GLN CD  OE1  doub N N 97  
GLN CD  NE2  sing N N 98  
GLN NE2 HE21 sing N N 99  
GLN NE2 HE22 sing N N 100 
GLN OXT HXT  sing N N 101 
GLU N   CA   sing N N 102 
GLU N   H    sing N N 103 
GLU N   H2   sing N N 104 
GLU CA  C    sing N N 105 
GLU CA  CB   sing N N 106 
GLU CA  HA   sing N N 107 
GLU C   O    doub N N 108 
GLU C   OXT  sing N N 109 
GLU CB  CG   sing N N 110 
GLU CB  HB2  sing N N 111 
GLU CB  HB3  sing N N 112 
GLU CG  CD   sing N N 113 
GLU CG  HG2  sing N N 114 
GLU CG  HG3  sing N N 115 
GLU CD  OE1  doub N N 116 
GLU CD  OE2  sing N N 117 
GLU OE2 HE2  sing N N 118 
GLU OXT HXT  sing N N 119 
GLY N   CA   sing N N 120 
GLY N   H    sing N N 121 
GLY N   H2   sing N N 122 
GLY CA  C    sing N N 123 
GLY CA  HA2  sing N N 124 
GLY CA  HA3  sing N N 125 
GLY C   O    doub N N 126 
GLY C   OXT  sing N N 127 
GLY OXT HXT  sing N N 128 
HIS N   CA   sing N N 129 
HIS N   H    sing N N 130 
HIS N   H2   sing N N 131 
HIS CA  C    sing N N 132 
HIS CA  CB   sing N N 133 
HIS CA  HA   sing N N 134 
HIS C   O    doub N N 135 
HIS C   OXT  sing N N 136 
HIS CB  CG   sing N N 137 
HIS CB  HB2  sing N N 138 
HIS CB  HB3  sing N N 139 
HIS CG  ND1  sing Y N 140 
HIS CG  CD2  doub Y N 141 
HIS ND1 CE1  doub Y N 142 
HIS ND1 HD1  sing N N 143 
HIS CD2 NE2  sing Y N 144 
HIS CD2 HD2  sing N N 145 
HIS CE1 NE2  sing Y N 146 
HIS CE1 HE1  sing N N 147 
HIS NE2 HE2  sing N N 148 
HIS OXT HXT  sing N N 149 
HOH O   H1   sing N N 150 
HOH O   H2   sing N N 151 
ILE N   CA   sing N N 152 
ILE N   H    sing N N 153 
ILE N   H2   sing N N 154 
ILE CA  C    sing N N 155 
ILE CA  CB   sing N N 156 
ILE CA  HA   sing N N 157 
ILE C   O    doub N N 158 
ILE C   OXT  sing N N 159 
ILE CB  CG1  sing N N 160 
ILE CB  CG2  sing N N 161 
ILE CB  HB   sing N N 162 
ILE CG1 CD1  sing N N 163 
ILE CG1 HG12 sing N N 164 
ILE CG1 HG13 sing N N 165 
ILE CG2 HG21 sing N N 166 
ILE CG2 HG22 sing N N 167 
ILE CG2 HG23 sing N N 168 
ILE CD1 HD11 sing N N 169 
ILE CD1 HD12 sing N N 170 
ILE CD1 HD13 sing N N 171 
ILE OXT HXT  sing N N 172 
LEU N   CA   sing N N 173 
LEU N   H    sing N N 174 
LEU N   H2   sing N N 175 
LEU CA  C    sing N N 176 
LEU CA  CB   sing N N 177 
LEU CA  HA   sing N N 178 
LEU C   O    doub N N 179 
LEU C   OXT  sing N N 180 
LEU CB  CG   sing N N 181 
LEU CB  HB2  sing N N 182 
LEU CB  HB3  sing N N 183 
LEU CG  CD1  sing N N 184 
LEU CG  CD2  sing N N 185 
LEU CG  HG   sing N N 186 
LEU CD1 HD11 sing N N 187 
LEU CD1 HD12 sing N N 188 
LEU CD1 HD13 sing N N 189 
LEU CD2 HD21 sing N N 190 
LEU CD2 HD22 sing N N 191 
LEU CD2 HD23 sing N N 192 
LEU OXT HXT  sing N N 193 
LYS N   CA   sing N N 194 
LYS N   H    sing N N 195 
LYS N   H2   sing N N 196 
LYS CA  C    sing N N 197 
LYS CA  CB   sing N N 198 
LYS CA  HA   sing N N 199 
LYS C   O    doub N N 200 
LYS C   OXT  sing N N 201 
LYS CB  CG   sing N N 202 
LYS CB  HB2  sing N N 203 
LYS CB  HB3  sing N N 204 
LYS CG  CD   sing N N 205 
LYS CG  HG2  sing N N 206 
LYS CG  HG3  sing N N 207 
LYS CD  CE   sing N N 208 
LYS CD  HD2  sing N N 209 
LYS CD  HD3  sing N N 210 
LYS CE  NZ   sing N N 211 
LYS CE  HE2  sing N N 212 
LYS CE  HE3  sing N N 213 
LYS NZ  HZ1  sing N N 214 
LYS NZ  HZ2  sing N N 215 
LYS NZ  HZ3  sing N N 216 
LYS OXT HXT  sing N N 217 
MET N   CA   sing N N 218 
MET N   H    sing N N 219 
MET N   H2   sing N N 220 
MET CA  C    sing N N 221 
MET CA  CB   sing N N 222 
MET CA  HA   sing N N 223 
MET C   O    doub N N 224 
MET C   OXT  sing N N 225 
MET CB  CG   sing N N 226 
MET CB  HB2  sing N N 227 
MET CB  HB3  sing N N 228 
MET CG  SD   sing N N 229 
MET CG  HG2  sing N N 230 
MET CG  HG3  sing N N 231 
MET SD  CE   sing N N 232 
MET CE  HE1  sing N N 233 
MET CE  HE2  sing N N 234 
MET CE  HE3  sing N N 235 
MET OXT HXT  sing N N 236 
PHE N   CA   sing N N 237 
PHE N   H    sing N N 238 
PHE N   H2   sing N N 239 
PHE CA  C    sing N N 240 
PHE CA  CB   sing N N 241 
PHE CA  HA   sing N N 242 
PHE C   O    doub N N 243 
PHE C   OXT  sing N N 244 
PHE CB  CG   sing N N 245 
PHE CB  HB2  sing N N 246 
PHE CB  HB3  sing N N 247 
PHE CG  CD1  doub Y N 248 
PHE CG  CD2  sing Y N 249 
PHE CD1 CE1  sing Y N 250 
PHE CD1 HD1  sing N N 251 
PHE CD2 CE2  doub Y N 252 
PHE CD2 HD2  sing N N 253 
PHE CE1 CZ   doub Y N 254 
PHE CE1 HE1  sing N N 255 
PHE CE2 CZ   sing Y N 256 
PHE CE2 HE2  sing N N 257 
PHE CZ  HZ   sing N N 258 
PHE OXT HXT  sing N N 259 
PRO N   CA   sing N N 260 
PRO N   CD   sing N N 261 
PRO N   H    sing N N 262 
PRO CA  C    sing N N 263 
PRO CA  CB   sing N N 264 
PRO CA  HA   sing N N 265 
PRO C   O    doub N N 266 
PRO C   OXT  sing N N 267 
PRO CB  CG   sing N N 268 
PRO CB  HB2  sing N N 269 
PRO CB  HB3  sing N N 270 
PRO CG  CD   sing N N 271 
PRO CG  HG2  sing N N 272 
PRO CG  HG3  sing N N 273 
PRO CD  HD2  sing N N 274 
PRO CD  HD3  sing N N 275 
PRO OXT HXT  sing N N 276 
SER N   CA   sing N N 277 
SER N   H    sing N N 278 
SER N   H2   sing N N 279 
SER CA  C    sing N N 280 
SER CA  CB   sing N N 281 
SER CA  HA   sing N N 282 
SER C   O    doub N N 283 
SER C   OXT  sing N N 284 
SER CB  OG   sing N N 285 
SER CB  HB2  sing N N 286 
SER CB  HB3  sing N N 287 
SER OG  HG   sing N N 288 
SER OXT HXT  sing N N 289 
THR N   CA   sing N N 290 
THR N   H    sing N N 291 
THR N   H2   sing N N 292 
THR CA  C    sing N N 293 
THR CA  CB   sing N N 294 
THR CA  HA   sing N N 295 
THR C   O    doub N N 296 
THR C   OXT  sing N N 297 
THR CB  OG1  sing N N 298 
THR CB  CG2  sing N N 299 
THR CB  HB   sing N N 300 
THR OG1 HG1  sing N N 301 
THR CG2 HG21 sing N N 302 
THR CG2 HG22 sing N N 303 
THR CG2 HG23 sing N N 304 
THR OXT HXT  sing N N 305 
TYR N   CA   sing N N 306 
TYR N   H    sing N N 307 
TYR N   H2   sing N N 308 
TYR CA  C    sing N N 309 
TYR CA  CB   sing N N 310 
TYR CA  HA   sing N N 311 
TYR C   O    doub N N 312 
TYR C   OXT  sing N N 313 
TYR CB  CG   sing N N 314 
TYR CB  HB2  sing N N 315 
TYR CB  HB3  sing N N 316 
TYR CG  CD1  doub Y N 317 
TYR CG  CD2  sing Y N 318 
TYR CD1 CE1  sing Y N 319 
TYR CD1 HD1  sing N N 320 
TYR CD2 CE2  doub Y N 321 
TYR CD2 HD2  sing N N 322 
TYR CE1 CZ   doub Y N 323 
TYR CE1 HE1  sing N N 324 
TYR CE2 CZ   sing Y N 325 
TYR CE2 HE2  sing N N 326 
TYR CZ  OH   sing N N 327 
TYR OH  HH   sing N N 328 
TYR OXT HXT  sing N N 329 
VAL N   CA   sing N N 330 
VAL N   H    sing N N 331 
VAL N   H2   sing N N 332 
VAL CA  C    sing N N 333 
VAL CA  CB   sing N N 334 
VAL CA  HA   sing N N 335 
VAL C   O    doub N N 336 
VAL C   OXT  sing N N 337 
VAL CB  CG1  sing N N 338 
VAL CB  CG2  sing N N 339 
VAL CB  HB   sing N N 340 
VAL CG1 HG11 sing N N 341 
VAL CG1 HG12 sing N N 342 
VAL CG1 HG13 sing N N 343 
VAL CG2 HG21 sing N N 344 
VAL CG2 HG22 sing N N 345 
VAL CG2 HG23 sing N N 346 
VAL OXT HXT  sing N N 347 
# 
_atom_sites.entry_id                    2QWT 
_atom_sites.fract_transf_matrix[1][1]   -0.00854945 
_atom_sites.fract_transf_matrix[1][2]   0.01220840 
_atom_sites.fract_transf_matrix[1][3]   0.00892653 
_atom_sites.fract_transf_matrix[2][1]   -0.00245415 
_atom_sites.fract_transf_matrix[2][2]   -0.01123810 
_atom_sites.fract_transf_matrix[2][3]   0.01301935 
_atom_sites.fract_transf_matrix[3][1]   0.00873683 
_atom_sites.fract_transf_matrix[3][2]   0.00301271 
_atom_sites.fract_transf_matrix[3][3]   0.00424742 
_atom_sites.fract_transf_vector[1]      0.188622 
_atom_sites.fract_transf_vector[2]      0.167802 
_atom_sites.fract_transf_vector[3]      0.114897 
# 
loop_
_atom_type.symbol 
C 
N 
O 
S 
# 
loop_
_atom_site.group_PDB 
_atom_site.id 
_atom_site.type_symbol 
_atom_site.label_atom_id 
_atom_site.label_alt_id 
_atom_site.label_comp_id 
_atom_site.label_asym_id 
_atom_site.label_entity_id 
_atom_site.label_seq_id 
_atom_site.pdbx_PDB_ins_code 
_atom_site.Cartn_x 
_atom_site.Cartn_y 
_atom_site.Cartn_z 
_atom_site.occupancy 
_atom_site.B_iso_or_equiv 
_atom_site.pdbx_formal_charge 
_atom_site.auth_seq_id 
_atom_site.auth_comp_id 
_atom_site.auth_asym_id 
_atom_site.auth_atom_id 
_atom_site.pdbx_PDB_model_num 
ATOM   1    N N   . PRO A 1 6   ? -24.450 -7.741  11.158  1.00 73.51 ? 4   PRO A N   1 
ATOM   2    C CA  . PRO A 1 6   ? -24.043 -7.518  12.555  1.00 73.92 ? 4   PRO A CA  1 
ATOM   3    C C   . PRO A 1 6   ? -22.911 -8.488  12.992  1.00 73.65 ? 4   PRO A C   1 
ATOM   4    O O   . PRO A 1 6   ? -21.826 -8.034  13.403  1.00 73.46 ? 4   PRO A O   1 
ATOM   5    C CB  . PRO A 1 6   ? -25.347 -7.741  13.378  1.00 73.73 ? 4   PRO A CB  1 
ATOM   6    C CG  . PRO A 1 6   ? -26.431 -8.026  12.381  1.00 74.20 ? 4   PRO A CG  1 
ATOM   7    C CD  . PRO A 1 6   ? -25.756 -8.417  11.065  1.00 74.48 ? 4   PRO A CD  1 
ATOM   8    N N   . LEU A 1 7   ? -23.176 -9.799  12.919  1.00 72.82 ? 5   LEU A N   1 
ATOM   9    C CA  . LEU A 1 7   ? -22.110 -10.794 12.990  1.00 71.82 ? 5   LEU A CA  1 
ATOM   10   C C   . LEU A 1 7   ? -21.279 -10.737 11.699  1.00 71.14 ? 5   LEU A C   1 
ATOM   11   O O   . LEU A 1 7   ? -20.080 -11.053 11.731  1.00 70.82 ? 5   LEU A O   1 
ATOM   12   C CB  . LEU A 1 7   ? -22.661 -12.194 13.203  1.00 71.28 ? 5   LEU A CB  1 
ATOM   13   C CG  . LEU A 1 7   ? -23.094 -12.594 14.613  1.00 71.31 ? 5   LEU A CG  1 
ATOM   14   C CD1 . LEU A 1 7   ? -23.846 -13.906 14.556  1.00 68.28 ? 5   LEU A CD1 1 
ATOM   15   C CD2 . LEU A 1 7   ? -21.911 -12.678 15.563  1.00 69.52 ? 5   LEU A CD2 1 
ATOM   16   N N   . ARG A 1 8   ? -21.924 -10.334 10.592  1.00 70.41 ? 6   ARG A N   1 
ATOM   17   C CA  . ARG A 1 8   ? -21.242 -10.009 9.338   1.00 70.88 ? 6   ARG A CA  1 
ATOM   18   C C   . ARG A 1 8   ? -20.161 -8.968  9.652   1.00 71.03 ? 6   ARG A C   1 
ATOM   19   O O   . ARG A 1 8   ? -18.982 -9.109  9.246   1.00 70.67 ? 6   ARG A O   1 
ATOM   20   C CB  . ARG A 1 8   ? -22.186 -9.329  8.343   1.00 71.06 ? 6   ARG A CB  1 
ATOM   21   C CG  . ARG A 1 8   ? -23.204 -10.137 7.591   1.00 73.13 ? 6   ARG A CG  1 
ATOM   22   C CD  . ARG A 1 8   ? -23.580 -9.378  6.279   1.00 76.22 ? 6   ARG A CD  1 
ATOM   23   N NE  . ARG A 1 8   ? -24.985 -9.512  5.855   1.00 78.12 ? 6   ARG A NE  1 
ATOM   24   C CZ  . ARG A 1 8   ? -26.034 -8.947  6.475   1.00 79.88 ? 6   ARG A CZ  1 
ATOM   25   N NH1 . ARG A 1 8   ? -27.264 -9.105  5.984   1.00 78.10 ? 6   ARG A NH1 1 
ATOM   26   N NH2 . ARG A 1 8   ? -25.869 -8.217  7.591   1.00 80.23 ? 6   ARG A NH2 1 
ATOM   27   N N   . ALA A 1 9   ? -20.591 -7.932  10.391  1.00 70.34 ? 7   ALA A N   1 
ATOM   28   C CA  . ALA A 1 9   ? -19.775 -6.740  10.652  1.00 70.05 ? 7   ALA A CA  1 
ATOM   29   C C   . ALA A 1 9   ? -18.731 -6.966  11.715  1.00 69.76 ? 7   ALA A C   1 
ATOM   30   O O   . ALA A 1 9   ? -17.672 -6.346  11.661  1.00 69.44 ? 7   ALA A O   1 
ATOM   31   C CB  . ALA A 1 9   ? -20.635 -5.545  10.982  1.00 69.49 ? 7   ALA A CB  1 
ATOM   32   N N   . ASP A 1 10  ? -19.030 -7.849  12.669  1.00 69.71 ? 8   ASP A N   1 
ATOM   33   C CA  . ASP A 1 10  ? -18.008 -8.384  13.584  1.00 70.09 ? 8   ASP A CA  1 
ATOM   34   C C   . ASP A 1 10  ? -16.861 -9.024  12.796  1.00 69.05 ? 8   ASP A C   1 
ATOM   35   O O   . ASP A 1 10  ? -15.695 -8.678  13.019  1.00 68.85 ? 8   ASP A O   1 
ATOM   36   C CB  . ASP A 1 10  ? -18.600 -9.416  14.551  1.00 70.63 ? 8   ASP A CB  1 
ATOM   37   C CG  . ASP A 1 10  ? -18.218 -9.147  16.006  1.00 73.79 ? 8   ASP A CG  1 
ATOM   38   O OD1 . ASP A 1 10  ? -17.075 -9.489  16.426  1.00 75.74 ? 8   ASP A OD1 1 
ATOM   39   O OD2 . ASP A 1 10  ? -19.082 -8.569  16.734  1.00 78.53 ? 8   ASP A OD2 1 
ATOM   40   N N   . ALA A 1 11  ? -17.213 -9.930  11.876  1.00 68.25 ? 9   ALA A N   1 
ATOM   41   C CA  . ALA A 1 11  ? -16.247 -10.634 11.018  1.00 68.14 ? 9   ALA A CA  1 
ATOM   42   C C   . ALA A 1 11  ? -15.434 -9.641  10.219  1.00 68.21 ? 9   ALA A C   1 
ATOM   43   O O   . ALA A 1 11  ? -14.197 -9.729  10.204  1.00 68.53 ? 9   ALA A O   1 
ATOM   44   C CB  . ALA A 1 11  ? -16.936 -11.621 10.087  1.00 67.68 ? 9   ALA A CB  1 
ATOM   45   N N   . ALA A 1 12  ? -16.129 -8.685  9.592   1.00 67.86 ? 10  ALA A N   1 
ATOM   46   C CA  . ALA A 1 12  ? -15.481 -7.629  8.827   1.00 67.73 ? 10  ALA A CA  1 
ATOM   47   C C   . ALA A 1 12  ? -14.510 -6.825  9.682   1.00 67.70 ? 10  ALA A C   1 
ATOM   48   O O   . ALA A 1 12  ? -13.420 -6.513  9.230   1.00 67.70 ? 10  ALA A O   1 
ATOM   49   C CB  . ALA A 1 12  ? -16.507 -6.715  8.165   1.00 67.61 ? 10  ALA A CB  1 
ATOM   50   N N   . ARG A 1 13  ? -14.897 -6.496  10.912  1.00 67.64 ? 11  ARG A N   1 
ATOM   51   C CA  . ARG A 1 13  ? -13.976 -5.827  11.808  1.00 68.29 ? 11  ARG A CA  1 
ATOM   52   C C   . ARG A 1 13  ? -12.833 -6.765  12.119  1.00 67.02 ? 11  ARG A C   1 
ATOM   53   O O   . ARG A 1 13  ? -11.666 -6.324  12.245  1.00 66.58 ? 11  ARG A O   1 
ATOM   54   C CB  . ARG A 1 13  ? -14.572 -5.447  13.166  1.00 68.29 ? 11  ARG A CB  1 
ATOM   55   C CG  . ARG A 1 13  ? -15.969 -4.823  13.258  1.00 70.93 ? 11  ARG A CG  1 
ATOM   56   C CD  . ARG A 1 13  ? -16.215 -4.493  14.749  1.00 71.58 ? 11  ARG A CD  1 
ATOM   57   N NE  . ARG A 1 13  ? -15.525 -5.489  15.576  1.00 77.42 ? 11  ARG A NE  1 
ATOM   58   C CZ  . ARG A 1 13  ? -16.119 -6.351  16.390  1.00 79.18 ? 11  ARG A CZ  1 
ATOM   59   N NH1 . ARG A 1 13  ? -15.378 -7.235  17.048  1.00 79.71 ? 11  ARG A NH1 1 
ATOM   60   N NH2 . ARG A 1 13  ? -17.441 -6.319  16.563  1.00 80.12 ? 11  ARG A NH2 1 
ATOM   61   N N   . ASN A 1 14  ? -13.160 -8.052  12.298  1.00 65.61 ? 12  ASN A N   1 
ATOM   62   C CA  . ASN A 1 14  ? -12.134 -8.947  12.819  1.00 64.10 ? 12  ASN A CA  1 
ATOM   63   C C   . ASN A 1 14  ? -11.043 -9.159  11.796  1.00 62.66 ? 12  ASN A C   1 
ATOM   64   O O   . ASN A 1 14  ? -9.880  -9.074  12.136  1.00 62.32 ? 12  ASN A O   1 
ATOM   65   C CB  . ASN A 1 14  ? -12.676 -10.277 13.345  1.00 63.61 ? 12  ASN A CB  1 
ATOM   66   C CG  . ASN A 1 14  ? -13.405 -10.124 14.671  1.00 64.37 ? 12  ASN A CG  1 
ATOM   67   O OD1 . ASN A 1 14  ? -12.950 -9.409  15.582  1.00 62.35 ? 12  ASN A OD1 1 
ATOM   68   N ND2 . ASN A 1 14  ? -14.567 -10.781 14.781  1.00 63.70 ? 12  ASN A ND2 1 
ATOM   69   N N   . ARG A 1 15  ? -11.421 -9.391  10.547  1.00 60.83 ? 13  ARG A N   1 
ATOM   70   C CA  . ARG A 1 15  ? -10.417 -9.659  9.547   1.00 60.39 ? 13  ARG A CA  1 
ATOM   71   C C   . ARG A 1 15  ? -9.568  -8.461  9.157   1.00 59.95 ? 13  ARG A C   1 
ATOM   72   O O   . ARG A 1 15  ? -8.359  -8.632  8.909   1.00 59.63 ? 13  ARG A O   1 
ATOM   73   C CB  . ARG A 1 15  ? -10.956 -10.472 8.379   1.00 60.65 ? 13  ARG A CB  1 
ATOM   74   C CG  . ARG A 1 15  ? -11.612 -9.782  7.274   1.00 63.20 ? 13  ARG A CG  1 
ATOM   75   C CD  . ARG A 1 15  ? -11.726 -10.796 6.137   1.00 65.37 ? 13  ARG A CD  1 
ATOM   76   N NE  . ARG A 1 15  ? -10.793 -10.517 5.035   1.00 70.13 ? 13  ARG A NE  1 
ATOM   77   C CZ  . ARG A 1 15  ? -10.355 -11.435 4.151   1.00 70.75 ? 13  ARG A CZ  1 
ATOM   78   N NH1 . ARG A 1 15  ? -10.723 -12.716 4.266   1.00 67.46 ? 13  ARG A NH1 1 
ATOM   79   N NH2 . ARG A 1 15  ? -9.524  -11.074 3.157   1.00 67.76 ? 13  ARG A NH2 1 
ATOM   80   N N   . ALA A 1 16  ? -10.171 -7.262  9.195   1.00 58.53 ? 14  ALA A N   1 
ATOM   81   C CA  . ALA A 1 16  ? -9.455  -6.018  9.001   1.00 58.23 ? 14  ALA A CA  1 
ATOM   82   C C   . ALA A 1 16  ? -8.468  -5.794  10.134  1.00 58.35 ? 14  ALA A C   1 
ATOM   83   O O   . ALA A 1 16  ? -7.321  -5.398  9.900   1.00 57.74 ? 14  ALA A O   1 
ATOM   84   C CB  . ALA A 1 16  ? -10.423 -4.819  8.860   1.00 58.10 ? 14  ALA A CB  1 
ATOM   85   N N   . ARG A 1 17  ? -8.887  -6.089  11.358  1.00 57.72 ? 15  ARG A N   1 
ATOM   86   C CA  . ARG A 1 17  ? -7.944  -6.081  12.481  1.00 57.84 ? 15  ARG A CA  1 
ATOM   87   C C   . ARG A 1 17  ? -6.748  -6.996  12.197  1.00 55.59 ? 15  ARG A C   1 
ATOM   88   O O   . ARG A 1 17  ? -5.587  -6.605  12.344  1.00 55.34 ? 15  ARG A O   1 
ATOM   89   C CB  . ARG A 1 17  ? -8.641  -6.525  13.788  1.00 56.71 ? 15  ARG A CB  1 
ATOM   90   C CG  . ARG A 1 17  ? -7.935  -6.128  15.051  1.00 59.24 ? 15  ARG A CG  1 
ATOM   91   C CD  . ARG A 1 17  ? -8.955  -5.951  16.276  1.00 62.50 ? 15  ARG A CD  1 
ATOM   92   N NE  . ARG A 1 17  ? -10.160 -6.799  16.167  1.00 71.60 ? 15  ARG A NE  1 
ATOM   93   C CZ  . ARG A 1 17  ? -11.416 -6.367  16.349  1.00 74.86 ? 15  ARG A CZ  1 
ATOM   94   N NH1 . ARG A 1 17  ? -11.662 -5.094  16.682  1.00 76.72 ? 15  ARG A NH1 1 
ATOM   95   N NH2 . ARG A 1 17  ? -12.429 -7.211  16.208  1.00 76.11 ? 15  ARG A NH2 1 
ATOM   96   N N   . VAL A 1 18  ? -7.037  -8.235  11.840  1.00 55.16 ? 16  VAL A N   1 
ATOM   97   C CA  . VAL A 1 18  ? -5.984  -9.230  11.639  1.00 55.09 ? 16  VAL A CA  1 
ATOM   98   C C   . VAL A 1 18  ? -5.030  -8.777  10.517  1.00 54.92 ? 16  VAL A C   1 
ATOM   99   O O   . VAL A 1 18  ? -3.801  -8.881  10.676  1.00 54.25 ? 16  VAL A O   1 
ATOM   100  C CB  . VAL A 1 18  ? -6.564  -10.628 11.331  1.00 54.97 ? 16  VAL A CB  1 
ATOM   101  C CG1 . VAL A 1 18  ? -5.464  -11.657 11.153  1.00 56.03 ? 16  VAL A CG1 1 
ATOM   102  C CG2 . VAL A 1 18  ? -7.460  -11.087 12.483  1.00 56.45 ? 16  VAL A CG2 1 
ATOM   103  N N   . LEU A 1 19  ? -5.603  -8.291  9.399   1.00 54.92 ? 17  LEU A N   1 
ATOM   104  C CA  . LEU A 1 19  ? -4.804  -7.868  8.216   1.00 55.19 ? 17  LEU A CA  1 
ATOM   105  C C   . LEU A 1 19  ? -3.858  -6.776  8.613   1.00 55.74 ? 17  LEU A C   1 
ATOM   106  O O   . LEU A 1 19  ? -2.694  -6.844  8.249   1.00 56.13 ? 17  LEU A O   1 
ATOM   107  C CB  . LEU A 1 19  ? -5.657  -7.441  6.999   1.00 54.81 ? 17  LEU A CB  1 
ATOM   108  C CG  . LEU A 1 19  ? -6.508  -8.510  6.275   1.00 53.67 ? 17  LEU A CG  1 
ATOM   109  C CD1 . LEU A 1 19  ? -7.295  -8.047  5.023   1.00 49.58 ? 17  LEU A CD1 1 
ATOM   110  C CD2 . LEU A 1 19  ? -5.684  -9.674  5.944   1.00 51.73 ? 17  LEU A CD2 1 
ATOM   111  N N   . GLU A 1 20  ? -4.325  -5.826  9.423   1.00 56.62 ? 18  GLU A N   1 
ATOM   112  C CA  . GLU A 1 20  ? -3.508  -4.659  9.762   1.00 58.14 ? 18  GLU A CA  1 
ATOM   113  C C   . GLU A 1 20  ? -2.378  -5.049  10.708  1.00 57.33 ? 18  GLU A C   1 
ATOM   114  O O   . GLU A 1 20  ? -1.230  -4.649  10.525  1.00 56.59 ? 18  GLU A O   1 
ATOM   115  C CB  . GLU A 1 20  ? -4.350  -3.448  10.250  1.00 58.68 ? 18  GLU A CB  1 
ATOM   116  C CG  . GLU A 1 20  ? -4.373  -3.215  11.742  1.00 64.82 ? 18  GLU A CG  1 
ATOM   117  C CD  . GLU A 1 20  ? -4.179  -1.718  12.137  1.00 71.15 ? 18  GLU A CD  1 
ATOM   118  O OE1 . GLU A 1 20  ? -5.186  -0.967  12.236  1.00 69.67 ? 18  GLU A OE1 1 
ATOM   119  O OE2 . GLU A 1 20  ? -3.008  -1.318  12.384  1.00 74.66 ? 18  GLU A OE2 1 
ATOM   120  N N   . VAL A 1 21  ? -2.705  -5.894  11.688  1.00 57.35 ? 19  VAL A N   1 
ATOM   121  C CA  . VAL A 1 21  ? -1.697  -6.487  12.557  1.00 55.78 ? 19  VAL A CA  1 
ATOM   122  C C   . VAL A 1 21  ? -0.686  -7.317  11.750  1.00 54.79 ? 19  VAL A C   1 
ATOM   123  O O   . VAL A 1 21  ? 0.516   -7.233  12.006  1.00 54.02 ? 19  VAL A O   1 
ATOM   124  C CB  . VAL A 1 21  ? -2.351  -7.335  13.674  1.00 56.76 ? 19  VAL A CB  1 
ATOM   125  C CG1 . VAL A 1 21  ? -1.283  -7.959  14.566  1.00 58.25 ? 19  VAL A CG1 1 
ATOM   126  C CG2 . VAL A 1 21  ? -3.325  -6.462  14.553  1.00 57.50 ? 19  VAL A CG2 1 
ATOM   127  N N   . ALA A 1 22  ? -1.165  -8.124  10.792  1.00 52.82 ? 20  ALA A N   1 
ATOM   128  C CA  . ALA A 1 22  ? -0.260  -8.977  9.994   1.00 51.54 ? 20  ALA A CA  1 
ATOM   129  C C   . ALA A 1 22  ? 0.664   -8.081  9.126   1.00 50.77 ? 20  ALA A C   1 
ATOM   130  O O   . ALA A 1 22  ? 1.852   -8.330  9.006   1.00 50.27 ? 20  ALA A O   1 
ATOM   131  C CB  . ALA A 1 22  ? -1.043  -9.940  9.146   1.00 50.74 ? 20  ALA A CB  1 
ATOM   132  N N   . TYR A 1 23  ? 0.105   -7.005  8.588   1.00 50.44 ? 21  TYR A N   1 
ATOM   133  C CA  . TYR A 1 23  ? 0.881   -6.031  7.838   1.00 50.86 ? 21  TYR A CA  1 
ATOM   134  C C   . TYR A 1 23  ? 2.049   -5.516  8.663   1.00 51.45 ? 21  TYR A C   1 
ATOM   135  O O   . TYR A 1 23  ? 3.197   -5.564  8.202   1.00 50.92 ? 21  TYR A O   1 
ATOM   136  C CB  . TYR A 1 23  ? 0.005   -4.877  7.306   1.00 50.39 ? 21  TYR A CB  1 
ATOM   137  C CG  . TYR A 1 23  ? 0.837   -3.870  6.523   1.00 51.94 ? 21  TYR A CG  1 
ATOM   138  C CD1 . TYR A 1 23  ? 1.254   -4.138  5.189   1.00 51.64 ? 21  TYR A CD1 1 
ATOM   139  C CD2 . TYR A 1 23  ? 1.271   -2.674  7.123   1.00 51.88 ? 21  TYR A CD2 1 
ATOM   140  C CE1 . TYR A 1 23  ? 2.075   -3.234  4.472   1.00 51.42 ? 21  TYR A CE1 1 
ATOM   141  C CE2 . TYR A 1 23  ? 2.045   -1.737  6.401   1.00 53.42 ? 21  TYR A CE2 1 
ATOM   142  C CZ  . TYR A 1 23  ? 2.451   -2.034  5.088   1.00 52.74 ? 21  TYR A CZ  1 
ATOM   143  O OH  . TYR A 1 23  ? 3.218   -1.116  4.419   1.00 54.69 ? 21  TYR A OH  1 
ATOM   144  N N   . ASP A 1 24  ? 1.749   -5.066  9.890   1.00 51.83 ? 22  ASP A N   1 
ATOM   145  C CA  . ASP A 1 24  ? 2.727   -4.539  10.822  1.00 53.24 ? 22  ASP A CA  1 
ATOM   146  C C   . ASP A 1 24  ? 3.740   -5.597  11.227  1.00 53.72 ? 22  ASP A C   1 
ATOM   147  O O   . ASP A 1 24  ? 4.950   -5.320  11.355  1.00 53.85 ? 22  ASP A O   1 
ATOM   148  C CB  . ASP A 1 24  ? 2.019   -3.959  12.099  1.00 55.35 ? 22  ASP A CB  1 
ATOM   149  C CG  . ASP A 1 24  ? 1.068   -2.757  11.791  1.00 58.28 ? 22  ASP A CG  1 
ATOM   150  O OD1 . ASP A 1 24  ? 1.135   -2.124  10.708  1.00 61.75 ? 22  ASP A OD1 1 
ATOM   151  O OD2 . ASP A 1 24  ? 0.211   -2.447  12.643  1.00 66.20 ? 22  ASP A OD2 1 
ATOM   152  N N   . THR A 1 25  ? 3.259   -6.819  11.444  1.00 54.02 ? 23  THR A N   1 
ATOM   153  C CA  . THR A 1 25  ? 4.143   -7.931  11.784  1.00 53.92 ? 23  THR A CA  1 
ATOM   154  C C   . THR A 1 25  ? 5.048   -8.284  10.610  1.00 54.34 ? 23  THR A C   1 
ATOM   155  O O   . THR A 1 25  ? 6.241   -8.516  10.789  1.00 53.63 ? 23  THR A O   1 
ATOM   156  C CB  . THR A 1 25  ? 3.347   -9.158  12.186  1.00 53.73 ? 23  THR A CB  1 
ATOM   157  O OG1 . THR A 1 25  ? 2.553   -8.833  13.311  1.00 54.53 ? 23  THR A OG1 1 
ATOM   158  C CG2 . THR A 1 25  ? 4.275   -10.274 12.578  1.00 53.46 ? 23  THR A CG2 1 
ATOM   159  N N   . PHE A 1 26  ? 4.478   -8.325  9.409   1.00 54.91 ? 24  PHE A N   1 
ATOM   160  C CA  . PHE A 1 26  ? 5.298   -8.608  8.239   1.00 56.16 ? 24  PHE A CA  1 
ATOM   161  C C   . PHE A 1 26  ? 6.344   -7.509  8.083   1.00 57.95 ? 24  PHE A C   1 
ATOM   162  O O   . PHE A 1 26  ? 7.496   -7.781  7.773   1.00 58.95 ? 24  PHE A O   1 
ATOM   163  C CB  . PHE A 1 26  ? 4.453   -8.811  6.964   1.00 54.69 ? 24  PHE A CB  1 
ATOM   164  C CG  . PHE A 1 26  ? 3.530   -9.979  7.052   1.00 53.19 ? 24  PHE A CG  1 
ATOM   165  C CD1 . PHE A 1 26  ? 3.880   -11.104 7.784   1.00 50.95 ? 24  PHE A CD1 1 
ATOM   166  C CD2 . PHE A 1 26  ? 2.309   -9.964  6.436   1.00 54.84 ? 24  PHE A CD2 1 
ATOM   167  C CE1 . PHE A 1 26  ? 3.041   -12.163 7.886   1.00 47.09 ? 24  PHE A CE1 1 
ATOM   168  C CE2 . PHE A 1 26  ? 1.450   -11.067 6.554   1.00 49.76 ? 24  PHE A CE2 1 
ATOM   169  C CZ  . PHE A 1 26  ? 1.847   -12.144 7.273   1.00 50.76 ? 24  PHE A CZ  1 
ATOM   170  N N   . ALA A 1 27  ? 5.953   -6.277  8.367   1.00 59.62 ? 25  ALA A N   1 
ATOM   171  C CA  . ALA A 1 27  ? 6.831   -5.153  8.098   1.00 61.32 ? 25  ALA A CA  1 
ATOM   172  C C   . ALA A 1 27  ? 8.059   -5.296  8.983   1.00 62.48 ? 25  ALA A C   1 
ATOM   173  O O   . ALA A 1 27  ? 9.181   -5.383  8.485   1.00 63.23 ? 25  ALA A O   1 
ATOM   174  C CB  . ALA A 1 27  ? 6.099   -3.801  8.320   1.00 60.18 ? 25  ALA A CB  1 
ATOM   175  N N   . ALA A 1 28  ? 7.824   -5.414  10.286  1.00 63.82 ? 26  ALA A N   1 
ATOM   176  C CA  . ALA A 1 28  ? 8.874   -5.344  11.267  1.00 64.32 ? 26  ALA A CA  1 
ATOM   177  C C   . ALA A 1 28  ? 9.607   -6.679  11.509  1.00 64.71 ? 26  ALA A C   1 
ATOM   178  O O   . ALA A 1 28  ? 10.854  -6.720  11.438  1.00 65.37 ? 26  ALA A O   1 
ATOM   179  C CB  . ALA A 1 28  ? 8.311   -4.764  12.572  1.00 65.07 ? 26  ALA A CB  1 
ATOM   180  N N   . GLU A 1 29  ? 8.872   -7.763  11.784  1.00 64.19 ? 27  GLU A N   1 
ATOM   181  C CA  . GLU A 1 29  ? 9.544   -9.050  12.113  1.00 63.67 ? 27  GLU A CA  1 
ATOM   182  C C   . GLU A 1 29  ? 9.574   -10.077 10.986  1.00 62.70 ? 27  GLU A C   1 
ATOM   183  O O   . GLU A 1 29  ? 10.515  -10.857 10.901  1.00 62.97 ? 27  GLU A O   1 
ATOM   184  C CB  . GLU A 1 29  ? 8.996   -9.727  13.405  1.00 64.30 ? 27  GLU A CB  1 
ATOM   185  C CG  . GLU A 1 29  ? 9.023   -8.903  14.718  1.00 65.26 ? 27  GLU A CG  1 
ATOM   186  C CD  . GLU A 1 29  ? 7.603   -8.577  15.271  1.00 68.30 ? 27  GLU A CD  1 
ATOM   187  O OE1 . GLU A 1 29  ? 7.258   -9.084  16.356  1.00 67.10 ? 27  GLU A OE1 1 
ATOM   188  O OE2 . GLU A 1 29  ? 6.826   -7.809  14.644  1.00 71.89 ? 27  GLU A OE2 1 
ATOM   189  N N   . GLY A 1 30  ? 8.529   -10.128 10.161  1.00 61.80 ? 28  GLY A N   1 
ATOM   190  C CA  . GLY A 1 30  ? 8.486   -11.087 9.054   1.00 60.74 ? 28  GLY A CA  1 
ATOM   191  C C   . GLY A 1 30  ? 7.636   -12.313 9.306   1.00 60.36 ? 28  GLY A C   1 
ATOM   192  O O   . GLY A 1 30  ? 6.647   -12.245 10.058  1.00 61.31 ? 28  GLY A O   1 
ATOM   193  N N   . LEU A 1 31  ? 8.022   -13.426 8.675   1.00 59.19 ? 29  LEU A N   1 
ATOM   194  C CA  . LEU A 1 31  ? 7.281   -14.693 8.704   1.00 57.91 ? 29  LEU A CA  1 
ATOM   195  C C   . LEU A 1 31  ? 7.598   -15.588 9.906   1.00 58.20 ? 29  LEU A C   1 
ATOM   196  O O   . LEU A 1 31  ? 6.968   -16.634 10.087  1.00 57.99 ? 29  LEU A O   1 
ATOM   197  C CB  . LEU A 1 31  ? 7.554   -15.500 7.437   1.00 57.16 ? 29  LEU A CB  1 
ATOM   198  C CG  . LEU A 1 31  ? 7.316   -14.840 6.080   1.00 56.65 ? 29  LEU A CG  1 
ATOM   199  C CD1 . LEU A 1 31  ? 7.721   -15.849 4.984   1.00 53.77 ? 29  LEU A CD1 1 
ATOM   200  C CD2 . LEU A 1 31  ? 5.842   -14.389 5.997   1.00 54.09 ? 29  LEU A CD2 1 
ATOM   201  N N   . GLY A 1 32  ? 8.586   -15.197 10.699  1.00 57.81 ? 30  GLY A N   1 
ATOM   202  C CA  . GLY A 1 32  ? 8.875   -15.901 11.939  1.00 58.63 ? 30  GLY A CA  1 
ATOM   203  C C   . GLY A 1 32  ? 7.826   -15.864 13.041  1.00 58.77 ? 30  GLY A C   1 
ATOM   204  O O   . GLY A 1 32  ? 7.797   -16.749 13.884  1.00 59.62 ? 30  GLY A O   1 
ATOM   205  N N   . VAL A 1 33  ? 6.960   -14.855 13.044  1.00 58.74 ? 31  VAL A N   1 
ATOM   206  C CA  . VAL A 1 33  ? 5.942   -14.692 14.097  1.00 57.22 ? 31  VAL A CA  1 
ATOM   207  C C   . VAL A 1 33  ? 4.771   -15.670 13.898  1.00 57.77 ? 31  VAL A C   1 
ATOM   208  O O   . VAL A 1 33  ? 4.152   -15.738 12.824  1.00 56.49 ? 31  VAL A O   1 
ATOM   209  C CB  . VAL A 1 33  ? 5.455   -13.208 14.204  1.00 57.42 ? 31  VAL A CB  1 
ATOM   210  C CG1 . VAL A 1 33  ? 4.390   -13.001 15.326  1.00 56.12 ? 31  VAL A CG1 1 
ATOM   211  C CG2 . VAL A 1 33  ? 6.641   -12.273 14.420  1.00 55.24 ? 31  VAL A CG2 1 
ATOM   212  N N   . PRO A 1 34  ? 4.455   -16.438 14.950  1.00 57.71 ? 32  PRO A N   1 
ATOM   213  C CA  . PRO A 1 34  ? 3.370   -17.402 14.793  1.00 57.93 ? 32  PRO A CA  1 
ATOM   214  C C   . PRO A 1 34  ? 2.016   -16.747 14.606  1.00 57.85 ? 32  PRO A C   1 
ATOM   215  O O   . PRO A 1 34  ? 1.773   -15.656 15.091  1.00 57.59 ? 32  PRO A O   1 
ATOM   216  C CB  . PRO A 1 34  ? 3.402   -18.240 16.093  1.00 58.85 ? 32  PRO A CB  1 
ATOM   217  C CG  . PRO A 1 34  ? 4.426   -17.614 17.007  1.00 59.08 ? 32  PRO A CG  1 
ATOM   218  C CD  . PRO A 1 34  ? 5.108   -16.465 16.272  1.00 57.74 ? 32  PRO A CD  1 
ATOM   219  N N   . MET A 1 35  ? 1.145   -17.448 13.905  1.00 58.73 ? 33  MET A N   1 
ATOM   220  C CA  . MET A 1 35  ? -0.241  -17.063 13.721  1.00 59.92 ? 33  MET A CA  1 
ATOM   221  C C   . MET A 1 35  ? -0.936  -16.798 15.059  1.00 61.37 ? 33  MET A C   1 
ATOM   222  O O   . MET A 1 35  ? -1.793  -15.914 15.121  1.00 61.77 ? 33  MET A O   1 
ATOM   223  C CB  . MET A 1 35  ? -0.998  -18.180 12.981  1.00 59.29 ? 33  MET A CB  1 
ATOM   224  C CG  . MET A 1 35  ? -0.619  -18.391 11.514  1.00 58.26 ? 33  MET A CG  1 
ATOM   225  S SD  . MET A 1 35  ? -1.041  -17.020 10.395  1.00 47.93 ? 33  MET A SD  1 
ATOM   226  C CE  . MET A 1 35  ? -2.370  -17.703 9.430   1.00 43.99 ? 33  MET A CE  1 
ATOM   227  N N   . ASP A 1 36  ? -0.576  -17.570 16.102  1.00 62.83 ? 34  ASP A N   1 
ATOM   228  C CA  . ASP A 1 36  ? -1.103  -17.417 17.490  1.00 64.55 ? 34  ASP A CA  1 
ATOM   229  C C   . ASP A 1 36  ? -0.875  -16.022 18.056  1.00 64.77 ? 34  ASP A C   1 
ATOM   230  O O   . ASP A 1 36  ? -1.750  -15.446 18.734  1.00 65.33 ? 34  ASP A O   1 
ATOM   231  C CB  . ASP A 1 36  ? -0.413  -18.394 18.475  1.00 65.35 ? 34  ASP A CB  1 
ATOM   232  C CG  . ASP A 1 36  ? -0.887  -19.847 18.340  1.00 68.68 ? 34  ASP A CG  1 
ATOM   233  O OD1 . ASP A 1 36  ? -1.821  -20.155 17.550  1.00 69.75 ? 34  ASP A OD1 1 
ATOM   234  O OD2 . ASP A 1 36  ? -0.304  -20.702 19.058  1.00 73.27 ? 34  ASP A OD2 1 
ATOM   235  N N   . GLU A 1 37  ? 0.325   -15.503 17.815  1.00 64.55 ? 35  GLU A N   1 
ATOM   236  C CA  . GLU A 1 37  ? 0.710   -14.213 18.333  1.00 64.83 ? 35  GLU A CA  1 
ATOM   237  C C   . GLU A 1 37  ? 0.154   -13.089 17.461  1.00 64.47 ? 35  GLU A C   1 
ATOM   238  O O   . GLU A 1 37  ? -0.192  -12.034 17.946  1.00 64.54 ? 35  GLU A O   1 
ATOM   239  C CB  . GLU A 1 37  ? 2.224   -14.172 18.448  1.00 65.66 ? 35  GLU A CB  1 
ATOM   240  C CG  . GLU A 1 37  ? 2.714   -13.364 19.649  1.00 70.30 ? 35  GLU A CG  1 
ATOM   241  C CD  . GLU A 1 37  ? 2.771   -11.906 19.318  1.00 74.89 ? 35  GLU A CD  1 
ATOM   242  O OE1 . GLU A 1 37  ? 3.236   -11.611 18.195  1.00 79.14 ? 35  GLU A OE1 1 
ATOM   243  O OE2 . GLU A 1 37  ? 2.359   -11.061 20.138  1.00 75.32 ? 35  GLU A OE2 1 
ATOM   244  N N   . ILE A 1 38  ? 0.087   -13.330 16.151  1.00 64.26 ? 36  ILE A N   1 
ATOM   245  C CA  . ILE A 1 38  ? -0.696  -12.520 15.242  1.00 62.85 ? 36  ILE A CA  1 
ATOM   246  C C   . ILE A 1 38  ? -2.109  -12.500 15.792  1.00 62.85 ? 36  ILE A C   1 
ATOM   247  O O   . ILE A 1 38  ? -2.718  -11.436 15.863  1.00 61.99 ? 36  ILE A O   1 
ATOM   248  C CB  . ILE A 1 38  ? -0.693  -13.098 13.771  1.00 62.60 ? 36  ILE A CB  1 
ATOM   249  C CG1 . ILE A 1 38  ? 0.647   -12.799 13.077  1.00 62.78 ? 36  ILE A CG1 1 
ATOM   250  C CG2 . ILE A 1 38  ? -1.905  -12.599 12.966  1.00 61.52 ? 36  ILE A CG2 1 
ATOM   251  C CD1 . ILE A 1 38  ? 0.733   -13.102 11.604  1.00 61.59 ? 36  ILE A CD1 1 
ATOM   252  N N   . ALA A 1 39  ? -2.640  -13.673 16.147  1.00 63.20 ? 37  ALA A N   1 
ATOM   253  C CA  . ALA A 1 39  ? -4.021  -13.747 16.703  1.00 64.73 ? 37  ALA A CA  1 
ATOM   254  C C   . ALA A 1 39  ? -4.141  -12.858 17.957  1.00 65.05 ? 37  ALA A C   1 
ATOM   255  O O   . ALA A 1 39  ? -4.991  -11.983 18.032  1.00 65.33 ? 37  ALA A O   1 
ATOM   256  C CB  . ALA A 1 39  ? -4.438  -15.201 17.002  1.00 63.79 ? 37  ALA A CB  1 
ATOM   257  N N   . ARG A 1 40  ? -3.204  -13.026 18.878  1.00 66.06 ? 38  ARG A N   1 
ATOM   258  C CA  . ARG A 1 40  ? -3.214  -12.302 20.126  1.00 67.57 ? 38  ARG A CA  1 
ATOM   259  C C   . ARG A 1 40  ? -3.098  -10.809 19.998  1.00 68.26 ? 38  ARG A C   1 
ATOM   260  O O   . ARG A 1 40  ? -3.639  -10.086 20.841  1.00 69.40 ? 38  ARG A O   1 
ATOM   261  C CB  . ARG A 1 40  ? -2.117  -12.819 21.061  1.00 68.04 ? 38  ARG A CB  1 
ATOM   262  C CG  . ARG A 1 40  ? -1.927  -11.972 22.299  1.00 70.29 ? 38  ARG A CG  1 
ATOM   263  C CD  . ARG A 1 40  ? -1.115  -12.670 23.353  1.00 76.65 ? 38  ARG A CD  1 
ATOM   264  N NE  . ARG A 1 40  ? 0.326   -12.762 23.079  1.00 82.35 ? 38  ARG A NE  1 
ATOM   265  C CZ  . ARG A 1 40  ? 1.004   -13.913 22.944  1.00 86.01 ? 38  ARG A CZ  1 
ATOM   266  N NH1 . ARG A 1 40  ? 0.390   -15.098 23.021  1.00 86.62 ? 38  ARG A NH1 1 
ATOM   267  N NH2 . ARG A 1 40  ? 2.314   -13.886 22.722  1.00 88.36 ? 38  ARG A NH2 1 
ATOM   268  N N   . ARG A 1 41  ? -2.365  -10.322 19.005  1.00 68.27 ? 39  ARG A N   1 
ATOM   269  C CA  . ARG A 1 41  ? -2.128  -8.870  18.912  1.00 68.28 ? 39  ARG A CA  1 
ATOM   270  C C   . ARG A 1 41  ? -3.310  -8.200  18.256  1.00 69.32 ? 39  ARG A C   1 
ATOM   271  O O   . ARG A 1 41  ? -3.478  -6.989  18.340  1.00 68.83 ? 39  ARG A O   1 
ATOM   272  C CB  . ARG A 1 41  ? -0.881  -8.559  18.095  1.00 67.95 ? 39  ARG A CB  1 
ATOM   273  C CG  . ARG A 1 41  ? 0.395   -9.254  18.548  1.00 65.30 ? 39  ARG A CG  1 
ATOM   274  C CD  . ARG A 1 41  ? 1.435   -8.971  17.493  1.00 61.90 ? 39  ARG A CD  1 
ATOM   275  N NE  . ARG A 1 41  ? 2.777   -9.332  17.897  1.00 59.36 ? 39  ARG A NE  1 
ATOM   276  C CZ  . ARG A 1 41  ? 3.866   -9.058  17.199  1.00 60.77 ? 39  ARG A CZ  1 
ATOM   277  N NH1 . ARG A 1 41  ? 3.762   -8.400  16.043  1.00 61.99 ? 39  ARG A NH1 1 
ATOM   278  N NH2 . ARG A 1 41  ? 5.054   -9.459  17.653  1.00 58.71 ? 39  ARG A NH2 1 
ATOM   279  N N   . ALA A 1 42  ? -4.114  -9.002  17.563  1.00 70.91 ? 40  ALA A N   1 
ATOM   280  C CA  . ALA A 1 42  ? -5.291  -8.512  16.891  1.00 72.23 ? 40  ALA A CA  1 
ATOM   281  C C   . ALA A 1 42  ? -6.511  -8.484  17.850  1.00 73.94 ? 40  ALA A C   1 
ATOM   282  O O   . ALA A 1 42  ? -7.591  -7.981  17.489  1.00 74.13 ? 40  ALA A O   1 
ATOM   283  C CB  . ALA A 1 42  ? -5.564  -9.381  15.696  1.00 71.90 ? 40  ALA A CB  1 
ATOM   284  N N   . GLY A 1 43  ? -6.344  -9.015  19.065  1.00 74.87 ? 41  GLY A N   1 
ATOM   285  C CA  . GLY A 1 43  ? -7.481  -9.190  19.986  1.00 76.63 ? 41  GLY A CA  1 
ATOM   286  C C   . GLY A 1 43  ? -8.566  -10.077 19.379  1.00 77.53 ? 41  GLY A C   1 
ATOM   287  O O   . GLY A 1 43  ? -9.689  -9.626  19.116  1.00 78.36 ? 41  GLY A O   1 
ATOM   288  N N   . VAL A 1 44  ? -8.212  -11.331 19.114  1.00 77.66 ? 42  VAL A N   1 
ATOM   289  C CA  . VAL A 1 44  ? -9.069  -12.286 18.408  1.00 77.56 ? 42  VAL A CA  1 
ATOM   290  C C   . VAL A 1 44  ? -8.379  -13.613 18.703  1.00 77.56 ? 42  VAL A C   1 
ATOM   291  O O   . VAL A 1 44  ? -7.196  -13.619 19.078  1.00 77.42 ? 42  VAL A O   1 
ATOM   292  C CB  . VAL A 1 44  ? -9.117  -12.038 16.844  1.00 77.94 ? 42  VAL A CB  1 
ATOM   293  C CG1 . VAL A 1 44  ? -10.222 -12.839 16.186  1.00 78.60 ? 42  VAL A CG1 1 
ATOM   294  C CG2 . VAL A 1 44  ? -9.328  -10.578 16.485  1.00 77.26 ? 42  VAL A CG2 1 
ATOM   295  N N   . GLY A 1 45  ? -9.103  -14.724 18.576  1.00 77.19 ? 43  GLY A N   1 
ATOM   296  C CA  . GLY A 1 45  ? -8.528  -16.054 18.812  1.00 76.91 ? 43  GLY A CA  1 
ATOM   297  C C   . GLY A 1 45  ? -7.971  -16.704 17.551  1.00 76.25 ? 43  GLY A C   1 
ATOM   298  O O   . GLY A 1 45  ? -8.336  -16.303 16.438  1.00 76.77 ? 43  GLY A O   1 
ATOM   299  N N   . ALA A 1 46  ? -7.126  -17.720 17.711  1.00 75.29 ? 44  ALA A N   1 
ATOM   300  C CA  . ALA A 1 46  ? -6.403  -18.293 16.557  1.00 75.07 ? 44  ALA A CA  1 
ATOM   301  C C   . ALA A 1 46  ? -7.265  -18.972 15.491  1.00 75.03 ? 44  ALA A C   1 
ATOM   302  O O   . ALA A 1 46  ? -6.932  -18.939 14.295  1.00 76.01 ? 44  ALA A O   1 
ATOM   303  C CB  . ALA A 1 46  ? -5.292  -19.211 17.008  1.00 74.75 ? 44  ALA A CB  1 
ATOM   304  N N   . GLY A 1 47  ? -8.378  -19.572 15.901  1.00 74.75 ? 45  GLY A N   1 
ATOM   305  C CA  . GLY A 1 47  ? -9.182  -20.365 14.967  1.00 73.82 ? 45  GLY A CA  1 
ATOM   306  C C   . GLY A 1 47  ? -9.917  -19.468 14.011  1.00 73.10 ? 45  GLY A C   1 
ATOM   307  O O   . GLY A 1 47  ? -10.205 -19.836 12.861  1.00 73.98 ? 45  GLY A O   1 
ATOM   308  N N   . THR A 1 48  ? -10.224 -18.281 14.506  1.00 72.34 ? 46  THR A N   1 
ATOM   309  C CA  . THR A 1 48  ? -10.793 -17.222 13.699  1.00 71.58 ? 46  THR A CA  1 
ATOM   310  C C   . THR A 1 48  ? -9.863  -16.739 12.615  1.00 70.38 ? 46  THR A C   1 
ATOM   311  O O   . THR A 1 48  ? -10.298 -16.557 11.495  1.00 70.95 ? 46  THR A O   1 
ATOM   312  C CB  . THR A 1 48  ? -11.097 -16.053 14.555  1.00 71.63 ? 46  THR A CB  1 
ATOM   313  O OG1 . THR A 1 48  ? -11.713 -16.532 15.751  1.00 73.31 ? 46  THR A OG1 1 
ATOM   314  C CG2 . THR A 1 48  ? -12.025 -15.099 13.812  1.00 72.37 ? 46  THR A CG2 1 
ATOM   315  N N   . VAL A 1 49  ? -8.603  -16.497 12.965  1.00 69.17 ? 47  VAL A N   1 
ATOM   316  C CA  . VAL A 1 49  ? -7.590  -16.146 12.006  1.00 67.77 ? 47  VAL A CA  1 
ATOM   317  C C   . VAL A 1 49  ? -7.598  -17.266 10.992  1.00 68.35 ? 47  VAL A C   1 
ATOM   318  O O   . VAL A 1 49  ? -7.756  -17.039 9.782   1.00 67.75 ? 47  VAL A O   1 
ATOM   319  C CB  . VAL A 1 49  ? -6.184  -16.081 12.678  1.00 67.79 ? 47  VAL A CB  1 
ATOM   320  C CG1 . VAL A 1 49  ? -5.055  -16.227 11.638  1.00 67.05 ? 47  VAL A CG1 1 
ATOM   321  C CG2 . VAL A 1 49  ? -6.024  -14.837 13.545  1.00 64.99 ? 47  VAL A CG2 1 
ATOM   322  N N   . TYR A 1 50  ? -7.456  -18.493 11.502  1.00 69.00 ? 48  TYR A N   1 
ATOM   323  C CA  . TYR A 1 50  ? -7.385  -19.669 10.648  1.00 69.55 ? 48  TYR A CA  1 
ATOM   324  C C   . TYR A 1 50  ? -8.637  -19.906 9.764   1.00 69.42 ? 48  TYR A C   1 
ATOM   325  O O   . TYR A 1 50  ? -8.509  -20.364 8.638   1.00 68.78 ? 48  TYR A O   1 
ATOM   326  C CB  . TYR A 1 50  ? -7.009  -20.888 11.486  1.00 70.81 ? 48  TYR A CB  1 
ATOM   327  C CG  . TYR A 1 50  ? -5.501  -21.112 11.670  1.00 71.12 ? 48  TYR A CG  1 
ATOM   328  C CD1 . TYR A 1 50  ? -4.670  -21.432 10.573  1.00 72.71 ? 48  TYR A CD1 1 
ATOM   329  C CD2 . TYR A 1 50  ? -4.920  -21.060 12.931  1.00 71.43 ? 48  TYR A CD2 1 
ATOM   330  C CE1 . TYR A 1 50  ? -3.290  -21.687 10.733  1.00 71.27 ? 48  TYR A CE1 1 
ATOM   331  C CE2 . TYR A 1 50  ? -3.543  -21.296 13.105  1.00 72.51 ? 48  TYR A CE2 1 
ATOM   332  C CZ  . TYR A 1 50  ? -2.738  -21.613 12.002  1.00 72.79 ? 48  TYR A CZ  1 
ATOM   333  O OH  . TYR A 1 50  ? -1.370  -21.843 12.194  1.00 74.57 ? 48  TYR A OH  1 
ATOM   334  N N   . ARG A 1 51  ? -9.826  -19.556 10.267  1.00 69.84 ? 49  ARG A N   1 
ATOM   335  C CA  . ARG A 1 51  ? -11.094 -19.611 9.498   1.00 70.01 ? 49  ARG A CA  1 
ATOM   336  C C   . ARG A 1 51  ? -11.100 -18.688 8.279   1.00 69.85 ? 49  ARG A C   1 
ATOM   337  O O   . ARG A 1 51  ? -11.668 -19.018 7.224   1.00 69.61 ? 49  ARG A O   1 
ATOM   338  C CB  . ARG A 1 51  ? -12.281 -19.213 10.377  1.00 70.69 ? 49  ARG A CB  1 
ATOM   339  C CG  . ARG A 1 51  ? -13.576 -19.956 9.999   1.00 72.27 ? 49  ARG A CG  1 
ATOM   340  C CD  . ARG A 1 51  ? -14.840 -19.221 10.401  1.00 70.00 ? 49  ARG A CD  1 
ATOM   341  N NE  . ARG A 1 51  ? -15.996 -19.928 9.837   1.00 73.38 ? 49  ARG A NE  1 
ATOM   342  C CZ  . ARG A 1 51  ? -16.523 -19.744 8.612   1.00 76.43 ? 49  ARG A CZ  1 
ATOM   343  N NH1 . ARG A 1 51  ? -17.580 -20.471 8.232   1.00 77.68 ? 49  ARG A NH1 1 
ATOM   344  N NH2 . ARG A 1 51  ? -16.012 -18.871 7.743   1.00 75.92 ? 49  ARG A NH2 1 
ATOM   345  N N   . HIS A 1 52  ? -10.479 -17.517 8.424   1.00 68.85 ? 50  HIS A N   1 
ATOM   346  C CA  . HIS A 1 52  ? -10.312 -16.668 7.271   1.00 67.67 ? 50  HIS A CA  1 
ATOM   347  C C   . HIS A 1 52  ? -9.024  -16.987 6.624   1.00 66.69 ? 50  HIS A C   1 
ATOM   348  O O   . HIS A 1 52  ? -8.903  -17.012 5.400   1.00 67.35 ? 50  HIS A O   1 
ATOM   349  C CB  . HIS A 1 52  ? -10.419 -15.201 7.661   1.00 68.40 ? 50  HIS A CB  1 
ATOM   350  C CG  . HIS A 1 52  ? -11.685 -14.892 8.379   1.00 68.22 ? 50  HIS A CG  1 
ATOM   351  N ND1 . HIS A 1 52  ? -11.710 -14.444 9.681   1.00 68.53 ? 50  HIS A ND1 1 
ATOM   352  C CD2 . HIS A 1 52  ? -12.978 -15.036 7.998   1.00 69.62 ? 50  HIS A CD2 1 
ATOM   353  C CE1 . HIS A 1 52  ? -12.965 -14.275 10.057  1.00 70.73 ? 50  HIS A CE1 1 
ATOM   354  N NE2 . HIS A 1 52  ? -13.755 -14.651 9.063   1.00 70.99 ? 50  HIS A NE2 1 
ATOM   355  N N   . PHE A 1 53  ? -8.034  -17.265 7.432   1.00 65.69 ? 51  PHE A N   1 
ATOM   356  C CA  . PHE A 1 53  ? -6.736  -17.458 6.843   1.00 65.37 ? 51  PHE A CA  1 
ATOM   357  C C   . PHE A 1 53  ? -6.223  -18.828 7.258   1.00 66.29 ? 51  PHE A C   1 
ATOM   358  O O   . PHE A 1 53  ? -5.617  -18.947 8.327   1.00 66.04 ? 51  PHE A O   1 
ATOM   359  C CB  . PHE A 1 53  ? -5.835  -16.286 7.255   1.00 64.10 ? 51  PHE A CB  1 
ATOM   360  C CG  . PHE A 1 53  ? -6.500  -14.956 7.078   1.00 60.79 ? 51  PHE A CG  1 
ATOM   361  C CD1 . PHE A 1 53  ? -6.743  -14.453 5.819   1.00 57.97 ? 51  PHE A CD1 1 
ATOM   362  C CD2 . PHE A 1 53  ? -6.928  -14.236 8.167   1.00 58.23 ? 51  PHE A CD2 1 
ATOM   363  C CE1 . PHE A 1 53  ? -7.389  -13.241 5.665   1.00 57.81 ? 51  PHE A CE1 1 
ATOM   364  C CE2 . PHE A 1 53  ? -7.557  -13.018 8.008   1.00 57.51 ? 51  PHE A CE2 1 
ATOM   365  C CZ  . PHE A 1 53  ? -7.792  -12.528 6.761   1.00 56.50 ? 51  PHE A CZ  1 
ATOM   366  N N   . PRO A 1 54  ? -6.525  -19.867 6.432   1.00 67.01 ? 52  PRO A N   1 
ATOM   367  C CA  . PRO A 1 54  ? -6.238  -21.276 6.726   1.00 67.18 ? 52  PRO A CA  1 
ATOM   368  C C   . PRO A 1 54  ? -4.766  -21.581 6.786   1.00 66.68 ? 52  PRO A C   1 
ATOM   369  O O   . PRO A 1 54  ? -4.371  -22.487 7.510   1.00 67.98 ? 52  PRO A O   1 
ATOM   370  C CB  . PRO A 1 54  ? -6.910  -22.037 5.574   1.00 67.84 ? 52  PRO A CB  1 
ATOM   371  C CG  . PRO A 1 54  ? -7.022  -21.063 4.466   1.00 67.99 ? 52  PRO A CG  1 
ATOM   372  C CD  . PRO A 1 54  ? -7.204  -19.721 5.129   1.00 67.95 ? 52  PRO A CD  1 
ATOM   373  N N   . THR A 1 55  ? -3.960  -20.818 6.054   1.00 66.05 ? 53  THR A N   1 
ATOM   374  C CA  . THR A 1 55  ? -2.506  -20.909 6.158   1.00 64.64 ? 53  THR A CA  1 
ATOM   375  C C   . THR A 1 55  ? -1.862  -19.519 6.254   1.00 63.75 ? 53  THR A C   1 
ATOM   376  O O   . THR A 1 55  ? -2.527  -18.513 6.058   1.00 63.76 ? 53  THR A O   1 
ATOM   377  C CB  . THR A 1 55  ? -1.906  -21.670 4.967   1.00 65.55 ? 53  THR A CB  1 
ATOM   378  O OG1 . THR A 1 55  ? -2.111  -20.922 3.762   1.00 65.69 ? 53  THR A OG1 1 
ATOM   379  C CG2 . THR A 1 55  ? -2.534  -23.108 4.833   1.00 65.10 ? 53  THR A CG2 1 
ATOM   380  N N   . LYS A 1 56  ? -0.572  -19.480 6.565   1.00 62.12 ? 54  LYS A N   1 
ATOM   381  C CA  . LYS A 1 56  ? 0.197   -18.249 6.596   1.00 60.89 ? 54  LYS A CA  1 
ATOM   382  C C   . LYS A 1 56  ? 0.352   -17.592 5.238   1.00 60.16 ? 54  LYS A C   1 
ATOM   383  O O   . LYS A 1 56  ? 0.242   -16.385 5.136   1.00 60.11 ? 54  LYS A O   1 
ATOM   384  C CB  . LYS A 1 56  ? 1.583   -18.468 7.214   1.00 60.70 ? 54  LYS A CB  1 
ATOM   385  C CG  . LYS A 1 56  ? 2.483   -17.229 7.178   1.00 61.33 ? 54  LYS A CG  1 
ATOM   386  C CD  . LYS A 1 56  ? 2.624   -16.532 8.531   1.00 62.03 ? 54  LYS A CD  1 
ATOM   387  C CE  . LYS A 1 56  ? 3.262   -17.421 9.576   1.00 60.28 ? 54  LYS A CE  1 
ATOM   388  N NZ  . LYS A 1 56  ? 4.323   -16.710 10.273  1.00 60.24 ? 54  LYS A NZ  1 
ATOM   389  N N   . GLN A 1 57  ? 0.619   -18.344 4.191   1.00 59.15 ? 55  GLN A N   1 
ATOM   390  C CA  . GLN A 1 57  ? 0.740   -17.671 2.903   1.00 60.08 ? 55  GLN A CA  1 
ATOM   391  C C   . GLN A 1 57  ? -0.586  -17.037 2.443   1.00 58.34 ? 55  GLN A C   1 
ATOM   392  O O   . GLN A 1 57  ? -0.569  -16.050 1.740   1.00 57.42 ? 55  GLN A O   1 
ATOM   393  C CB  . GLN A 1 57  ? 1.384   -18.525 1.798   1.00 59.13 ? 55  GLN A CB  1 
ATOM   394  C CG  . GLN A 1 57  ? 0.730   -19.816 1.412   1.00 61.85 ? 55  GLN A CG  1 
ATOM   395  C CD  . GLN A 1 57  ? 1.682   -20.651 0.523   1.00 64.42 ? 55  GLN A CD  1 
ATOM   396  O OE1 . GLN A 1 57  ? 1.919   -20.287 -0.638  1.00 68.00 ? 55  GLN A OE1 1 
ATOM   397  N NE2 . GLN A 1 57  ? 2.284   -21.745 1.094   1.00 67.91 ? 55  GLN A NE2 1 
ATOM   398  N N   . ALA A 1 58  ? -1.710  -17.587 2.887   1.00 57.30 ? 56  ALA A N   1 
ATOM   399  C CA  . ALA A 1 58  ? -3.006  -17.035 2.531   1.00 56.53 ? 56  ALA A CA  1 
ATOM   400  C C   . ALA A 1 58  ? -3.242  -15.708 3.256   1.00 55.88 ? 56  ALA A C   1 
ATOM   401  O O   . ALA A 1 58  ? -3.906  -14.821 2.720   1.00 55.70 ? 56  ALA A O   1 
ATOM   402  C CB  . ALA A 1 58  ? -4.115  -18.037 2.843   1.00 56.00 ? 56  ALA A CB  1 
ATOM   403  N N   . LEU A 1 59  ? -2.714  -15.607 4.481   1.00 55.04 ? 57  LEU A N   1 
ATOM   404  C CA  . LEU A 1 59  ? -2.663  -14.346 5.229   1.00 53.84 ? 57  LEU A CA  1 
ATOM   405  C C   . LEU A 1 59  ? -1.780  -13.352 4.491   1.00 52.48 ? 57  LEU A C   1 
ATOM   406  O O   . LEU A 1 59  ? -2.215  -12.242 4.220   1.00 51.77 ? 57  LEU A O   1 
ATOM   407  C CB  . LEU A 1 59  ? -2.153  -14.575 6.657   1.00 54.05 ? 57  LEU A CB  1 
ATOM   408  C CG  . LEU A 1 59  ? -2.083  -13.385 7.618   1.00 54.09 ? 57  LEU A CG  1 
ATOM   409  C CD1 . LEU A 1 59  ? -3.450  -12.717 7.838   1.00 54.03 ? 57  LEU A CD1 1 
ATOM   410  C CD2 . LEU A 1 59  ? -1.503  -13.889 8.918   1.00 53.92 ? 57  LEU A CD2 1 
ATOM   411  N N   . VAL A 1 60  ? -0.557  -13.771 4.145   1.00 51.17 ? 58  VAL A N   1 
ATOM   412  C CA  . VAL A 1 60  ? 0.328   -12.951 3.335   1.00 50.30 ? 58  VAL A CA  1 
ATOM   413  C C   . VAL A 1 60  ? -0.379  -12.477 2.061   1.00 51.16 ? 58  VAL A C   1 
ATOM   414  O O   . VAL A 1 60  ? -0.254  -11.308 1.691   1.00 52.13 ? 58  VAL A O   1 
ATOM   415  C CB  . VAL A 1 60  ? 1.668   -13.645 2.916   1.00 50.63 ? 58  VAL A CB  1 
ATOM   416  C CG1 . VAL A 1 60  ? 2.475   -12.703 2.072   1.00 47.94 ? 58  VAL A CG1 1 
ATOM   417  C CG2 . VAL A 1 60  ? 2.502   -14.020 4.097   1.00 48.13 ? 58  VAL A CG2 1 
ATOM   418  N N   . VAL A 1 61  ? -1.102  -13.338 1.358   1.00 51.12 ? 59  VAL A N   1 
ATOM   419  C CA  . VAL A 1 61  ? -1.703  -12.835 0.113   1.00 51.73 ? 59  VAL A CA  1 
ATOM   420  C C   . VAL A 1 61  ? -2.854  -11.902 0.401   1.00 50.69 ? 59  VAL A C   1 
ATOM   421  O O   . VAL A 1 61  ? -2.968  -10.896 -0.265  1.00 49.64 ? 59  VAL A O   1 
ATOM   422  C CB  . VAL A 1 61  ? -2.033  -13.900 -1.012  1.00 52.81 ? 59  VAL A CB  1 
ATOM   423  C CG1 . VAL A 1 61  ? -1.151  -15.204 -0.910  1.00 53.94 ? 59  VAL A CG1 1 
ATOM   424  C CG2 . VAL A 1 61  ? -3.503  -14.218 -1.105  1.00 53.28 ? 59  VAL A CG2 1 
ATOM   425  N N   . ALA A 1 62  ? -3.658  -12.212 1.423   1.00 50.41 ? 60  ALA A N   1 
ATOM   426  C CA  . ALA A 1 62  ? -4.731  -11.287 1.863   1.00 49.64 ? 60  ALA A CA  1 
ATOM   427  C C   . ALA A 1 62  ? -4.235  -9.926  2.378   1.00 49.05 ? 60  ALA A C   1 
ATOM   428  O O   . ALA A 1 62  ? -4.876  -8.915  2.133   1.00 49.83 ? 60  ALA A O   1 
ATOM   429  C CB  . ALA A 1 62  ? -5.658  -11.931 2.849   1.00 48.43 ? 60  ALA A CB  1 
ATOM   430  N N   . VAL A 1 63  ? -3.094  -9.891  3.050   1.00 48.45 ? 61  VAL A N   1 
ATOM   431  C CA  . VAL A 1 63  ? -2.448  -8.623  3.383   1.00 48.32 ? 61  VAL A CA  1 
ATOM   432  C C   . VAL A 1 63  ? -2.011  -7.882  2.101   1.00 48.92 ? 61  VAL A C   1 
ATOM   433  O O   . VAL A 1 63  ? -2.259  -6.698  1.982   1.00 48.91 ? 61  VAL A O   1 
ATOM   434  C CB  . VAL A 1 63  ? -1.239  -8.848  4.320   1.00 48.62 ? 61  VAL A CB  1 
ATOM   435  C CG1 . VAL A 1 63  ? -0.300  -7.591  4.447   1.00 45.94 ? 61  VAL A CG1 1 
ATOM   436  C CG2 . VAL A 1 63  ? -1.728  -9.363  5.675   1.00 48.64 ? 61  VAL A CG2 1 
ATOM   437  N N   . ALA A 1 64  ? -1.382  -8.581  1.153   1.00 48.62 ? 62  ALA A N   1 
ATOM   438  C CA  . ALA A 1 64  ? -0.980  -7.989  -0.119  1.00 50.43 ? 62  ALA A CA  1 
ATOM   439  C C   . ALA A 1 64  ? -2.123  -7.318  -0.944  1.00 51.59 ? 62  ALA A C   1 
ATOM   440  O O   . ALA A 1 64  ? -1.955  -6.180  -1.391  1.00 51.90 ? 62  ALA A O   1 
ATOM   441  C CB  . ALA A 1 64  ? -0.202  -9.014  -0.962  1.00 50.07 ? 62  ALA A CB  1 
ATOM   442  N N   . GLU A 1 65  ? -3.268  -7.999  -1.120  1.00 51.85 ? 63  GLU A N   1 
ATOM   443  C CA  . GLU A 1 65  ? -4.447  -7.422  -1.777  1.00 53.11 ? 63  GLU A CA  1 
ATOM   444  C C   . GLU A 1 65  ? -4.939  -6.178  -1.019  1.00 52.07 ? 63  GLU A C   1 
ATOM   445  O O   . GLU A 1 65  ? -5.160  -5.102  -1.616  1.00 51.64 ? 63  GLU A O   1 
ATOM   446  C CB  . GLU A 1 65  ? -5.615  -8.422  -1.821  1.00 54.43 ? 63  GLU A CB  1 
ATOM   447  C CG  . GLU A 1 65  ? -5.532  -9.500  -2.862  1.00 60.56 ? 63  GLU A CG  1 
ATOM   448  C CD  . GLU A 1 65  ? -6.514  -9.296  -4.034  1.00 69.53 ? 63  GLU A CD  1 
ATOM   449  O OE1 . GLU A 1 65  ? -6.310  -9.892  -5.136  1.00 74.79 ? 63  GLU A OE1 1 
ATOM   450  O OE2 . GLU A 1 65  ? -7.493  -8.551  -3.857  1.00 71.90 ? 63  GLU A OE2 1 
ATOM   451  N N   . ASP A 1 66  ? -5.115  -6.341  0.296   1.00 50.14 ? 64  ASP A N   1 
ATOM   452  C CA  . ASP A 1 66  ? -5.632  -5.268  1.137   1.00 48.88 ? 64  ASP A CA  1 
ATOM   453  C C   . ASP A 1 66  ? -4.787  -3.999  1.038   1.00 47.81 ? 64  ASP A C   1 
ATOM   454  O O   . ASP A 1 66  ? -5.327  -2.910  0.909   1.00 45.87 ? 64  ASP A O   1 
ATOM   455  C CB  . ASP A 1 66  ? -5.751  -5.720  2.593   1.00 48.69 ? 64  ASP A CB  1 
ATOM   456  C CG  . ASP A 1 66  ? -6.427  -4.682  3.476   1.00 50.39 ? 64  ASP A CG  1 
ATOM   457  O OD1 . ASP A 1 66  ? -7.600  -4.347  3.190   1.00 55.00 ? 64  ASP A OD1 1 
ATOM   458  O OD2 . ASP A 1 66  ? -5.793  -4.185  4.438   1.00 48.95 ? 64  ASP A OD2 1 
ATOM   459  N N   . ARG A 1 67  ? -3.457  -4.151  1.108   1.00 47.53 ? 65  ARG A N   1 
ATOM   460  C CA  . ARG A 1 67  ? -2.527  -3.025  1.044   1.00 46.99 ? 65  ARG A CA  1 
ATOM   461  C C   . ARG A 1 67  ? -2.584  -2.283  -0.341  1.00 47.78 ? 65  ARG A C   1 
ATOM   462  O O   . ARG A 1 67  ? -2.534  -1.051  -0.435  1.00 47.58 ? 65  ARG A O   1 
ATOM   463  C CB  . ARG A 1 67  ? -1.133  -3.572  1.352   1.00 47.44 ? 65  ARG A CB  1 
ATOM   464  C CG  . ARG A 1 67  ? 0.016   -2.646  1.062   1.00 47.36 ? 65  ARG A CG  1 
ATOM   465  C CD  . ARG A 1 67  ? 0.005   -1.528  2.086   1.00 47.83 ? 65  ARG A CD  1 
ATOM   466  N NE  . ARG A 1 67  ? 0.995   -0.502  1.812   1.00 52.08 ? 65  ARG A NE  1 
ATOM   467  C CZ  . ARG A 1 67  ? 0.838   0.799   2.073   1.00 54.14 ? 65  ARG A CZ  1 
ATOM   468  N NH1 . ARG A 1 67  ? -0.297  1.237   2.634   1.00 51.91 ? 65  ARG A NH1 1 
ATOM   469  N NH2 . ARG A 1 67  ? 1.826   1.660   1.768   1.00 53.65 ? 65  ARG A NH2 1 
ATOM   470  N N   . VAL A 1 68  ? -2.688  -3.067  -1.405  1.00 48.24 ? 66  VAL A N   1 
ATOM   471  C CA  . VAL A 1 68  ? -2.872  -2.559  -2.725  1.00 49.28 ? 66  VAL A CA  1 
ATOM   472  C C   . VAL A 1 68  ? -4.191  -1.732  -2.784  1.00 49.91 ? 66  VAL A C   1 
ATOM   473  O O   . VAL A 1 68  ? -4.227  -0.611  -3.306  1.00 49.57 ? 66  VAL A O   1 
ATOM   474  C CB  . VAL A 1 68  ? -2.876  -3.743  -3.670  1.00 48.65 ? 66  VAL A CB  1 
ATOM   475  C CG1 . VAL A 1 68  ? -3.483  -3.374  -4.933  1.00 50.69 ? 66  VAL A CG1 1 
ATOM   476  C CG2 . VAL A 1 68  ? -1.419  -4.255  -3.905  1.00 51.49 ? 66  VAL A CG2 1 
ATOM   477  N N   . ARG A 1 69  ? -5.269  -2.277  -2.222  1.00 50.50 ? 67  ARG A N   1 
ATOM   478  C CA  . ARG A 1 69  ? -6.529  -1.566  -2.177  1.00 50.88 ? 67  ARG A CA  1 
ATOM   479  C C   . ARG A 1 69  ? -6.414  -0.312  -1.345  1.00 50.50 ? 67  ARG A C   1 
ATOM   480  O O   . ARG A 1 69  ? -6.931  0.737   -1.717  1.00 51.46 ? 67  ARG A O   1 
ATOM   481  C CB  . ARG A 1 69  ? -7.661  -2.478  -1.672  1.00 51.46 ? 67  ARG A CB  1 
ATOM   482  C CG  . ARG A 1 69  ? -7.949  -3.593  -2.661  1.00 51.33 ? 67  ARG A CG  1 
ATOM   483  C CD  . ARG A 1 69  ? -8.819  -4.714  -2.081  1.00 52.82 ? 67  ARG A CD  1 
ATOM   484  N NE  . ARG A 1 69  ? -8.996  -5.753  -3.108  1.00 52.85 ? 67  ARG A NE  1 
ATOM   485  C CZ  . ARG A 1 69  ? -9.695  -6.857  -2.936  1.00 55.23 ? 67  ARG A CZ  1 
ATOM   486  N NH1 . ARG A 1 69  ? -9.796  -7.745  -3.920  1.00 58.09 ? 67  ARG A NH1 1 
ATOM   487  N NH2 . ARG A 1 69  ? -10.271 -7.094  -1.763  1.00 59.74 ? 67  ARG A NH2 1 
ATOM   488  N N   . ARG A 1 70  ? -5.694  -0.406  -0.248  1.00 49.91 ? 68  ARG A N   1 
ATOM   489  C CA  . ARG A 1 70  ? -5.474  0.729   0.612   1.00 50.68 ? 68  ARG A CA  1 
ATOM   490  C C   . ARG A 1 70  ? -4.657  1.857   -0.018  1.00 50.74 ? 68  ARG A C   1 
ATOM   491  O O   . ARG A 1 70  ? -4.913  3.040   0.264   1.00 49.29 ? 68  ARG A O   1 
ATOM   492  C CB  . ARG A 1 70  ? -4.907  0.289   1.975   1.00 51.04 ? 68  ARG A CB  1 
ATOM   493  C CG  . ARG A 1 70  ? -5.970  0.368   3.023   1.00 57.01 ? 68  ARG A CG  1 
ATOM   494  C CD  . ARG A 1 70  ? -5.826  -0.587  4.218   1.00 66.41 ? 68  ARG A CD  1 
ATOM   495  N NE  . ARG A 1 70  ? -7.066  -1.363  4.396   1.00 71.50 ? 68  ARG A NE  1 
ATOM   496  C CZ  . ARG A 1 70  ? -8.225  -0.900  4.892   1.00 74.18 ? 68  ARG A CZ  1 
ATOM   497  N NH1 . ARG A 1 70  ? -8.346  0.369   5.293   1.00 76.31 ? 68  ARG A NH1 1 
ATOM   498  N NH2 . ARG A 1 70  ? -9.277  -1.714  4.988   1.00 72.30 ? 68  ARG A NH2 1 
ATOM   499  N N   . ILE A 1 71  ? -3.636  1.502   -0.811  1.00 50.74 ? 69  ILE A N   1 
ATOM   500  C CA  . ILE A 1 71  ? -2.879  2.516   -1.547  1.00 50.63 ? 69  ILE A CA  1 
ATOM   501  C C   . ILE A 1 71  ? -3.799  3.257   -2.568  1.00 50.28 ? 69  ILE A C   1 
ATOM   502  O O   . ILE A 1 71  ? -3.736  4.472   -2.689  1.00 48.89 ? 69  ILE A O   1 
ATOM   503  C CB  . ILE A 1 71  ? -1.623  1.932   -2.245  1.00 50.51 ? 69  ILE A CB  1 
ATOM   504  C CG1 . ILE A 1 71  ? -0.533  1.621   -1.235  1.00 49.71 ? 69  ILE A CG1 1 
ATOM   505  C CG2 . ILE A 1 71  ? -1.069  2.950   -3.262  1.00 50.78 ? 69  ILE A CG2 1 
ATOM   506  C CD1 . ILE A 1 71  ? 0.280   0.405   -1.624  1.00 54.53 ? 69  ILE A CD1 1 
ATOM   507  N N   . VAL A 1 72  ? -4.666  2.502   -3.244  1.00 50.61 ? 70  VAL A N   1 
ATOM   508  C CA  . VAL A 1 72  ? -5.622  3.062   -4.199  1.00 51.34 ? 70  VAL A CA  1 
ATOM   509  C C   . VAL A 1 72  ? -6.647  3.948   -3.523  1.00 52.06 ? 70  VAL A C   1 
ATOM   510  O O   . VAL A 1 72  ? -6.974  5.022   -4.045  1.00 52.93 ? 70  VAL A O   1 
ATOM   511  C CB  . VAL A 1 72  ? -6.264  1.962   -5.138  1.00 52.23 ? 70  VAL A CB  1 
ATOM   512  C CG1 . VAL A 1 72  ? -7.378  2.533   -6.024  1.00 53.20 ? 70  VAL A CG1 1 
ATOM   513  C CG2 . VAL A 1 72  ? -5.157  1.325   -6.030  1.00 51.09 ? 70  VAL A CG2 1 
ATOM   514  N N   . ASP A 1 73  ? -7.097  3.576   -2.334  1.00 52.18 ? 71  ASP A N   1 
ATOM   515  C CA  . ASP A 1 73  ? -8.042  4.432   -1.614  1.00 53.63 ? 71  ASP A CA  1 
ATOM   516  C C   . ASP A 1 73  ? -7.368  5.703   -1.066  1.00 52.82 ? 71  ASP A C   1 
ATOM   517  O O   . ASP A 1 73  ? -7.948  6.814   -1.080  1.00 52.00 ? 71  ASP A O   1 
ATOM   518  C CB  . ASP A 1 73  ? -8.757  3.637   -0.492  1.00 54.65 ? 71  ASP A CB  1 
ATOM   519  C CG  . ASP A 1 73  ? -9.725  2.542   -1.037  1.00 59.98 ? 71  ASP A CG  1 
ATOM   520  O OD1 . ASP A 1 73  ? -9.833  1.486   -0.352  1.00 65.91 ? 71  ASP A OD1 1 
ATOM   521  O OD2 . ASP A 1 73  ? -10.390 2.729   -2.108  1.00 62.43 ? 71  ASP A OD2 1 
ATOM   522  N N   . HIS A 1 74  ? -6.139  5.539   -0.579  1.00 52.16 ? 72  HIS A N   1 
ATOM   523  C CA  . HIS A 1 74  ? -5.365  6.668   -0.084  1.00 52.20 ? 72  HIS A CA  1 
ATOM   524  C C   . HIS A 1 74  ? -5.264  7.808   -1.105  1.00 52.96 ? 72  HIS A C   1 
ATOM   525  O O   . HIS A 1 74  ? -5.611  8.960   -0.782  1.00 53.21 ? 72  HIS A O   1 
ATOM   526  C CB  . HIS A 1 74  ? -4.002  6.237   0.347   1.00 51.50 ? 72  HIS A CB  1 
ATOM   527  C CG  . HIS A 1 74  ? -3.268  7.278   1.125   1.00 52.34 ? 72  HIS A CG  1 
ATOM   528  N ND1 . HIS A 1 74  ? -3.737  7.787   2.317   1.00 53.30 ? 72  HIS A ND1 1 
ATOM   529  C CD2 . HIS A 1 74  ? -2.090  7.898   0.894   1.00 54.26 ? 72  HIS A CD2 1 
ATOM   530  C CE1 . HIS A 1 74  ? -2.879  8.669   2.795   1.00 53.01 ? 72  HIS A CE1 1 
ATOM   531  N NE2 . HIS A 1 74  ? -1.872  8.763   1.945   1.00 56.01 ? 72  HIS A NE2 1 
ATOM   532  N N   . ALA A 1 75  ? -4.836  7.460   -2.334  1.00 52.81 ? 73  ALA A N   1 
ATOM   533  C CA  . ALA A 1 75  ? -4.779  8.381   -3.499  1.00 52.56 ? 73  ALA A CA  1 
ATOM   534  C C   . ALA A 1 75  ? -6.071  9.175   -3.729  1.00 52.88 ? 73  ALA A C   1 
ATOM   535  O O   . ALA A 1 75  ? -6.001  10.392  -3.848  1.00 51.79 ? 73  ALA A O   1 
ATOM   536  C CB  . ALA A 1 75  ? -4.344  7.627   -4.785  1.00 51.60 ? 73  ALA A CB  1 
ATOM   537  N N   . ARG A 1 76  ? -7.236  8.499   -3.739  1.00 53.47 ? 74  ARG A N   1 
ATOM   538  C CA  . ARG A 1 76  ? -8.547  9.174   -3.902  1.00 55.81 ? 74  ARG A CA  1 
ATOM   539  C C   . ARG A 1 76  ? -8.922  10.090  -2.723  1.00 54.95 ? 74  ARG A C   1 
ATOM   540  O O   . ARG A 1 76  ? -9.558  11.134  -2.913  1.00 55.74 ? 74  ARG A O   1 
ATOM   541  C CB  . ARG A 1 76  ? -9.702  8.189   -4.195  1.00 54.71 ? 74  ARG A CB  1 
ATOM   542  C CG  . ARG A 1 76  ? -9.645  7.585   -5.639  1.00 60.32 ? 74  ARG A CG  1 
ATOM   543  C CD  . ARG A 1 76  ? -11.050 7.214   -6.249  1.00 60.83 ? 74  ARG A CD  1 
ATOM   544  N NE  . ARG A 1 76  ? -10.923 6.140   -7.244  1.00 68.84 ? 74  ARG A NE  1 
ATOM   545  C CZ  . ARG A 1 76  ? -11.384 6.168   -8.495  1.00 72.07 ? 74  ARG A CZ  1 
ATOM   546  N NH1 . ARG A 1 76  ? -12.085 7.213   -8.954  1.00 75.18 ? 74  ARG A NH1 1 
ATOM   547  N NH2 . ARG A 1 76  ? -11.166 5.120   -9.286  1.00 71.83 ? 74  ARG A NH2 1 
ATOM   548  N N   . THR A 1 77  ? -8.553  9.676   -1.513  1.00 54.70 ? 75  THR A N   1 
ATOM   549  C CA  . THR A 1 77  ? -8.782  10.475  -0.299  1.00 54.34 ? 75  THR A CA  1 
ATOM   550  C C   . THR A 1 77  ? -7.922  11.706  -0.442  1.00 52.92 ? 75  THR A C   1 
ATOM   551  O O   . THR A 1 77  ? -8.394  12.804  -0.233  1.00 51.92 ? 75  THR A O   1 
ATOM   552  C CB  . THR A 1 77  ? -8.385  9.698   0.992   1.00 54.06 ? 75  THR A CB  1 
ATOM   553  O OG1 . THR A 1 77  ? -9.339  8.663   1.229   1.00 54.97 ? 75  THR A OG1 1 
ATOM   554  C CG2 . THR A 1 77  ? -8.292  10.614  2.231   1.00 56.15 ? 75  THR A CG2 1 
ATOM   555  N N   . LEU A 1 78  ? -6.669  11.504  -0.849  1.00 53.08 ? 76  LEU A N   1 
ATOM   556  C CA  . LEU A 1 78  ? -5.742  12.632  -1.067  1.00 52.05 ? 76  LEU A CA  1 
ATOM   557  C C   . LEU A 1 78  ? -6.252  13.655  -2.093  1.00 50.57 ? 76  LEU A C   1 
ATOM   558  O O   . LEU A 1 78  ? -6.152  14.837  -1.859  1.00 49.91 ? 76  LEU A O   1 
ATOM   559  C CB  . LEU A 1 78  ? -4.325  12.132  -1.398  1.00 51.45 ? 76  LEU A CB  1 
ATOM   560  C CG  . LEU A 1 78  ? -3.567  11.571  -0.194  1.00 51.91 ? 76  LEU A CG  1 
ATOM   561  C CD1 . LEU A 1 78  ? -2.149  11.203  -0.589  1.00 48.68 ? 76  LEU A CD1 1 
ATOM   562  C CD2 . LEU A 1 78  ? -3.571  12.471  1.146   1.00 50.73 ? 76  LEU A CD2 1 
ATOM   563  N N   . LEU A 1 79  ? -6.798  13.186  -3.201  1.00 50.93 ? 77  LEU A N   1 
ATOM   564  C CA  . LEU A 1 79  ? -7.304  14.055  -4.244  1.00 53.37 ? 77  LEU A CA  1 
ATOM   565  C C   . LEU A 1 79  ? -8.407  14.941  -3.655  1.00 54.53 ? 77  LEU A C   1 
ATOM   566  O O   . LEU A 1 79  ? -8.413  16.169  -3.867  1.00 53.81 ? 77  LEU A O   1 
ATOM   567  C CB  . LEU A 1 79  ? -7.842  13.253  -5.440  1.00 53.07 ? 77  LEU A CB  1 
ATOM   568  C CG  . LEU A 1 79  ? -6.808  12.872  -6.520  1.00 56.97 ? 77  LEU A CG  1 
ATOM   569  C CD1 . LEU A 1 79  ? -7.193  11.604  -7.406  1.00 56.65 ? 77  LEU A CD1 1 
ATOM   570  C CD2 . LEU A 1 79  ? -6.389  14.126  -7.375  1.00 56.35 ? 77  LEU A CD2 1 
ATOM   571  N N   . ALA A 1 80  ? -9.321  14.296  -2.924  1.00 54.77 ? 78  ALA A N   1 
ATOM   572  C CA  . ALA A 1 80  ? -10.340 15.002  -2.162  1.00 56.59 ? 78  ALA A CA  1 
ATOM   573  C C   . ALA A 1 80  ? -9.744  15.989  -1.170  1.00 56.75 ? 78  ALA A C   1 
ATOM   574  O O   . ALA A 1 80  ? -10.022 17.178  -1.237  1.00 58.70 ? 78  ALA A O   1 
ATOM   575  C CB  . ALA A 1 80  ? -11.288 13.976  -1.431  1.00 57.07 ? 78  ALA A CB  1 
ATOM   576  N N   . ALA A 1 81  ? -8.889  15.511  -0.283  1.00 56.68 ? 79  ALA A N   1 
ATOM   577  C CA  . ALA A 1 81  ? -8.413  16.288  0.852   1.00 56.51 ? 79  ALA A CA  1 
ATOM   578  C C   . ALA A 1 81  ? -7.412  17.398  0.512   1.00 56.79 ? 79  ALA A C   1 
ATOM   579  O O   . ALA A 1 81  ? -7.376  18.431  1.169   1.00 55.48 ? 79  ALA A O   1 
ATOM   580  C CB  . ALA A 1 81  ? -7.792  15.333  1.892   1.00 56.00 ? 79  ALA A CB  1 
ATOM   581  N N   . GLU A 1 82  ? -6.543  17.135  -0.460  1.00 57.98 ? 80  GLU A N   1 
ATOM   582  C CA  . GLU A 1 82  ? -5.440  18.040  -0.797  1.00 58.76 ? 80  GLU A CA  1 
ATOM   583  C C   . GLU A 1 82  ? -5.750  18.780  -2.071  1.00 58.11 ? 80  GLU A C   1 
ATOM   584  O O   . GLU A 1 82  ? -5.186  19.833  -2.336  1.00 58.96 ? 80  GLU A O   1 
ATOM   585  C CB  . GLU A 1 82  ? -4.110  17.270  -0.955  1.00 59.66 ? 80  GLU A CB  1 
ATOM   586  C CG  . GLU A 1 82  ? -3.767  16.354  0.231   1.00 62.44 ? 80  GLU A CG  1 
ATOM   587  C CD  . GLU A 1 82  ? -3.336  17.143  1.433   1.00 68.86 ? 80  GLU A CD  1 
ATOM   588  O OE1 . GLU A 1 82  ? -2.708  18.195  1.219   1.00 73.53 ? 80  GLU A OE1 1 
ATOM   589  O OE2 . GLU A 1 82  ? -3.603  16.736  2.586   1.00 72.43 ? 80  GLU A OE2 1 
ATOM   590  N N   . GLY A 1 83  ? -6.639  18.228  -2.872  1.00 56.97 ? 81  GLY A N   1 
ATOM   591  C CA  . GLY A 1 83  ? -6.914  18.819  -4.162  1.00 57.36 ? 81  GLY A CA  1 
ATOM   592  C C   . GLY A 1 83  ? -5.972  18.344  -5.249  1.00 57.15 ? 81  GLY A C   1 
ATOM   593  O O   . GLY A 1 83  ? -4.882  17.829  -4.962  1.00 57.01 ? 81  GLY A O   1 
ATOM   594  N N   . PRO A 1 84  ? -6.380  18.548  -6.512  1.00 57.81 ? 82  PRO A N   1 
ATOM   595  C CA  . PRO A 1 84  ? -5.686  18.033  -7.715  1.00 57.49 ? 82  PRO A CA  1 
ATOM   596  C C   . PRO A 1 84  ? -4.270  18.553  -7.766  1.00 57.60 ? 82  PRO A C   1 
ATOM   597  O O   . PRO A 1 84  ? -3.342  17.790  -8.034  1.00 58.39 ? 82  PRO A O   1 
ATOM   598  C CB  . PRO A 1 84  ? -6.532  18.579  -8.881  1.00 58.10 ? 82  PRO A CB  1 
ATOM   599  C CG  . PRO A 1 84  ? -7.391  19.709  -8.266  1.00 57.44 ? 82  PRO A CG  1 
ATOM   600  C CD  . PRO A 1 84  ? -7.592  19.339  -6.841  1.00 57.73 ? 82  PRO A CD  1 
ATOM   601  N N   . GLY A 1 85  ? -4.099  19.825  -7.438  1.00 57.51 ? 83  GLY A N   1 
ATOM   602  C CA  . GLY A 1 85  ? -2.794  20.454  -7.379  1.00 58.38 ? 83  GLY A CA  1 
ATOM   603  C C   . GLY A 1 85  ? -1.690  19.731  -6.616  1.00 59.28 ? 83  GLY A C   1 
ATOM   604  O O   . GLY A 1 85  ? -0.582  19.589  -7.147  1.00 59.68 ? 83  GLY A O   1 
ATOM   605  N N   . GLU A 1 86  ? -1.992  19.280  -5.382  1.00 58.93 ? 84  GLU A N   1 
ATOM   606  C CA  . GLU A 1 86  ? -0.977  18.811  -4.424  1.00 58.24 ? 84  GLU A CA  1 
ATOM   607  C C   . GLU A 1 86  ? -1.013  17.315  -4.094  1.00 57.40 ? 84  GLU A C   1 
ATOM   608  O O   . GLU A 1 86  ? -0.088  16.801  -3.455  1.00 57.95 ? 84  GLU A O   1 
ATOM   609  C CB  . GLU A 1 86  ? -1.058  19.605  -3.123  1.00 58.49 ? 84  GLU A CB  1 
ATOM   610  C CG  . GLU A 1 86  ? -0.648  21.084  -3.301  1.00 63.32 ? 84  GLU A CG  1 
ATOM   611  C CD  . GLU A 1 86  ? 0.809   21.248  -3.740  1.00 66.37 ? 84  GLU A CD  1 
ATOM   612  O OE1 . GLU A 1 86  ? 1.072   22.057  -4.641  1.00 69.37 ? 84  GLU A OE1 1 
ATOM   613  O OE2 . GLU A 1 86  ? 1.694   20.561  -3.183  1.00 71.02 ? 84  GLU A OE2 1 
ATOM   614  N N   . ALA A 1 87  ? -2.063  16.630  -4.519  1.00 55.68 ? 85  ALA A N   1 
ATOM   615  C CA  . ALA A 1 87  ? -2.295  15.269  -4.098  1.00 54.98 ? 85  ALA A CA  1 
ATOM   616  C C   . ALA A 1 87  ? -1.176  14.303  -4.548  1.00 54.44 ? 85  ALA A C   1 
ATOM   617  O O   . ALA A 1 87  ? -0.817  13.386  -3.808  1.00 52.61 ? 85  ALA A O   1 
ATOM   618  C CB  . ALA A 1 87  ? -3.684  14.794  -4.567  1.00 54.65 ? 85  ALA A CB  1 
ATOM   619  N N   . LEU A 1 88  ? -0.610  14.543  -5.737  1.00 54.06 ? 86  LEU A N   1 
ATOM   620  C CA  . LEU A 1 88  ? 0.466   13.695  -6.260  1.00 53.16 ? 86  LEU A CA  1 
ATOM   621  C C   . LEU A 1 88  ? 1.690   13.768  -5.389  1.00 53.12 ? 86  LEU A C   1 
ATOM   622  O O   . LEU A 1 88  ? 2.284   12.743  -5.057  1.00 52.99 ? 86  LEU A O   1 
ATOM   623  C CB  . LEU A 1 88  ? 0.832   14.096  -7.688  1.00 53.69 ? 86  LEU A CB  1 
ATOM   624  C CG  . LEU A 1 88  ? 1.990   13.313  -8.299  1.00 51.59 ? 86  LEU A CG  1 
ATOM   625  C CD1 . LEU A 1 88  ? 1.507   11.985  -8.763  1.00 47.43 ? 86  LEU A CD1 1 
ATOM   626  C CD2 . LEU A 1 88  ? 2.644   14.059  -9.408  1.00 47.88 ? 86  LEU A CD2 1 
ATOM   627  N N   . PHE A 1 89  ? 2.061   14.981  -5.016  1.00 53.43 ? 87  PHE A N   1 
ATOM   628  C CA  . PHE A 1 89  ? 3.205   15.207  -4.123  1.00 55.17 ? 87  PHE A CA  1 
ATOM   629  C C   . PHE A 1 89  ? 3.070   14.571  -2.763  1.00 53.91 ? 87  PHE A C   1 
ATOM   630  O O   . PHE A 1 89  ? 4.024   13.988  -2.294  1.00 54.28 ? 87  PHE A O   1 
ATOM   631  C CB  . PHE A 1 89  ? 3.509   16.705  -3.969  1.00 57.01 ? 87  PHE A CB  1 
ATOM   632  C CG  . PHE A 1 89  ? 4.059   17.320  -5.219  1.00 61.15 ? 87  PHE A CG  1 
ATOM   633  C CD1 . PHE A 1 89  ? 5.269   16.863  -5.756  1.00 63.46 ? 87  PHE A CD1 1 
ATOM   634  C CD2 . PHE A 1 89  ? 3.340   18.292  -5.900  1.00 63.89 ? 87  PHE A CD2 1 
ATOM   635  C CE1 . PHE A 1 89  ? 5.760   17.368  -6.930  1.00 65.47 ? 87  PHE A CE1 1 
ATOM   636  C CE2 . PHE A 1 89  ? 3.843   18.832  -7.062  1.00 66.74 ? 87  PHE A CE2 1 
ATOM   637  C CZ  . PHE A 1 89  ? 5.053   18.365  -7.593  1.00 64.54 ? 87  PHE A CZ  1 
ATOM   638  N N   . VAL A 1 90  ? 1.900   14.718  -2.127  1.00 53.16 ? 88  VAL A N   1 
ATOM   639  C CA  . VAL A 1 90  ? 1.571   13.991  -0.904  1.00 51.49 ? 88  VAL A CA  1 
ATOM   640  C C   . VAL A 1 90  ? 1.578   12.471  -1.104  1.00 51.81 ? 88  VAL A C   1 
ATOM   641  O O   . VAL A 1 90  ? 2.110   11.730  -0.275  1.00 52.85 ? 88  VAL A O   1 
ATOM   642  C CB  . VAL A 1 90  ? 0.234   14.435  -0.303  1.00 52.10 ? 88  VAL A CB  1 
ATOM   643  C CG1 . VAL A 1 90  ? 0.088   13.858  1.187   1.00 48.28 ? 88  VAL A CG1 1 
ATOM   644  C CG2 . VAL A 1 90  ? 0.153   15.989  -0.321  1.00 50.20 ? 88  VAL A CG2 1 
ATOM   645  N N   . PHE A 1 91  ? 1.064   11.995  -2.210  1.00 50.96 ? 89  PHE A N   1 
ATOM   646  C CA  . PHE A 1 91  ? 1.023   10.576  -2.405  1.00 52.84 ? 89  PHE A CA  1 
ATOM   647  C C   . PHE A 1 91  ? 2.424   9.969   -2.518  1.00 53.54 ? 89  PHE A C   1 
ATOM   648  O O   . PHE A 1 91  ? 2.714   8.902   -1.967  1.00 53.77 ? 89  PHE A O   1 
ATOM   649  C CB  . PHE A 1 91  ? 0.158   10.266  -3.597  1.00 51.88 ? 89  PHE A CB  1 
ATOM   650  C CG  . PHE A 1 91  ? 0.149   8.851   -3.982  1.00 53.58 ? 89  PHE A CG  1 
ATOM   651  C CD1 . PHE A 1 91  ? -0.788  7.984   -3.454  1.00 56.14 ? 89  PHE A CD1 1 
ATOM   652  C CD2 . PHE A 1 91  ? 1.038   8.377   -4.920  1.00 53.87 ? 89  PHE A CD2 1 
ATOM   653  C CE1 . PHE A 1 91  ? -0.828  6.659   -3.852  1.00 56.07 ? 89  PHE A CE1 1 
ATOM   654  C CE2 . PHE A 1 91  ? 1.009   7.045   -5.311  1.00 55.92 ? 89  PHE A CE2 1 
ATOM   655  C CZ  . PHE A 1 91  ? 0.062   6.186   -4.784  1.00 54.41 ? 89  PHE A CZ  1 
ATOM   656  N N   . MET A 1 92  ? 3.304   10.682  -3.201  1.00 55.63 ? 90  MET A N   1 
ATOM   657  C CA  . MET A 1 92  ? 4.641   10.177  -3.521  1.00 55.74 ? 90  MET A CA  1 
ATOM   658  C C   . MET A 1 92  ? 5.421   10.200  -2.209  1.00 57.00 ? 90  MET A C   1 
ATOM   659  O O   . MET A 1 92  ? 6.135   9.262   -1.918  1.00 57.33 ? 90  MET A O   1 
ATOM   660  C CB  . MET A 1 92  ? 5.343   11.036  -4.616  1.00 56.26 ? 90  MET A CB  1 
ATOM   661  C CG  . MET A 1 92  ? 4.747   10.969  -6.075  1.00 56.66 ? 90  MET A CG  1 
ATOM   662  S SD  . MET A 1 92  ? 5.627   12.081  -7.262  1.00 51.54 ? 90  MET A SD  1 
ATOM   663  C CE  . MET A 1 92  ? 7.033   11.124  -7.803  1.00 58.62 ? 90  MET A CE  1 
ATOM   664  N N   . ARG A 1 93  ? 5.277   11.259  -1.417  1.00 57.94 ? 91  ARG A N   1 
ATOM   665  C CA  . ARG A 1 93  ? 5.955   11.313  -0.102  1.00 60.46 ? 91  ARG A CA  1 
ATOM   666  C C   . ARG A 1 93  ? 5.523   10.183  0.804   1.00 60.98 ? 91  ARG A C   1 
ATOM   667  O O   . ARG A 1 93  ? 6.364   9.583   1.440   1.00 61.44 ? 91  ARG A O   1 
ATOM   668  C CB  . ARG A 1 93  ? 5.724   12.642  0.616   1.00 61.41 ? 91  ARG A CB  1 
ATOM   669  C CG  . ARG A 1 93  ? 6.625   13.757  0.110   1.00 65.36 ? 91  ARG A CG  1 
ATOM   670  C CD  . ARG A 1 93  ? 6.412   15.030  0.864   1.00 71.40 ? 91  ARG A CD  1 
ATOM   671  N NE  . ARG A 1 93  ? 5.329   15.760  0.232   1.00 77.26 ? 91  ARG A NE  1 
ATOM   672  C CZ  . ARG A 1 93  ? 5.114   17.058  0.383   1.00 79.69 ? 91  ARG A CZ  1 
ATOM   673  N NH1 . ARG A 1 93  ? 5.933   17.772  1.163   1.00 82.99 ? 91  ARG A NH1 1 
ATOM   674  N NH2 . ARG A 1 93  ? 4.087   17.638  -0.241  1.00 79.07 ? 91  ARG A NH2 1 
ATOM   675  N N   . ASP A 1 94  ? 4.213   9.904   0.830   1.00 62.18 ? 92  ASP A N   1 
ATOM   676  C CA  . ASP A 1 94  ? 3.603   8.787   1.568   1.00 63.04 ? 92  ASP A CA  1 
ATOM   677  C C   . ASP A 1 94  ? 4.071   7.407   1.118   1.00 63.31 ? 92  ASP A C   1 
ATOM   678  O O   . ASP A 1 94  ? 4.200   6.498   1.957   1.00 62.62 ? 92  ASP A O   1 
ATOM   679  C CB  . ASP A 1 94  ? 2.077   8.822   1.468   1.00 63.85 ? 92  ASP A CB  1 
ATOM   680  C CG  . ASP A 1 94  ? 1.448   10.065  2.119   1.00 65.34 ? 92  ASP A CG  1 
ATOM   681  O OD1 . ASP A 1 94  ? 2.184   10.947  2.638   1.00 66.64 ? 92  ASP A OD1 1 
ATOM   682  O OD2 . ASP A 1 94  ? 0.198   10.151  2.097   1.00 65.24 ? 92  ASP A OD2 1 
ATOM   683  N N   . MET A 1 95  ? 4.282   7.228   -0.193  1.00 63.74 ? 93  MET A N   1 
ATOM   684  C CA  . MET A 1 95  ? 4.842   5.967   -0.685  1.00 64.45 ? 93  MET A CA  1 
ATOM   685  C C   . MET A 1 95  ? 6.247   5.805   -0.154  1.00 64.53 ? 93  MET A C   1 
ATOM   686  O O   . MET A 1 95  ? 6.637   4.708   0.254   1.00 63.86 ? 93  MET A O   1 
ATOM   687  C CB  . MET A 1 95  ? 4.856   5.856   -2.206  1.00 65.26 ? 93  MET A CB  1 
ATOM   688  C CG  . MET A 1 95  ? 3.493   5.652   -2.860  1.00 66.41 ? 93  MET A CG  1 
ATOM   689  S SD  . MET A 1 95  ? 2.417   4.477   -2.021  1.00 68.95 ? 93  MET A SD  1 
ATOM   690  C CE  . MET A 1 95  ? 3.221   2.908   -2.495  1.00 65.37 ? 93  MET A CE  1 
ATOM   691  N N   . VAL A 1 96  ? 6.971   6.919   -0.120  1.00 65.47 ? 94  VAL A N   1 
ATOM   692  C CA  . VAL A 1 96  ? 8.352   6.970   0.362   1.00 66.48 ? 94  VAL A CA  1 
ATOM   693  C C   . VAL A 1 96  ? 8.409   6.610   1.849   1.00 66.80 ? 94  VAL A C   1 
ATOM   694  O O   . VAL A 1 96  ? 9.073   5.650   2.229   1.00 67.06 ? 94  VAL A O   1 
ATOM   695  C CB  . VAL A 1 96  ? 9.047   8.350   0.030   1.00 66.63 ? 94  VAL A CB  1 
ATOM   696  C CG1 . VAL A 1 96  ? 9.983   8.795   1.135   1.00 67.29 ? 94  VAL A CG1 1 
ATOM   697  C CG2 . VAL A 1 96  ? 9.819   8.259   -1.281  1.00 67.23 ? 94  VAL A CG2 1 
ATOM   698  N N   . ARG A 1 97  ? 7.696   7.363   2.677   1.00 67.36 ? 95  ARG A N   1 
ATOM   699  C CA  . ARG A 1 97  ? 7.533   7.019   4.080   1.00 68.51 ? 95  ARG A CA  1 
ATOM   700  C C   . ARG A 1 97  ? 7.185   5.516   4.243   1.00 67.13 ? 95  ARG A C   1 
ATOM   701  O O   . ARG A 1 97  ? 7.796   4.828   5.049   1.00 67.83 ? 95  ARG A O   1 
ATOM   702  C CB  . ARG A 1 97  ? 6.477   7.946   4.715   1.00 68.45 ? 95  ARG A CB  1 
ATOM   703  C CG  . ARG A 1 97  ? 6.109   7.685   6.190   1.00 71.24 ? 95  ARG A CG  1 
ATOM   704  C CD  . ARG A 1 97  ? 4.671   8.191   6.490   1.00 72.36 ? 95  ARG A CD  1 
ATOM   705  N NE  . ARG A 1 97  ? 4.303   8.241   7.926   1.00 80.92 ? 95  ARG A NE  1 
ATOM   706  C CZ  . ARG A 1 97  ? 3.035   8.254   8.378   1.00 82.86 ? 95  ARG A CZ  1 
ATOM   707  N NH1 . ARG A 1 97  ? 2.011   8.202   7.514   1.00 82.92 ? 95  ARG A NH1 1 
ATOM   708  N NH2 . ARG A 1 97  ? 2.777   8.318   9.685   1.00 82.13 ? 95  ARG A NH2 1 
ATOM   709  N N   . SER A 1 98  ? 6.266   4.982   3.445   1.00 66.03 ? 96  SER A N   1 
ATOM   710  C CA  . SER A 1 98  ? 5.824   3.607   3.688   1.00 65.15 ? 96  SER A CA  1 
ATOM   711  C C   . SER A 1 98  ? 6.709   2.467   3.114   1.00 63.38 ? 96  SER A C   1 
ATOM   712  O O   . SER A 1 98  ? 6.418   1.297   3.325   1.00 63.49 ? 96  SER A O   1 
ATOM   713  C CB  . SER A 1 98  ? 4.314   3.429   3.379   1.00 65.48 ? 96  SER A CB  1 
ATOM   714  O OG  . SER A 1 98  ? 4.082   3.151   2.007   1.00 66.54 ? 96  SER A OG  1 
ATOM   715  N N   . ALA A 1 99  ? 7.802   2.828   2.448   1.00 62.11 ? 97  ALA A N   1 
ATOM   716  C CA  . ALA A 1 99  ? 8.770   1.890   1.818   1.00 61.26 ? 97  ALA A CA  1 
ATOM   717  C C   . ALA A 1 99  ? 9.354   0.766   2.683   1.00 60.37 ? 97  ALA A C   1 
ATOM   718  O O   . ALA A 1 99  ? 9.478   -0.365  2.212   1.00 60.17 ? 97  ALA A O   1 
ATOM   719  C CB  . ALA A 1 99  ? 9.935   2.679   1.163   1.00 60.99 ? 97  ALA A CB  1 
ATOM   720  N N   . ALA A 1 100 ? 9.761   1.102   3.907   1.00 60.49 ? 98  ALA A N   1 
ATOM   721  C CA  . ALA A 1 100 ? 10.244  0.147   4.916   1.00 61.03 ? 98  ALA A CA  1 
ATOM   722  C C   . ALA A 1 100 ? 9.197   -0.909  5.244   1.00 60.99 ? 98  ALA A C   1 
ATOM   723  O O   . ALA A 1 100 ? 9.490   -2.117  5.291   1.00 61.62 ? 98  ALA A O   1 
ATOM   724  C CB  . ALA A 1 100 ? 10.651  0.877   6.203   1.00 61.65 ? 98  ALA A CB  1 
ATOM   725  N N   . ALA A 1 101 ? 7.959   -0.464  5.445   1.00 60.55 ? 99  ALA A N   1 
ATOM   726  C CA  . ALA A 1 101 ? 6.868   -1.407  5.691   1.00 58.73 ? 99  ALA A CA  1 
ATOM   727  C C   . ALA A 1 101 ? 6.640   -2.318  4.502   1.00 57.57 ? 99  ALA A C   1 
ATOM   728  O O   . ALA A 1 101 ? 6.544   -3.521  4.641   1.00 57.17 ? 99  ALA A O   1 
ATOM   729  C CB  . ALA A 1 101 ? 5.581   -0.659  6.051   1.00 59.02 ? 99  ALA A CB  1 
ATOM   730  N N   . ASP A 1 102 ? 6.534   -1.737  3.319   1.00 57.22 ? 100 ASP A N   1 
ATOM   731  C CA  . ASP A 1 102 ? 6.153   -2.520  2.140   1.00 56.26 ? 100 ASP A CA  1 
ATOM   732  C C   . ASP A 1 102 ? 7.241   -3.484  1.627   1.00 55.26 ? 100 ASP A C   1 
ATOM   733  O O   . ASP A 1 102 ? 6.922   -4.453  0.967   1.00 55.33 ? 100 ASP A O   1 
ATOM   734  C CB  . ASP A 1 102 ? 5.673   -1.581  1.030   1.00 56.29 ? 100 ASP A CB  1 
ATOM   735  C CG  . ASP A 1 102 ? 4.323   -0.981  1.326   1.00 56.94 ? 100 ASP A CG  1 
ATOM   736  O OD1 . ASP A 1 102 ? 3.399   -1.682  1.780   1.00 55.84 ? 100 ASP A OD1 1 
ATOM   737  O OD2 . ASP A 1 102 ? 4.175   0.214   1.077   1.00 59.58 ? 100 ASP A OD2 1 
ATOM   738  N N   . TYR A 1 103 ? 8.501   -3.129  1.872   1.00 55.68 ? 101 TYR A N   1 
ATOM   739  C CA  . TYR A 1 103 ? 9.698   -4.015  1.975   1.00 56.88 ? 101 TYR A CA  1 
ATOM   740  C C   . TYR A 1 103 ? 9.462   -5.361  2.693   1.00 55.38 ? 101 TYR A C   1 
ATOM   741  O O   . TYR A 1 103 ? 9.785   -6.440  2.156   1.00 54.25 ? 101 TYR A O   1 
ATOM   742  C CB  . TYR A 1 103 ? 10.745  -3.254  2.787   1.00 59.00 ? 101 TYR A CB  1 
ATOM   743  C CG  . TYR A 1 103 ? 12.147  -3.778  2.748   1.00 61.73 ? 101 TYR A CG  1 
ATOM   744  C CD1 . TYR A 1 103 ? 13.010  -3.500  1.654   1.00 66.25 ? 101 TYR A CD1 1 
ATOM   745  C CD2 . TYR A 1 103 ? 12.650  -4.493  3.824   1.00 65.19 ? 101 TYR A CD2 1 
ATOM   746  C CE1 . TYR A 1 103 ? 14.356  -3.980  1.638   1.00 65.96 ? 101 TYR A CE1 1 
ATOM   747  C CE2 . TYR A 1 103 ? 13.973  -4.974  3.826   1.00 66.78 ? 101 TYR A CE2 1 
ATOM   748  C CZ  . TYR A 1 103 ? 14.812  -4.722  2.731   1.00 64.89 ? 101 TYR A CZ  1 
ATOM   749  O OH  . TYR A 1 103 ? 16.090  -5.212  2.796   1.00 64.32 ? 101 TYR A OH  1 
ATOM   750  N N   . GLY A 1 104 ? 8.873   -5.286  3.889   1.00 53.04 ? 102 GLY A N   1 
ATOM   751  C CA  . GLY A 1 104 ? 8.721   -6.453  4.717   1.00 52.08 ? 102 GLY A CA  1 
ATOM   752  C C   . GLY A 1 104 ? 7.599   -7.278  4.172   1.00 52.34 ? 102 GLY A C   1 
ATOM   753  O O   . GLY A 1 104 ? 7.563   -8.496  4.322   1.00 52.88 ? 102 GLY A O   1 
ATOM   754  N N   . LEU A 1 105 ? 6.652   -6.605  3.532   1.00 51.53 ? 103 LEU A N   1 
ATOM   755  C CA  . LEU A 1 105 ? 5.562   -7.324  2.859   1.00 50.70 ? 103 LEU A CA  1 
ATOM   756  C C   . LEU A 1 105 ? 6.054   -8.116  1.591   1.00 50.48 ? 103 LEU A C   1 
ATOM   757  O O   . LEU A 1 105 ? 5.718   -9.278  1.394   1.00 49.27 ? 103 LEU A O   1 
ATOM   758  C CB  . LEU A 1 105 ? 4.426   -6.326  2.536   1.00 49.44 ? 103 LEU A CB  1 
ATOM   759  C CG  . LEU A 1 105 ? 3.327   -6.869  1.655   1.00 48.26 ? 103 LEU A CG  1 
ATOM   760  C CD1 . LEU A 1 105 ? 2.660   -8.002  2.388   1.00 46.11 ? 103 LEU A CD1 1 
ATOM   761  C CD2 . LEU A 1 105 ? 2.360   -5.739  1.294   1.00 48.92 ? 103 LEU A CD2 1 
ATOM   762  N N   . VAL A 1 106 ? 6.825   -7.452  0.731   1.00 51.60 ? 104 VAL A N   1 
ATOM   763  C CA  . VAL A 1 106 ? 7.451   -8.120  -0.445  1.00 52.15 ? 104 VAL A CA  1 
ATOM   764  C C   . VAL A 1 106 ? 8.272   -9.355  -0.014  1.00 51.69 ? 104 VAL A C   1 
ATOM   765  O O   . VAL A 1 106 ? 8.074   -10.455 -0.512  1.00 52.44 ? 104 VAL A O   1 
ATOM   766  C CB  . VAL A 1 106 ? 8.396   -7.138  -1.199  1.00 52.57 ? 104 VAL A CB  1 
ATOM   767  C CG1 . VAL A 1 106 ? 8.966   -7.776  -2.487  1.00 51.44 ? 104 VAL A CG1 1 
ATOM   768  C CG2 . VAL A 1 106 ? 7.686   -5.840  -1.494  1.00 52.67 ? 104 VAL A CG2 1 
ATOM   769  N N   . ASP A 1 107 ? 9.163   -9.158  0.929   1.00 51.80 ? 105 ASP A N   1 
ATOM   770  C CA  . ASP A 1 107 ? 9.965   -10.209 1.457   1.00 53.41 ? 105 ASP A CA  1 
ATOM   771  C C   . ASP A 1 107 ? 9.106   -11.379 1.871   1.00 52.94 ? 105 ASP A C   1 
ATOM   772  O O   . ASP A 1 107 ? 9.396   -12.504 1.501   1.00 52.63 ? 105 ASP A O   1 
ATOM   773  C CB  . ASP A 1 107 ? 10.699  -9.690  2.659   1.00 55.96 ? 105 ASP A CB  1 
ATOM   774  C CG  . ASP A 1 107 ? 12.148  -9.667  2.478   1.00 62.69 ? 105 ASP A CG  1 
ATOM   775  O OD1 . ASP A 1 107 ? 12.617  -9.613  1.298   1.00 70.35 ? 105 ASP A OD1 1 
ATOM   776  O OD2 . ASP A 1 107 ? 12.831  -9.684  3.542   1.00 71.13 ? 105 ASP A OD2 1 
ATOM   777  N N   . ALA A 1 108 ? 8.006   -11.106 2.582   1.00 52.36 ? 106 ALA A N   1 
ATOM   778  C CA  . ALA A 1 108 ? 7.062   -12.150 2.953   1.00 51.37 ? 106 ALA A CA  1 
ATOM   779  C C   . ALA A 1 108 ? 6.433   -12.859 1.734   1.00 53.09 ? 106 ALA A C   1 
ATOM   780  O O   . ALA A 1 108 ? 6.255   -14.128 1.719   1.00 51.96 ? 106 ALA A O   1 
ATOM   781  C CB  . ALA A 1 108 ? 5.999   -11.582 3.884   1.00 49.90 ? 106 ALA A CB  1 
ATOM   782  N N   . LEU A 1 109 ? 6.079   -12.049 0.735   1.00 53.25 ? 107 LEU A N   1 
ATOM   783  C CA  . LEU A 1 109 ? 5.475   -12.543 -0.501  1.00 55.37 ? 107 LEU A CA  1 
ATOM   784  C C   . LEU A 1 109 ? 6.527   -13.367 -1.211  1.00 57.38 ? 107 LEU A C   1 
ATOM   785  O O   . LEU A 1 109 ? 6.225   -14.367 -1.833  1.00 57.97 ? 107 LEU A O   1 
ATOM   786  C CB  . LEU A 1 109 ? 5.123   -11.360 -1.396  1.00 55.80 ? 107 LEU A CB  1 
ATOM   787  C CG  . LEU A 1 109 ? 3.819   -10.574 -1.193  1.00 54.57 ? 107 LEU A CG  1 
ATOM   788  C CD1 . LEU A 1 109 ? 3.714   -9.359  -2.152  1.00 53.09 ? 107 LEU A CD1 1 
ATOM   789  C CD2 . LEU A 1 109 ? 2.696   -11.562 -1.449  1.00 56.73 ? 107 LEU A CD2 1 
ATOM   790  N N   . VAL A 1 110 ? 7.780   -12.953 -1.071  1.00 58.85 ? 108 VAL A N   1 
ATOM   791  C CA  . VAL A 1 110 ? 8.922   -13.678 -1.615  1.00 60.29 ? 108 VAL A CA  1 
ATOM   792  C C   . VAL A 1 110 ? 9.176   -15.049 -0.936  1.00 61.79 ? 108 VAL A C   1 
ATOM   793  O O   . VAL A 1 110 ? 9.425   -16.067 -1.629  1.00 61.66 ? 108 VAL A O   1 
ATOM   794  C CB  . VAL A 1 110 ? 10.151  -12.782 -1.557  1.00 60.63 ? 108 VAL A CB  1 
ATOM   795  C CG1 . VAL A 1 110 ? 11.458  -13.578 -1.501  1.00 61.93 ? 108 VAL A CG1 1 
ATOM   796  C CG2 . VAL A 1 110 ? 10.104  -11.786 -2.731  1.00 60.50 ? 108 VAL A CG2 1 
ATOM   797  N N   . GLY A 1 111 ? 9.063   -15.096 0.394   1.00 61.49 ? 109 GLY A N   1 
ATOM   798  C CA  . GLY A 1 111 ? 9.333   -16.314 1.097   1.00 62.07 ? 109 GLY A CA  1 
ATOM   799  C C   . GLY A 1 111 ? 8.443   -17.439 0.653   1.00 63.07 ? 109 GLY A C   1 
ATOM   800  O O   . GLY A 1 111 ? 8.684   -18.607 0.986   1.00 63.10 ? 109 GLY A O   1 
ATOM   801  N N   . TYR A 1 112 ? 7.389   -17.089 -0.079  1.00 63.92 ? 110 TYR A N   1 
ATOM   802  C CA  . TYR A 1 112 ? 6.412   -18.076 -0.546  1.00 64.87 ? 110 TYR A CA  1 
ATOM   803  C C   . TYR A 1 112 ? 6.450   -18.205 -2.080  1.00 66.03 ? 110 TYR A C   1 
ATOM   804  O O   . TYR A 1 112 ? 5.586   -18.857 -2.691  1.00 66.40 ? 110 TYR A O   1 
ATOM   805  C CB  . TYR A 1 112 ? 5.015   -17.725 -0.027  1.00 64.93 ? 110 TYR A CB  1 
ATOM   806  C CG  . TYR A 1 112 ? 4.816   -18.061 1.441   1.00 64.17 ? 110 TYR A CG  1 
ATOM   807  C CD1 . TYR A 1 112 ? 4.515   -19.356 1.825   1.00 65.71 ? 110 TYR A CD1 1 
ATOM   808  C CD2 . TYR A 1 112 ? 4.948   -17.112 2.426   1.00 63.69 ? 110 TYR A CD2 1 
ATOM   809  C CE1 . TYR A 1 112 ? 4.318   -19.707 3.149   1.00 65.64 ? 110 TYR A CE1 1 
ATOM   810  C CE2 . TYR A 1 112 ? 4.755   -17.451 3.785   1.00 64.68 ? 110 TYR A CE2 1 
ATOM   811  C CZ  . TYR A 1 112 ? 4.439   -18.757 4.127   1.00 64.53 ? 110 TYR A CZ  1 
ATOM   812  O OH  . TYR A 1 112 ? 4.225   -19.162 5.424   1.00 64.45 ? 110 TYR A OH  1 
ATOM   813  N N   . GLY A 1 113 ? 7.482   -17.613 -2.677  1.00 65.99 ? 111 GLY A N   1 
ATOM   814  C CA  . GLY A 1 113 ? 7.633   -17.595 -4.108  1.00 68.75 ? 111 GLY A CA  1 
ATOM   815  C C   . GLY A 1 113 ? 6.485   -16.901 -4.818  1.00 70.15 ? 111 GLY A C   1 
ATOM   816  O O   . GLY A 1 113 ? 6.101   -17.321 -5.920  1.00 70.39 ? 111 GLY A O   1 
ATOM   817  N N   . LEU A 1 114 ? 5.928   -15.862 -4.175  1.00 70.80 ? 112 LEU A N   1 
ATOM   818  C CA  . LEU A 1 114 ? 4.793   -15.101 -4.703  1.00 71.47 ? 112 LEU A CA  1 
ATOM   819  C C   . LEU A 1 114 ? 5.173   -13.667 -5.100  1.00 72.22 ? 112 LEU A C   1 
ATOM   820  O O   . LEU A 1 114 ? 6.069   -13.067 -4.527  1.00 72.30 ? 112 LEU A O   1 
ATOM   821  C CB  . LEU A 1 114 ? 3.642   -15.106 -3.697  1.00 71.46 ? 112 LEU A CB  1 
ATOM   822  C CG  . LEU A 1 114 ? 2.575   -16.173 -3.966  1.00 73.00 ? 112 LEU A CG  1 
ATOM   823  C CD1 . LEU A 1 114 ? 2.107   -16.897 -2.697  1.00 75.14 ? 112 LEU A CD1 1 
ATOM   824  C CD2 . LEU A 1 114 ? 1.387   -15.581 -4.724  1.00 74.81 ? 112 LEU A CD2 1 
ATOM   825  N N   . ASP A 1 115 ? 4.507   -13.148 -6.128  1.00 73.52 ? 113 ASP A N   1 
ATOM   826  C CA  . ASP A 1 115 ? 4.661   -11.762 -6.592  1.00 73.89 ? 113 ASP A CA  1 
ATOM   827  C C   . ASP A 1 115 ? 3.429   -10.952 -6.167  1.00 72.83 ? 113 ASP A C   1 
ATOM   828  O O   . ASP A 1 115 ? 2.399   -11.534 -5.830  1.00 72.14 ? 113 ASP A O   1 
ATOM   829  C CB  . ASP A 1 115 ? 4.710   -11.733 -8.130  1.00 75.15 ? 113 ASP A CB  1 
ATOM   830  C CG  . ASP A 1 115 ? 6.088   -11.944 -8.688  1.00 78.55 ? 113 ASP A CG  1 
ATOM   831  O OD1 . ASP A 1 115 ? 6.624   -10.948 -9.252  1.00 82.19 ? 113 ASP A OD1 1 
ATOM   832  O OD2 . ASP A 1 115 ? 6.614   -13.093 -8.588  1.00 80.52 ? 113 ASP A OD2 1 
ATOM   833  N N   . LEU A 1 116 ? 3.523   -9.618  -6.253  1.00 71.94 ? 114 LEU A N   1 
ATOM   834  C CA  . LEU A 1 116 ? 2.360   -8.759  -6.047  1.00 71.41 ? 114 LEU A CA  1 
ATOM   835  C C   . LEU A 1 116 ? 1.269   -9.013  -7.073  1.00 71.24 ? 114 LEU A C   1 
ATOM   836  O O   . LEU A 1 116 ? 0.105   -9.251  -6.707  1.00 70.83 ? 114 LEU A O   1 
ATOM   837  C CB  . LEU A 1 116 ? 2.740   -7.276  -6.029  1.00 71.60 ? 114 LEU A CB  1 
ATOM   838  C CG  . LEU A 1 116 ? 1.872   -6.323  -5.203  1.00 70.24 ? 114 LEU A CG  1 
ATOM   839  C CD1 . LEU A 1 116 ? 1.298   -7.009  -3.947  1.00 68.52 ? 114 LEU A CD1 1 
ATOM   840  C CD2 . LEU A 1 116 ? 2.680   -5.065  -4.845  1.00 69.85 ? 114 LEU A CD2 1 
ATOM   841  N N   . GLU A 1 117 ? 1.646   -8.995  -8.350  1.00 71.16 ? 115 GLU A N   1 
ATOM   842  C CA  . GLU A 1 117 ? 0.677   -9.222  -9.431  1.00 71.29 ? 115 GLU A CA  1 
ATOM   843  C C   . GLU A 1 117 ? 0.133   -10.648 -9.514  1.00 70.69 ? 115 GLU A C   1 
ATOM   844  O O   . GLU A 1 117 ? -0.821  -10.923 -10.258 1.00 71.06 ? 115 GLU A O   1 
ATOM   845  C CB  . GLU A 1 117 ? 1.168   -8.685  -10.785 1.00 72.08 ? 115 GLU A CB  1 
ATOM   846  C CG  . GLU A 1 117 ? 0.468   -7.313  -11.189 1.00 74.57 ? 115 GLU A CG  1 
ATOM   847  C CD  . GLU A 1 117 ? -0.885  -7.491  -11.918 1.00 77.06 ? 115 GLU A CD  1 
ATOM   848  O OE1 . GLU A 1 117 ? -1.366  -8.647  -12.045 1.00 78.40 ? 115 GLU A OE1 1 
ATOM   849  O OE2 . GLU A 1 117 ? -1.472  -6.473  -12.392 1.00 79.39 ? 115 GLU A OE2 1 
ATOM   850  N N   . VAL A 1 118 ? 0.693   -11.554 -8.719  1.00 69.68 ? 116 VAL A N   1 
ATOM   851  C CA  . VAL A 1 118 ? 0.099   -12.883 -8.648  1.00 67.73 ? 116 VAL A CA  1 
ATOM   852  C C   . VAL A 1 118 ? -0.866  -12.993 -7.447  1.00 66.07 ? 116 VAL A C   1 
ATOM   853  O O   . VAL A 1 118 ? -1.986  -13.498 -7.575  1.00 66.58 ? 116 VAL A O   1 
ATOM   854  C CB  . VAL A 1 118 ? 1.174   -14.035 -8.870  1.00 68.51 ? 116 VAL A CB  1 
ATOM   855  C CG1 . VAL A 1 118 ? 2.093   -13.715 -10.101 1.00 68.32 ? 116 VAL A CG1 1 
ATOM   856  C CG2 . VAL A 1 118 ? 2.048   -14.250 -7.691  1.00 70.58 ? 116 VAL A CG2 1 
ATOM   857  N N   . ALA A 1 119 ? -0.463  -12.438 -6.307  1.00 63.65 ? 117 ALA A N   1 
ATOM   858  C CA  . ALA A 1 119 ? -1.272  -12.399 -5.066  1.00 60.63 ? 117 ALA A CA  1 
ATOM   859  C C   . ALA A 1 119 ? -2.432  -11.367 -5.075  1.00 58.58 ? 117 ALA A C   1 
ATOM   860  O O   . ALA A 1 119 ? -3.514  -11.597 -4.508  1.00 57.48 ? 117 ALA A O   1 
ATOM   861  C CB  . ALA A 1 119 ? -0.333  -12.091 -3.903  1.00 60.68 ? 117 ALA A CB  1 
ATOM   862  N N   . ALA A 1 120 ? -2.162  -10.210 -5.681  1.00 56.34 ? 118 ALA A N   1 
ATOM   863  C CA  . ALA A 1 120 ? -3.122  -9.109  -5.825  1.00 54.25 ? 118 ALA A CA  1 
ATOM   864  C C   . ALA A 1 120 ? -3.215  -8.809  -7.327  1.00 52.99 ? 118 ALA A C   1 
ATOM   865  O O   . ALA A 1 120 ? -2.546  -7.920  -7.829  1.00 51.13 ? 118 ALA A O   1 
ATOM   866  C CB  . ALA A 1 120 ? -2.671  -7.891  -5.066  1.00 52.17 ? 118 ALA A CB  1 
ATOM   867  N N   . PRO A 1 121 ? -4.011  -9.612  -8.048  1.00 53.36 ? 119 PRO A N   1 
ATOM   868  C CA  . PRO A 1 121 ? -4.173  -9.428  -9.503  1.00 53.16 ? 119 PRO A CA  1 
ATOM   869  C C   . PRO A 1 121 ? -4.826  -8.056  -9.776  1.00 51.78 ? 119 PRO A C   1 
ATOM   870  O O   . PRO A 1 121 ? -5.742  -7.662  -9.050  1.00 49.84 ? 119 PRO A O   1 
ATOM   871  C CB  . PRO A 1 121 ? -5.102  -10.569 -9.904  1.00 52.22 ? 119 PRO A CB  1 
ATOM   872  C CG  . PRO A 1 121 ? -5.855  -10.938 -8.628  1.00 55.04 ? 119 PRO A CG  1 
ATOM   873  C CD  . PRO A 1 121 ? -4.819  -10.743 -7.543  1.00 54.15 ? 119 PRO A CD  1 
ATOM   874  N N   . GLY A 1 122 ? -4.293  -7.351  -10.784 1.00 50.36 ? 120 GLY A N   1 
ATOM   875  C CA  . GLY A 1 122 ? -4.713  -5.998  -11.106 1.00 47.94 ? 120 GLY A CA  1 
ATOM   876  C C   . GLY A 1 122 ? -3.839  -5.015  -10.423 1.00 46.92 ? 120 GLY A C   1 
ATOM   877  O O   . GLY A 1 122 ? -3.938  -3.813  -10.685 1.00 46.37 ? 120 GLY A O   1 
ATOM   878  N N   . ALA A 1 123 ? -2.932  -5.505  -9.579  1.00 47.08 ? 121 ALA A N   1 
ATOM   879  C CA  . ALA A 1 123 ? -2.123  -4.577  -8.753  1.00 48.51 ? 121 ALA A CA  1 
ATOM   880  C C   . ALA A 1 123 ? -1.353  -3.587  -9.624  1.00 49.47 ? 121 ALA A C   1 
ATOM   881  O O   . ALA A 1 123 ? -1.480  -2.394  -9.433  1.00 47.85 ? 121 ALA A O   1 
ATOM   882  C CB  . ALA A 1 123 ? -1.193  -5.311  -7.814  1.00 47.32 ? 121 ALA A CB  1 
ATOM   883  N N   . GLU A 1 124 ? -0.581  -4.109  -10.580 1.00 51.25 ? 122 GLU A N   1 
ATOM   884  C CA  . GLU A 1 124 ? 0.238   -3.286  -11.520 1.00 55.10 ? 122 GLU A CA  1 
ATOM   885  C C   . GLU A 1 124 ? -0.599  -2.213  -12.111 1.00 52.82 ? 122 GLU A C   1 
ATOM   886  O O   . GLU A 1 124 ? -0.279  -1.041  -11.998 1.00 53.22 ? 122 GLU A O   1 
ATOM   887  C CB  . GLU A 1 124 ? 0.777   -4.136  -12.703 1.00 54.49 ? 122 GLU A CB  1 
ATOM   888  C CG  . GLU A 1 124 ? 2.220   -3.817  -13.084 1.00 61.90 ? 122 GLU A CG  1 
ATOM   889  C CD  . GLU A 1 124 ? 2.946   -4.981  -13.803 1.00 62.84 ? 122 GLU A CD  1 
ATOM   890  O OE1 . GLU A 1 124 ? 2.780   -6.179  -13.380 1.00 71.67 ? 122 GLU A OE1 1 
ATOM   891  O OE2 . GLU A 1 124 ? 3.676   -4.677  -14.788 1.00 69.53 ? 122 GLU A OE2 1 
ATOM   892  N N   . ALA A 1 125 ? -1.679  -2.661  -12.769 1.00 52.69 ? 123 ALA A N   1 
ATOM   893  C CA  . ALA A 1 125 ? -2.655  -1.790  -13.440 1.00 50.59 ? 123 ALA A CA  1 
ATOM   894  C C   . ALA A 1 125 ? -3.308  -0.788  -12.497 1.00 49.48 ? 123 ALA A C   1 
ATOM   895  O O   . ALA A 1 125 ? -3.462  0.364   -12.854 1.00 48.93 ? 123 ALA A O   1 
ATOM   896  C CB  . ALA A 1 125 ? -3.722  -2.636  -14.154 1.00 49.40 ? 123 ALA A CB  1 
ATOM   897  N N   . ALA A 1 126 ? -3.678  -1.228  -11.294 1.00 48.74 ? 124 ALA A N   1 
ATOM   898  C CA  . ALA A 1 126 ? -4.329  -0.332  -10.355 1.00 48.88 ? 124 ALA A CA  1 
ATOM   899  C C   . ALA A 1 126 ? -3.378  0.771   -9.943  1.00 49.74 ? 124 ALA A C   1 
ATOM   900  O O   . ALA A 1 126 ? -3.723  1.946   -9.945  1.00 49.21 ? 124 ALA A O   1 
ATOM   901  C CB  . ALA A 1 126 ? -4.854  -1.082  -9.149  1.00 48.28 ? 124 ALA A CB  1 
ATOM   902  N N   . PHE A 1 127 ? -2.152  0.404   -9.609  1.00 51.00 ? 125 PHE A N   1 
ATOM   903  C CA  . PHE A 1 127 ? -1.177  1.409   -9.215  1.00 52.59 ? 125 PHE A CA  1 
ATOM   904  C C   . PHE A 1 127 ? -0.892  2.397   -10.345 1.00 52.93 ? 125 PHE A C   1 
ATOM   905  O O   . PHE A 1 127 ? -0.887  3.603   -10.147 1.00 52.23 ? 125 PHE A O   1 
ATOM   906  C CB  . PHE A 1 127 ? 0.086   0.726   -8.730  1.00 53.25 ? 125 PHE A CB  1 
ATOM   907  C CG  . PHE A 1 127 ? 1.006   1.626   -8.037  1.00 55.50 ? 125 PHE A CG  1 
ATOM   908  C CD1 . PHE A 1 127 ? 0.728   2.059   -6.742  1.00 57.01 ? 125 PHE A CD1 1 
ATOM   909  C CD2 . PHE A 1 127 ? 2.152   2.084   -8.673  1.00 59.24 ? 125 PHE A CD2 1 
ATOM   910  C CE1 . PHE A 1 127 ? 1.565   2.910   -6.086  1.00 53.77 ? 125 PHE A CE1 1 
ATOM   911  C CE2 . PHE A 1 127 ? 3.011   2.966   -8.004  1.00 58.01 ? 125 PHE A CE2 1 
ATOM   912  C CZ  . PHE A 1 127 ? 2.703   3.359   -6.711  1.00 56.98 ? 125 PHE A CZ  1 
ATOM   913  N N   . LEU A 1 128 ? -0.698  1.871   -11.550 1.00 54.44 ? 126 LEU A N   1 
ATOM   914  C CA  . LEU A 1 128 ? -0.496  2.707   -12.717 1.00 55.89 ? 126 LEU A CA  1 
ATOM   915  C C   . LEU A 1 128 ? -1.643  3.708   -13.027 1.00 55.18 ? 126 LEU A C   1 
ATOM   916  O O   . LEU A 1 128 ? -1.421  4.929   -13.238 1.00 54.74 ? 126 LEU A O   1 
ATOM   917  C CB  . LEU A 1 128 ? -0.273  1.823   -13.940 1.00 57.35 ? 126 LEU A CB  1 
ATOM   918  C CG  . LEU A 1 128 ? 1.149   1.666   -14.454 1.00 60.65 ? 126 LEU A CG  1 
ATOM   919  C CD1 . LEU A 1 128 ? 1.058   0.778   -15.716 1.00 62.89 ? 126 LEU A CD1 1 
ATOM   920  C CD2 . LEU A 1 128 ? 1.805   3.034   -14.767 1.00 59.30 ? 126 LEU A CD2 1 
ATOM   921  N N   . ALA A 1 129 ? -2.851  3.173   -13.086 1.00 53.89 ? 127 ALA A N   1 
ATOM   922  C CA  . ALA A 1 129 ? -4.031  4.010   -13.268 1.00 54.21 ? 127 ALA A CA  1 
ATOM   923  C C   . ALA A 1 129 ? -4.197  5.079   -12.158 1.00 53.78 ? 127 ALA A C   1 
ATOM   924  O O   . ALA A 1 129 ? -4.527  6.256   -12.431 1.00 54.17 ? 127 ALA A O   1 
ATOM   925  C CB  . ALA A 1 129 ? -5.309  3.121   -13.480 1.00 53.05 ? 127 ALA A CB  1 
ATOM   926  N N   . THR A 1 130 ? -3.879  4.687   -10.929 1.00 53.39 ? 128 THR A N   1 
ATOM   927  C CA  . THR A 1 130 ? -3.813  5.585   -9.763  1.00 53.19 ? 128 THR A CA  1 
ATOM   928  C C   . THR A 1 130 ? -2.819  6.762   -9.902  1.00 53.20 ? 128 THR A C   1 
ATOM   929  O O   . THR A 1 130 ? -3.214  7.929   -9.855  1.00 52.84 ? 128 THR A O   1 
ATOM   930  C CB  . THR A 1 130 ? -3.459  4.758   -8.481  1.00 53.77 ? 128 THR A CB  1 
ATOM   931  O OG1 . THR A 1 130 ? -4.383  3.655   -8.357  1.00 54.39 ? 128 THR A OG1 1 
ATOM   932  C CG2 . THR A 1 130 ? -3.507  5.607   -7.232  1.00 50.62 ? 128 THR A CG2 1 
ATOM   933  N N   . LEU A 1 131 ? -1.531  6.449   -10.020 1.00 53.60 ? 129 LEU A N   1 
ATOM   934  C CA  . LEU A 1 131 ? -0.519  7.442   -10.382 1.00 54.22 ? 129 LEU A CA  1 
ATOM   935  C C   . LEU A 1 131 ? -0.965  8.232   -11.601 1.00 54.22 ? 129 LEU A C   1 
ATOM   936  O O   . LEU A 1 131 ? -0.792  9.435   -11.637 1.00 53.54 ? 129 LEU A O   1 
ATOM   937  C CB  . LEU A 1 131 ? 0.833   6.776   -10.704 1.00 53.98 ? 129 LEU A CB  1 
ATOM   938  C CG  . LEU A 1 131 ? 1.778   6.345   -9.567  1.00 55.41 ? 129 LEU A CG  1 
ATOM   939  C CD1 . LEU A 1 131 ? 2.971   5.583   -10.138 1.00 55.46 ? 129 LEU A CD1 1 
ATOM   940  C CD2 . LEU A 1 131 ? 2.260   7.517   -8.794  1.00 53.19 ? 129 LEU A CD2 1 
ATOM   941  N N   . GLY A 1 132 ? -1.539  7.546   -12.593 1.00 54.16 ? 130 GLY A N   1 
ATOM   942  C CA  . GLY A 1 132 ? -2.053  8.233   -13.775 1.00 55.87 ? 130 GLY A CA  1 
ATOM   943  C C   . GLY A 1 132 ? -3.060  9.361   -13.544 1.00 56.87 ? 130 GLY A C   1 
ATOM   944  O O   . GLY A 1 132 ? -2.978  10.425  -14.183 1.00 57.15 ? 130 GLY A O   1 
ATOM   945  N N   . GLU A 1 133 ? -4.022  9.116   -12.651 1.00 57.21 ? 131 GLU A N   1 
ATOM   946  C CA  . GLU A 1 133 ? -5.046  10.093  -12.314 1.00 57.75 ? 131 GLU A CA  1 
ATOM   947  C C   . GLU A 1 133 ? -4.521  11.237  -11.457 1.00 56.08 ? 131 GLU A C   1 
ATOM   948  O O   . GLU A 1 133 ? -4.908  12.385  -11.641 1.00 56.85 ? 131 GLU A O   1 
ATOM   949  C CB  . GLU A 1 133 ? -6.233  9.405   -11.631 1.00 59.21 ? 131 GLU A CB  1 
ATOM   950  C CG  . GLU A 1 133 ? -7.053  8.577   -12.612 1.00 66.42 ? 131 GLU A CG  1 
ATOM   951  C CD  . GLU A 1 133 ? -8.412  8.156   -12.057 1.00 78.20 ? 131 GLU A CD  1 
ATOM   952  O OE1 . GLU A 1 133 ? -8.442  7.664   -10.882 1.00 81.41 ? 131 GLU A OE1 1 
ATOM   953  O OE2 . GLU A 1 133 ? -9.438  8.294   -12.803 1.00 80.64 ? 131 GLU A OE2 1 
ATOM   954  N N   . LEU A 1 134 ? -3.635  10.940  -10.521 1.00 53.73 ? 132 LEU A N   1 
ATOM   955  C CA  . LEU A 1 134 ? -3.015  11.996  -9.743  1.00 52.10 ? 132 LEU A CA  1 
ATOM   956  C C   . LEU A 1 134 ? -2.126  12.896  -10.642 1.00 51.39 ? 132 LEU A C   1 
ATOM   957  O O   . LEU A 1 134 ? -2.039  14.095  -10.415 1.00 49.49 ? 132 LEU A O   1 
ATOM   958  C CB  . LEU A 1 134 ? -2.198  11.436  -8.569  1.00 51.01 ? 132 LEU A CB  1 
ATOM   959  C CG  . LEU A 1 134 ? -2.813  10.563  -7.457  1.00 53.05 ? 132 LEU A CG  1 
ATOM   960  C CD1 . LEU A 1 134 ? -1.743  9.619   -6.860  1.00 49.96 ? 132 LEU A CD1 1 
ATOM   961  C CD2 . LEU A 1 134 ? -3.449  11.397  -6.350  1.00 48.18 ? 132 LEU A CD2 1 
ATOM   962  N N   . LEU A 1 135 ? -1.429  12.314  -11.627 1.00 51.38 ? 133 LEU A N   1 
ATOM   963  C CA  . LEU A 1 135 ? -0.540  13.129  -12.436 1.00 51.26 ? 133 LEU A CA  1 
ATOM   964  C C   . LEU A 1 135 ? -1.382  14.025  -13.353 1.00 51.88 ? 133 LEU A C   1 
ATOM   965  O O   . LEU A 1 135 ? -1.126  15.218  -13.462 1.00 52.50 ? 133 LEU A O   1 
ATOM   966  C CB  . LEU A 1 135 ? 0.447   12.281  -13.229 1.00 51.03 ? 133 LEU A CB  1 
ATOM   967  C CG  . LEU A 1 135 ? 1.326   13.059  -14.242 1.00 50.02 ? 133 LEU A CG  1 
ATOM   968  C CD1 . LEU A 1 135 ? 2.374   13.873  -13.538 1.00 47.65 ? 133 LEU A CD1 1 
ATOM   969  C CD2 . LEU A 1 135 ? 1.969   12.148  -15.241 1.00 46.82 ? 133 LEU A CD2 1 
ATOM   970  N N   . ALA A 1 136 ? -2.411  13.448  -13.965 1.00 52.43 ? 134 ALA A N   1 
ATOM   971  C CA  . ALA A 1 136 ? -3.300  14.155  -14.889 1.00 53.12 ? 134 ALA A CA  1 
ATOM   972  C C   . ALA A 1 136 ? -4.004  15.286  -14.188 1.00 53.68 ? 134 ALA A C   1 
ATOM   973  O O   . ALA A 1 136 ? -4.116  16.388  -14.731 1.00 55.13 ? 134 ALA A O   1 
ATOM   974  C CB  . ALA A 1 136 ? -4.327  13.183  -15.509 1.00 53.16 ? 134 ALA A CB  1 
ATOM   975  N N   . ALA A 1 137 ? -4.464  15.023  -12.968 1.00 53.88 ? 135 ALA A N   1 
ATOM   976  C CA  . ALA A 1 137 ? -5.092  16.031  -12.147 1.00 53.38 ? 135 ALA A CA  1 
ATOM   977  C C   . ALA A 1 137 ? -4.149  17.167  -11.850 1.00 54.48 ? 135 ALA A C   1 
ATOM   978  O O   . ALA A 1 137 ? -4.556  18.330  -11.905 1.00 55.49 ? 135 ALA A O   1 
ATOM   979  C CB  . ALA A 1 137 ? -5.630  15.408  -10.857 1.00 54.07 ? 135 ALA A CB  1 
ATOM   980  N N   . ALA A 1 138 ? -2.894  16.855  -11.530 1.00 54.54 ? 136 ALA A N   1 
ATOM   981  C CA  . ALA A 1 138 ? -1.939  17.889  -11.139 1.00 55.32 ? 136 ALA A CA  1 
ATOM   982  C C   . ALA A 1 138 ? -1.410  18.733  -12.341 1.00 56.27 ? 136 ALA A C   1 
ATOM   983  O O   . ALA A 1 138 ? -1.106  19.931  -12.199 1.00 55.72 ? 136 ALA A O   1 
ATOM   984  C CB  . ALA A 1 138 ? -0.792  17.261  -10.376 1.00 54.94 ? 136 ALA A CB  1 
ATOM   985  N N   . GLN A 1 139 ? -1.252  18.074  -13.491 1.00 57.14 ? 137 GLN A N   1 
ATOM   986  C CA  . GLN A 1 139 ? -0.882  18.725  -14.724 1.00 58.33 ? 137 GLN A CA  1 
ATOM   987  C C   . GLN A 1 139 ? -2.017  19.716  -15.082 1.00 60.63 ? 137 GLN A C   1 
ATOM   988  O O   . GLN A 1 139 ? -1.775  20.902  -15.340 1.00 60.42 ? 137 GLN A O   1 
ATOM   989  C CB  . GLN A 1 139 ? -0.683  17.671  -15.834 1.00 57.48 ? 137 GLN A CB  1 
ATOM   990  C CG  . GLN A 1 139 ? 0.611   16.927  -15.714 1.00 56.63 ? 137 GLN A CG  1 
ATOM   991  C CD  . GLN A 1 139 ? 0.762   15.708  -16.664 1.00 58.12 ? 137 GLN A CD  1 
ATOM   992  O OE1 . GLN A 1 139 ? -0.188  14.935  -16.920 1.00 54.77 ? 137 GLN A OE1 1 
ATOM   993  N NE2 . GLN A 1 139 ? 1.995   15.513  -17.149 1.00 52.10 ? 137 GLN A NE2 1 
ATOM   994  N N   . ARG A 1 140 ? -3.258  19.216  -15.053 1.00 62.90 ? 138 ARG A N   1 
ATOM   995  C CA  . ARG A 1 140 ? -4.480  20.023  -15.232 1.00 64.18 ? 138 ARG A CA  1 
ATOM   996  C C   . ARG A 1 140 ? -4.484  21.231  -14.316 1.00 64.53 ? 138 ARG A C   1 
ATOM   997  O O   . ARG A 1 140 ? -4.749  22.342  -14.778 1.00 65.00 ? 138 ARG A O   1 
ATOM   998  C CB  . ARG A 1 140 ? -5.700  19.177  -14.897 1.00 64.76 ? 138 ARG A CB  1 
ATOM   999  C CG  . ARG A 1 140 ? -6.938  19.410  -15.734 1.00 66.99 ? 138 ARG A CG  1 
ATOM   1000 C CD  . ARG A 1 140 ? -7.486  18.042  -16.207 1.00 70.48 ? 138 ARG A CD  1 
ATOM   1001 N NE  . ARG A 1 140 ? -8.461  17.478  -15.284 1.00 72.80 ? 138 ARG A NE  1 
ATOM   1002 C CZ  . ARG A 1 140 ? -8.532  16.195  -14.916 1.00 76.93 ? 138 ARG A CZ  1 
ATOM   1003 N NH1 . ARG A 1 140 ? -7.676  15.277  -15.377 1.00 75.16 ? 138 ARG A NH1 1 
ATOM   1004 N NH2 . ARG A 1 140 ? -9.484  15.824  -14.057 1.00 79.82 ? 138 ARG A NH2 1 
ATOM   1005 N N   . ALA A 1 141 ? -4.210  21.010  -13.023 1.00 63.91 ? 139 ALA A N   1 
ATOM   1006 C CA  . ALA A 1 141 ? -4.229  22.077  -12.003 1.00 63.30 ? 139 ALA A CA  1 
ATOM   1007 C C   . ALA A 1 141 ? -3.090  23.042  -12.218 1.00 63.54 ? 139 ALA A C   1 
ATOM   1008 O O   . ALA A 1 141 ? -3.004  24.065  -11.543 1.00 63.83 ? 139 ALA A O   1 
ATOM   1009 C CB  . ALA A 1 141 ? -4.108  21.496  -10.610 1.00 62.20 ? 139 ALA A CB  1 
ATOM   1010 N N   . GLY A 1 142 ? -2.174  22.682  -13.115 1.00 63.70 ? 140 GLY A N   1 
ATOM   1011 C CA  . GLY A 1 142 ? -0.977  23.510  -13.386 1.00 62.47 ? 140 GLY A CA  1 
ATOM   1012 C C   . GLY A 1 142 ? 0.127   23.475  -12.346 1.00 61.50 ? 140 GLY A C   1 
ATOM   1013 O O   . GLY A 1 142 ? 0.881   24.416  -12.248 1.00 61.69 ? 140 GLY A O   1 
ATOM   1014 N N   . THR A 1 143 ? 0.269   22.404  -11.570 1.00 61.04 ? 141 THR A N   1 
ATOM   1015 C CA  . THR A 1 143 ? 1.364   22.406  -10.568 1.00 60.00 ? 141 THR A CA  1 
ATOM   1016 C C   . THR A 1 143 ? 2.524   21.541  -11.006 1.00 59.53 ? 141 THR A C   1 
ATOM   1017 O O   . THR A 1 143 ? 3.608   21.628  -10.449 1.00 59.78 ? 141 THR A O   1 
ATOM   1018 C CB  . THR A 1 143 ? 0.923   21.932  -9.184  1.00 59.95 ? 141 THR A CB  1 
ATOM   1019 O OG1 . THR A 1 143 ? 0.365   20.607  -9.292  1.00 61.30 ? 141 THR A OG1 1 
ATOM   1020 C CG2 . THR A 1 143 ? -0.114  22.909  -8.567  1.00 58.63 ? 141 THR A CG2 1 
ATOM   1021 N N   . VAL A 1 144 ? 2.272   20.682  -11.985 1.00 58.65 ? 142 VAL A N   1 
ATOM   1022 C CA  . VAL A 1 144 ? 3.263   19.744  -12.438 1.00 58.32 ? 142 VAL A CA  1 
ATOM   1023 C C   . VAL A 1 144 ? 3.447   20.019  -13.918 1.00 58.75 ? 142 VAL A C   1 
ATOM   1024 O O   . VAL A 1 144 ? 2.504   20.363  -14.593 1.00 58.76 ? 142 VAL A O   1 
ATOM   1025 C CB  . VAL A 1 144 ? 2.836   18.255  -12.142 1.00 58.37 ? 142 VAL A CB  1 
ATOM   1026 C CG1 . VAL A 1 144 ? 3.674   17.210  -12.954 1.00 53.63 ? 142 VAL A CG1 1 
ATOM   1027 C CG2 . VAL A 1 144 ? 2.898   17.974  -10.616 1.00 58.84 ? 142 VAL A CG2 1 
ATOM   1028 N N   . ARG A 1 145 ? 4.679   19.895  -14.385 1.00 60.01 ? 143 ARG A N   1 
ATOM   1029 C CA  . ARG A 1 145 ? 5.050   20.032  -15.792 1.00 61.21 ? 143 ARG A CA  1 
ATOM   1030 C C   . ARG A 1 145 ? 4.306   19.103  -16.765 1.00 61.89 ? 143 ARG A C   1 
ATOM   1031 O O   . ARG A 1 145 ? 4.167   17.910  -16.522 1.00 63.17 ? 143 ARG A O   1 
ATOM   1032 C CB  . ARG A 1 145 ? 6.551   19.809  -15.897 1.00 61.94 ? 143 ARG A CB  1 
ATOM   1033 C CG  . ARG A 1 145 ? 7.057   18.437  -15.407 1.00 63.30 ? 143 ARG A CG  1 
ATOM   1034 C CD  . ARG A 1 145 ? 8.553   18.494  -15.337 1.00 66.98 ? 143 ARG A CD  1 
ATOM   1035 N NE  . ARG A 1 145 ? 9.152   18.808  -16.644 1.00 69.09 ? 143 ARG A NE  1 
ATOM   1036 C CZ  . ARG A 1 145 ? 10.374  19.318  -16.815 1.00 70.03 ? 143 ARG A CZ  1 
ATOM   1037 N NH1 . ARG A 1 145 ? 11.156  19.594  -15.767 1.00 67.55 ? 143 ARG A NH1 1 
ATOM   1038 N NH2 . ARG A 1 145 ? 10.816  19.543  -18.047 1.00 70.49 ? 143 ARG A NH2 1 
ATOM   1039 N N   . ALA A 1 146 ? 3.843   19.645  -17.877 1.00 62.32 ? 144 ALA A N   1 
ATOM   1040 C CA  . ALA A 1 146 ? 3.049   18.868  -18.828 1.00 64.04 ? 144 ALA A CA  1 
ATOM   1041 C C   . ALA A 1 146 ? 3.792   17.746  -19.577 1.00 64.69 ? 144 ALA A C   1 
ATOM   1042 O O   . ALA A 1 146 ? 3.161   16.815  -20.127 1.00 64.74 ? 144 ALA A O   1 
ATOM   1043 C CB  . ALA A 1 146 ? 2.371   19.804  -19.824 1.00 64.13 ? 144 ALA A CB  1 
ATOM   1044 N N   . ASP A 1 147 ? 5.116   17.834  -19.587 1.00 65.20 ? 145 ASP A N   1 
ATOM   1045 C CA  . ASP A 1 147 ? 5.942   16.964  -20.403 1.00 66.91 ? 145 ASP A CA  1 
ATOM   1046 C C   . ASP A 1 147 ? 6.520   15.797  -19.606 1.00 67.05 ? 145 ASP A C   1 
ATOM   1047 O O   . ASP A 1 147 ? 7.706   15.462  -19.728 1.00 68.18 ? 145 ASP A O   1 
ATOM   1048 C CB  . ASP A 1 147 ? 7.065   17.776  -21.045 1.00 67.27 ? 145 ASP A CB  1 
ATOM   1049 C CG  . ASP A 1 147 ? 8.021   18.349  -20.033 1.00 69.90 ? 145 ASP A CG  1 
ATOM   1050 O OD1 . ASP A 1 147 ? 7.570   18.948  -19.029 1.00 74.04 ? 145 ASP A OD1 1 
ATOM   1051 O OD2 . ASP A 1 147 ? 9.239   18.214  -20.252 1.00 72.01 ? 145 ASP A OD2 1 
ATOM   1052 N N   . VAL A 1 148 ? 5.670   15.202  -18.782 1.00 66.78 ? 146 VAL A N   1 
ATOM   1053 C CA  . VAL A 1 148 ? 6.015   14.078  -17.947 1.00 66.35 ? 146 VAL A CA  1 
ATOM   1054 C C   . VAL A 1 148 ? 4.884   13.040  -18.071 1.00 66.86 ? 146 VAL A C   1 
ATOM   1055 O O   . VAL A 1 148 ? 3.694   13.395  -18.126 1.00 67.12 ? 146 VAL A O   1 
ATOM   1056 C CB  . VAL A 1 148 ? 6.283   14.541  -16.468 1.00 66.50 ? 146 VAL A CB  1 
ATOM   1057 C CG1 . VAL A 1 148 ? 5.850   13.503  -15.456 1.00 65.36 ? 146 VAL A CG1 1 
ATOM   1058 C CG2 . VAL A 1 148 ? 7.744   14.849  -16.279 1.00 65.03 ? 146 VAL A CG2 1 
ATOM   1059 N N   . ASP A 1 149 ? 5.242   11.765  -18.169 1.00 66.40 ? 147 ASP A N   1 
ATOM   1060 C CA  . ASP A 1 149 ? 4.217   10.726  -18.184 1.00 66.62 ? 147 ASP A CA  1 
ATOM   1061 C C   . ASP A 1 149 ? 4.278   9.858   -16.916 1.00 66.01 ? 147 ASP A C   1 
ATOM   1062 O O   . ASP A 1 149 ? 5.148   10.051  -16.062 1.00 65.86 ? 147 ASP A O   1 
ATOM   1063 C CB  . ASP A 1 149 ? 4.196   9.939   -19.521 1.00 67.15 ? 147 ASP A CB  1 
ATOM   1064 C CG  . ASP A 1 149 ? 5.505   9.176   -19.828 1.00 69.99 ? 147 ASP A CG  1 
ATOM   1065 O OD1 . ASP A 1 149 ? 6.476   9.215   -19.035 1.00 74.88 ? 147 ASP A OD1 1 
ATOM   1066 O OD2 . ASP A 1 149 ? 5.561   8.501   -20.894 1.00 73.86 ? 147 ASP A OD2 1 
ATOM   1067 N N   . VAL A 1 150 ? 3.344   8.929   -16.773 1.00 65.68 ? 148 VAL A N   1 
ATOM   1068 C CA  . VAL A 1 150 ? 3.211   8.221   -15.521 1.00 65.59 ? 148 VAL A CA  1 
ATOM   1069 C C   . VAL A 1 150 ? 4.376   7.264   -15.388 1.00 65.39 ? 148 VAL A C   1 
ATOM   1070 O O   . VAL A 1 150 ? 4.768   6.893   -14.284 1.00 66.10 ? 148 VAL A O   1 
ATOM   1071 C CB  . VAL A 1 150 ? 1.831   7.530   -15.400 1.00 65.81 ? 148 VAL A CB  1 
ATOM   1072 C CG1 . VAL A 1 150 ? 1.413   6.921   -16.719 1.00 67.16 ? 148 VAL A CG1 1 
ATOM   1073 C CG2 . VAL A 1 150 ? 1.817   6.475   -14.270 1.00 67.19 ? 148 VAL A CG2 1 
ATOM   1074 N N   . ALA A 1 151 ? 4.958   6.902   -16.523 1.00 64.63 ? 149 ALA A N   1 
ATOM   1075 C CA  . ALA A 1 151 ? 6.119   6.028   -16.545 1.00 63.95 ? 149 ALA A CA  1 
ATOM   1076 C C   . ALA A 1 151 ? 7.355   6.716   -15.938 1.00 63.24 ? 149 ALA A C   1 
ATOM   1077 O O   . ALA A 1 151 ? 8.249   6.034   -15.400 1.00 63.77 ? 149 ALA A O   1 
ATOM   1078 C CB  . ALA A 1 151 ? 6.400   5.563   -17.991 1.00 64.42 ? 149 ALA A CB  1 
ATOM   1079 N N   . VAL A 1 152 ? 7.392   8.047   -16.039 1.00 61.46 ? 150 VAL A N   1 
ATOM   1080 C CA  . VAL A 1 152 ? 8.428   8.868   -15.435 1.00 61.28 ? 150 VAL A CA  1 
ATOM   1081 C C   . VAL A 1 152 ? 8.167   9.052   -13.922 1.00 60.73 ? 150 VAL A C   1 
ATOM   1082 O O   . VAL A 1 152 ? 9.105   9.034   -13.117 1.00 59.41 ? 150 VAL A O   1 
ATOM   1083 C CB  . VAL A 1 152 ? 8.548   10.276  -16.143 1.00 62.26 ? 150 VAL A CB  1 
ATOM   1084 C CG1 . VAL A 1 152 ? 9.687   11.128  -15.531 1.00 62.04 ? 150 VAL A CG1 1 
ATOM   1085 C CG2 . VAL A 1 152 ? 8.771   10.117  -17.660 1.00 62.09 ? 150 VAL A CG2 1 
ATOM   1086 N N   . ILE A 1 153 ? 6.900   9.237   -13.551 1.00 60.16 ? 151 ILE A N   1 
ATOM   1087 C CA  . ILE A 1 153 ? 6.522   9.245   -12.139 1.00 61.23 ? 151 ILE A CA  1 
ATOM   1088 C C   . ILE A 1 153 ? 6.838   7.888   -11.503 1.00 61.20 ? 151 ILE A C   1 
ATOM   1089 O O   . ILE A 1 153 ? 7.444   7.816   -10.456 1.00 60.79 ? 151 ILE A O   1 
ATOM   1090 C CB  . ILE A 1 153 ? 4.997   9.529   -11.925 1.00 61.28 ? 151 ILE A CB  1 
ATOM   1091 C CG1 . ILE A 1 153 ? 4.570   10.865  -12.537 1.00 60.99 ? 151 ILE A CG1 1 
ATOM   1092 C CG2 . ILE A 1 153 ? 4.654   9.457   -10.454 1.00 60.47 ? 151 ILE A CG2 1 
ATOM   1093 C CD1 . ILE A 1 153 ? 5.417   12.053  -12.131 1.00 59.17 ? 151 ILE A CD1 1 
ATOM   1094 N N   . LYS A 1 154 ? 6.396   6.820   -12.147 1.00 62.66 ? 152 LYS A N   1 
ATOM   1095 C CA  . LYS A 1 154 ? 6.726   5.444   -11.760 1.00 64.98 ? 152 LYS A CA  1 
ATOM   1096 C C   . LYS A 1 154 ? 8.258   5.294   -11.546 1.00 65.33 ? 152 LYS A C   1 
ATOM   1097 O O   . LYS A 1 154 ? 8.697   4.827   -10.489 1.00 64.66 ? 152 LYS A O   1 
ATOM   1098 C CB  . LYS A 1 154 ? 6.157   4.482   -12.833 1.00 65.48 ? 152 LYS A CB  1 
ATOM   1099 C CG  . LYS A 1 154 ? 6.171   2.958   -12.557 1.00 66.78 ? 152 LYS A CG  1 
ATOM   1100 C CD  . LYS A 1 154 ? 6.154   2.236   -13.935 1.00 67.35 ? 152 LYS A CD  1 
ATOM   1101 C CE  . LYS A 1 154 ? 5.246   0.959   -14.028 1.00 70.25 ? 152 LYS A CE  1 
ATOM   1102 N NZ  . LYS A 1 154 ? 5.032   0.473   -15.474 1.00 66.97 ? 152 LYS A NZ  1 
ATOM   1103 N N   . ALA A 1 155 ? 9.064   5.752   -12.514 1.00 65.61 ? 153 ALA A N   1 
ATOM   1104 C CA  . ALA A 1 155 ? 10.531  5.714   -12.370 1.00 66.52 ? 153 ALA A CA  1 
ATOM   1105 C C   . ALA A 1 155 ? 11.098  6.555   -11.213 1.00 66.51 ? 153 ALA A C   1 
ATOM   1106 O O   . ALA A 1 155 ? 12.012  6.131   -10.512 1.00 67.12 ? 153 ALA A O   1 
ATOM   1107 C CB  . ALA A 1 155 ? 11.195  6.121   -13.669 1.00 66.82 ? 153 ALA A CB  1 
ATOM   1108 N N   . LEU A 1 156 ? 10.580  7.759   -11.034 1.00 66.59 ? 154 LEU A N   1 
ATOM   1109 C CA  . LEU A 1 156 ? 10.977  8.586   -9.928  1.00 66.78 ? 154 LEU A CA  1 
ATOM   1110 C C   . LEU A 1 156 ? 10.659  7.947   -8.555  1.00 67.96 ? 154 LEU A C   1 
ATOM   1111 O O   . LEU A 1 156 ? 11.474  8.053   -7.646  1.00 68.59 ? 154 LEU A O   1 
ATOM   1112 C CB  . LEU A 1 156 ? 10.375  9.981   -10.067 1.00 66.25 ? 154 LEU A CB  1 
ATOM   1113 C CG  . LEU A 1 156 ? 10.954  10.857  -11.181 1.00 67.50 ? 154 LEU A CG  1 
ATOM   1114 C CD1 . LEU A 1 156 ? 10.125  12.157  -11.424 1.00 65.98 ? 154 LEU A CD1 1 
ATOM   1115 C CD2 . LEU A 1 156 ? 12.480  11.149  -10.987 1.00 63.98 ? 154 LEU A CD2 1 
ATOM   1116 N N   . LEU A 1 157 ? 9.522   7.264   -8.388  1.00 68.91 ? 155 LEU A N   1 
ATOM   1117 C CA  . LEU A 1 157 ? 9.263   6.550   -7.105  1.00 69.86 ? 155 LEU A CA  1 
ATOM   1118 C C   . LEU A 1 157 ? 10.331  5.540   -6.726  1.00 70.59 ? 155 LEU A C   1 
ATOM   1119 O O   . LEU A 1 157 ? 10.638  5.398   -5.536  1.00 71.81 ? 155 LEU A O   1 
ATOM   1120 C CB  . LEU A 1 157 ? 7.899   5.862   -7.055  1.00 69.45 ? 155 LEU A CB  1 
ATOM   1121 C CG  . LEU A 1 157 ? 6.741   6.799   -6.721  1.00 69.60 ? 155 LEU A CG  1 
ATOM   1122 C CD1 . LEU A 1 157 ? 5.430   6.107   -6.970  1.00 67.93 ? 155 LEU A CD1 1 
ATOM   1123 C CD2 . LEU A 1 157 ? 6.834   7.346   -5.270  1.00 69.00 ? 155 LEU A CD2 1 
ATOM   1124 N N   . VAL A 1 170 ? 19.140  14.041  3.676   1.00 69.96 ? 168 VAL A N   1 
ATOM   1125 C CA  . VAL A 1 170 ? 19.603  13.725  2.315   1.00 69.76 ? 168 VAL A CA  1 
ATOM   1126 C C   . VAL A 1 170 ? 18.513  13.085  1.461   1.00 69.58 ? 168 VAL A C   1 
ATOM   1127 O O   . VAL A 1 170 ? 18.248  13.560  0.376   1.00 69.10 ? 168 VAL A O   1 
ATOM   1128 C CB  . VAL A 1 170 ? 20.965  12.947  2.278   1.00 69.86 ? 168 VAL A CB  1 
ATOM   1129 C CG1 . VAL A 1 170 ? 21.200  12.260  0.919   1.00 70.35 ? 168 VAL A CG1 1 
ATOM   1130 C CG2 . VAL A 1 170 ? 22.137  13.876  2.578   1.00 68.84 ? 168 VAL A CG2 1 
ATOM   1131 N N   . SER A 1 171 ? 17.860  12.032  1.938   1.00 70.29 ? 169 SER A N   1 
ATOM   1132 C CA  . SER A 1 171 ? 16.624  11.573  1.259   1.00 71.16 ? 169 SER A CA  1 
ATOM   1133 C C   . SER A 1 171 ? 15.623  12.720  1.036   1.00 71.48 ? 169 SER A C   1 
ATOM   1134 O O   . SER A 1 171 ? 15.035  12.819  -0.040  1.00 72.02 ? 169 SER A O   1 
ATOM   1135 C CB  . SER A 1 171 ? 15.910  10.422  2.001   1.00 71.14 ? 169 SER A CB  1 
ATOM   1136 O OG  . SER A 1 171 ? 16.803  9.555   2.690   1.00 72.48 ? 169 SER A OG  1 
ATOM   1137 N N   . GLU A 1 172 ? 15.433  13.576  2.045   1.00 71.79 ? 170 GLU A N   1 
ATOM   1138 C CA  . GLU A 1 172 ? 14.453  14.667  1.959   1.00 73.03 ? 170 GLU A CA  1 
ATOM   1139 C C   . GLU A 1 172 ? 14.913  15.741  1.018   1.00 71.33 ? 170 GLU A C   1 
ATOM   1140 O O   . GLU A 1 172 ? 14.095  16.385  0.356   1.00 71.46 ? 170 GLU A O   1 
ATOM   1141 C CB  . GLU A 1 172 ? 14.077  15.274  3.344   1.00 73.06 ? 170 GLU A CB  1 
ATOM   1142 C CG  . GLU A 1 172 ? 13.178  14.314  4.204   1.00 76.24 ? 170 GLU A CG  1 
ATOM   1143 C CD  . GLU A 1 172 ? 12.197  15.021  5.191   1.00 76.82 ? 170 GLU A CD  1 
ATOM   1144 O OE1 . GLU A 1 172 ? 12.533  16.106  5.765   1.00 78.61 ? 170 GLU A OE1 1 
ATOM   1145 O OE2 . GLU A 1 172 ? 11.092  14.446  5.418   1.00 80.34 ? 170 GLU A OE2 1 
ATOM   1146 N N   . ARG A 1 173 ? 16.220  15.940  0.976   1.00 70.52 ? 171 ARG A N   1 
ATOM   1147 C CA  . ARG A 1 173 ? 16.837  16.827  -0.002  1.00 70.26 ? 171 ARG A CA  1 
ATOM   1148 C C   . ARG A 1 173 ? 16.668  16.243  -1.421  1.00 67.76 ? 171 ARG A C   1 
ATOM   1149 O O   . ARG A 1 173 ? 16.209  16.928  -2.326  1.00 67.27 ? 171 ARG A O   1 
ATOM   1150 C CB  . ARG A 1 173 ? 18.288  17.139  0.389   1.00 70.71 ? 171 ARG A CB  1 
ATOM   1151 C CG  . ARG A 1 173 ? 18.422  18.197  1.526   1.00 72.46 ? 171 ARG A CG  1 
ATOM   1152 C CD  . ARG A 1 173 ? 19.740  18.118  2.456   1.00 73.76 ? 171 ARG A CD  1 
ATOM   1153 N NE  . ARG A 1 173 ? 19.557  18.898  3.711   1.00 79.05 ? 171 ARG A NE  1 
ATOM   1154 C CZ  . ARG A 1 173 ? 20.350  18.898  4.802   1.00 82.03 ? 171 ARG A CZ  1 
ATOM   1155 N NH1 . ARG A 1 173 ? 21.466  18.153  4.869   1.00 82.42 ? 171 ARG A NH1 1 
ATOM   1156 N NH2 . ARG A 1 173 ? 20.016  19.664  5.852   1.00 80.12 ? 171 ARG A NH2 1 
ATOM   1157 N N   . VAL A 1 174 ? 16.933  14.957  -1.584  1.00 66.51 ? 172 VAL A N   1 
ATOM   1158 C CA  . VAL A 1 174 ? 16.742  14.281  -2.885  1.00 65.80 ? 172 VAL A CA  1 
ATOM   1159 C C   . VAL A 1 174 ? 15.293  14.343  -3.384  1.00 65.81 ? 172 VAL A C   1 
ATOM   1160 O O   . VAL A 1 174 ? 15.041  14.518  -4.553  1.00 66.18 ? 172 VAL A O   1 
ATOM   1161 C CB  . VAL A 1 174 ? 17.235  12.819  -2.822  1.00 65.24 ? 172 VAL A CB  1 
ATOM   1162 C CG1 . VAL A 1 174 ? 16.782  12.022  -4.045  1.00 64.71 ? 172 VAL A CG1 1 
ATOM   1163 C CG2 . VAL A 1 174 ? 18.749  12.782  -2.656  1.00 63.95 ? 172 VAL A CG2 1 
ATOM   1164 N N   . VAL A 1 175 ? 14.341  14.201  -2.466  1.00 66.33 ? 173 VAL A N   1 
ATOM   1165 C CA  . VAL A 1 175 ? 12.915  14.303  -2.765  1.00 65.83 ? 173 VAL A CA  1 
ATOM   1166 C C   . VAL A 1 175 ? 12.461  15.718  -3.142  1.00 65.07 ? 173 VAL A C   1 
ATOM   1167 O O   . VAL A 1 175 ? 11.596  15.858  -3.995  1.00 65.15 ? 173 VAL A O   1 
ATOM   1168 C CB  . VAL A 1 175 ? 12.074  13.764  -1.592  1.00 66.63 ? 173 VAL A CB  1 
ATOM   1169 C CG1 . VAL A 1 175 ? 10.618  14.244  -1.680  1.00 66.20 ? 173 VAL A CG1 1 
ATOM   1170 C CG2 . VAL A 1 175 ? 12.153  12.243  -1.590  1.00 66.98 ? 173 VAL A CG2 1 
ATOM   1171 N N   . ARG A 1 176 ? 13.039  16.745  -2.516  1.00 63.88 ? 174 ARG A N   1 
ATOM   1172 C CA  . ARG A 1 176 ? 12.719  18.147  -2.848  1.00 63.56 ? 174 ARG A CA  1 
ATOM   1173 C C   . ARG A 1 176 ? 13.178  18.564  -4.244  1.00 61.06 ? 174 ARG A C   1 
ATOM   1174 O O   . ARG A 1 176 ? 12.439  19.262  -4.927  1.00 60.52 ? 174 ARG A O   1 
ATOM   1175 C CB  . ARG A 1 176 ? 13.339  19.148  -1.851  1.00 63.27 ? 174 ARG A CB  1 
ATOM   1176 C CG  . ARG A 1 176 ? 12.925  19.089  -0.413  1.00 66.49 ? 174 ARG A CG  1 
ATOM   1177 C CD  . ARG A 1 176 ? 13.922  19.950  0.414   1.00 67.86 ? 174 ARG A CD  1 
ATOM   1178 N NE  . ARG A 1 176 ? 13.449  20.283  1.757   1.00 78.55 ? 174 ARG A NE  1 
ATOM   1179 C CZ  . ARG A 1 176 ? 14.194  20.889  2.691   1.00 83.34 ? 174 ARG A CZ  1 
ATOM   1180 N NH1 . ARG A 1 176 ? 15.460  21.225  2.436   1.00 84.31 ? 174 ARG A NH1 1 
ATOM   1181 N NH2 . ARG A 1 176 ? 13.671  21.168  3.887   1.00 84.51 ? 174 ARG A NH2 1 
ATOM   1182 N N   . VAL A 1 177 ? 14.410  18.197  -4.645  1.00 59.99 ? 175 VAL A N   1 
ATOM   1183 C CA  . VAL A 1 177 ? 14.894  18.433  -6.054  1.00 57.39 ? 175 VAL A CA  1 
ATOM   1184 C C   . VAL A 1 177 ? 13.922  17.873  -7.089  1.00 56.97 ? 175 VAL A C   1 
ATOM   1185 O O   . VAL A 1 177 ? 13.455  18.562  -7.987  1.00 55.48 ? 175 VAL A O   1 
ATOM   1186 C CB  . VAL A 1 177 ? 16.345  17.861  -6.298  1.00 57.98 ? 175 VAL A CB  1 
ATOM   1187 C CG1 . VAL A 1 177 ? 16.783  17.920  -7.828  1.00 54.38 ? 175 VAL A CG1 1 
ATOM   1188 C CG2 . VAL A 1 177 ? 17.368  18.553  -5.397  1.00 55.48 ? 175 VAL A CG2 1 
ATOM   1189 N N   . ILE A 1 178 ? 13.595  16.605  -6.911  1.00 58.75 ? 176 ILE A N   1 
ATOM   1190 C CA  . ILE A 1 178 ? 12.563  15.914  -7.693  1.00 60.10 ? 176 ILE A CA  1 
ATOM   1191 C C   . ILE A 1 178 ? 11.219  16.640  -7.762  1.00 60.81 ? 176 ILE A C   1 
ATOM   1192 O O   . ILE A 1 178 ? 10.690  16.829  -8.862  1.00 60.85 ? 176 ILE A O   1 
ATOM   1193 C CB  . ILE A 1 178 ? 12.342  14.489  -7.151  1.00 60.77 ? 176 ILE A CB  1 
ATOM   1194 C CG1 . ILE A 1 178 ? 13.668  13.726  -7.149  1.00 62.19 ? 176 ILE A CG1 1 
ATOM   1195 C CG2 . ILE A 1 178 ? 11.298  13.759  -7.970  1.00 60.00 ? 176 ILE A CG2 1 
ATOM   1196 C CD1 . ILE A 1 178 ? 13.526  12.203  -7.166  1.00 64.04 ? 176 ILE A CD1 1 
ATOM   1197 N N   . GLU A 1 179 ? 10.661  17.025  -6.605  1.00 61.48 ? 177 GLU A N   1 
ATOM   1198 C CA  . GLU A 1 179 ? 9.441   17.847  -6.568  1.00 63.24 ? 177 GLU A CA  1 
ATOM   1199 C C   . GLU A 1 179 ? 9.624   19.203  -7.233  1.00 62.58 ? 177 GLU A C   1 
ATOM   1200 O O   . GLU A 1 179 ? 8.768   19.649  -7.986  1.00 62.93 ? 177 GLU A O   1 
ATOM   1201 C CB  . GLU A 1 179 ? 8.921   18.121  -5.150  1.00 63.00 ? 177 GLU A CB  1 
ATOM   1202 C CG  . GLU A 1 179 ? 8.644   16.916  -4.250  1.00 65.72 ? 177 GLU A CG  1 
ATOM   1203 C CD  . GLU A 1 179 ? 7.894   17.336  -2.964  1.00 66.21 ? 177 GLU A CD  1 
ATOM   1204 O OE1 . GLU A 1 179 ? 8.563   17.594  -1.929  1.00 72.14 ? 177 GLU A OE1 1 
ATOM   1205 O OE2 . GLU A 1 179 ? 6.660   17.481  -3.020  1.00 69.54 ? 177 GLU A OE2 1 
ATOM   1206 N N   . ASP A 1 180 ? 10.715  19.875  -6.931  1.00 62.87 ? 178 ASP A N   1 
ATOM   1207 C CA  . ASP A 1 180 ? 10.983  21.163  -7.544  1.00 63.68 ? 178 ASP A CA  1 
ATOM   1208 C C   . ASP A 1 180 ? 11.218  21.044  -9.055  1.00 63.46 ? 178 ASP A C   1 
ATOM   1209 O O   . ASP A 1 180 ? 10.863  21.940  -9.810  1.00 63.27 ? 178 ASP A O   1 
ATOM   1210 C CB  . ASP A 1 180 ? 12.170  21.853  -6.846  1.00 64.91 ? 178 ASP A CB  1 
ATOM   1211 C CG  . ASP A 1 180 ? 11.738  22.702  -5.641  1.00 67.61 ? 178 ASP A CG  1 
ATOM   1212 O OD1 . ASP A 1 180 ? 10.605  23.256  -5.667  1.00 71.12 ? 178 ASP A OD1 1 
ATOM   1213 O OD2 . ASP A 1 180 ? 12.528  22.821  -4.672  1.00 68.79 ? 178 ASP A OD2 1 
ATOM   1214 N N   . GLY A 1 181 ? 11.794  19.923  -9.490  1.00 63.97 ? 179 GLY A N   1 
ATOM   1215 C CA  . GLY A 1 181 ? 12.010  19.674  -10.913 1.00 63.73 ? 179 GLY A CA  1 
ATOM   1216 C C   . GLY A 1 181 ? 10.735  19.217  -11.563 1.00 64.21 ? 179 GLY A C   1 
ATOM   1217 O O   . GLY A 1 181 ? 10.666  19.110  -12.788 1.00 65.06 ? 179 GLY A O   1 
ATOM   1218 N N   . LEU A 1 182 ? 9.721   18.931  -10.744 1.00 64.08 ? 180 LEU A N   1 
ATOM   1219 C CA  . LEU A 1 182 ? 8.445   18.418  -11.226 1.00 64.13 ? 180 LEU A CA  1 
ATOM   1220 C C   . LEU A 1 182 ? 7.454   19.542  -11.401 1.00 64.46 ? 180 LEU A C   1 
ATOM   1221 O O   . LEU A 1 182 ? 6.558   19.465  -12.249 1.00 63.96 ? 180 LEU A O   1 
ATOM   1222 C CB  . LEU A 1 182 ? 7.878   17.377  -10.254 1.00 64.15 ? 180 LEU A CB  1 
ATOM   1223 C CG  . LEU A 1 182 ? 7.944   15.929  -10.670 1.00 64.27 ? 180 LEU A CG  1 
ATOM   1224 C CD1 . LEU A 1 182 ? 7.848   14.998  -9.485  1.00 63.53 ? 180 LEU A CD1 1 
ATOM   1225 C CD2 . LEU A 1 182 ? 6.858   15.634  -11.700 1.00 65.89 ? 180 LEU A CD2 1 
ATOM   1226 N N   . ARG A 1 183 ? 7.616   20.581  -10.588 1.00 65.87 ? 181 ARG A N   1 
ATOM   1227 C CA  . ARG A 1 183 ? 6.783   21.793  -10.659 1.00 67.69 ? 181 ARG A CA  1 
ATOM   1228 C C   . ARG A 1 183 ? 6.982   22.598  -11.945 1.00 69.08 ? 181 ARG A C   1 
ATOM   1229 O O   . ARG A 1 183 ? 7.930   22.377  -12.707 1.00 70.50 ? 181 ARG A O   1 
ATOM   1230 C CB  . ARG A 1 183 ? 7.018   22.666  -9.438  1.00 67.58 ? 181 ARG A CB  1 
ATOM   1231 C CG  . ARG A 1 183 ? 6.750   21.926  -8.143  1.00 68.23 ? 181 ARG A CG  1 
ATOM   1232 C CD  . ARG A 1 183 ? 6.517   22.845  -6.932  1.00 69.63 ? 181 ARG A CD  1 
ATOM   1233 N NE  . ARG A 1 183 ? 6.086   22.022  -5.797  1.00 68.83 ? 181 ARG A NE  1 
ATOM   1234 C CZ  . ARG A 1 183 ? 4.831   21.893  -5.363  1.00 67.81 ? 181 ARG A CZ  1 
ATOM   1235 N NH1 . ARG A 1 183 ? 3.820   22.579  -5.899  1.00 62.49 ? 181 ARG A NH1 1 
ATOM   1236 N NH2 . ARG A 1 183 ? 4.602   21.083  -4.342  1.00 69.01 ? 181 ARG A NH2 1 
ATOM   1237 N N   . VAL A 1 184 ? 6.097   23.549  -12.196 1.00 70.12 ? 182 VAL A N   1 
ATOM   1238 C CA  . VAL A 1 184 ? 5.977   24.124  -13.547 1.00 70.67 ? 182 VAL A CA  1 
ATOM   1239 C C   . VAL A 1 184 ? 6.864   25.374  -13.774 1.00 71.48 ? 182 VAL A C   1 
ATOM   1240 O O   . VAL A 1 184 ? 8.084   25.272  -14.019 1.00 71.96 ? 182 VAL A O   1 
ATOM   1241 C CB  . VAL A 1 184 ? 4.477   24.361  -13.890 1.00 69.93 ? 182 VAL A CB  1 
ATOM   1242 C CG1 . VAL A 1 184 ? 3.814   25.172  -12.779 1.00 72.05 ? 182 VAL A CG1 1 
ATOM   1243 C CG2 . VAL A 1 184 ? 4.320   25.023  -15.180 1.00 70.13 ? 182 VAL A CG2 1 
HETATM 1244 O O   . HOH B 2 .   ? 4.568   -14.008 10.763  1.00 42.52 ? 195 HOH A O   1 
HETATM 1245 O O   . HOH B 2 .   ? -7.000  18.918  -12.133 1.00 54.21 ? 196 HOH A O   1 
HETATM 1246 O O   . HOH B 2 .   ? -6.843  21.860  1.091   1.00 57.36 ? 197 HOH A O   1 
HETATM 1247 O O   . HOH B 2 .   ? 10.627  -13.205 11.158  1.00 58.56 ? 198 HOH A O   1 
HETATM 1248 O O   . HOH B 2 .   ? 0.919   8.834   -18.864 1.00 58.17 ? 199 HOH A O   1 
# 
